data_3GGK
# 
_entry.id   3GGK 
# 
_audit_conform.dict_name       mmcif_pdbx.dic 
_audit_conform.dict_version    5.378 
_audit_conform.dict_location   http://mmcif.pdb.org/dictionaries/ascii/mmcif_pdbx.dic 
# 
loop_
_database_2.database_id 
_database_2.database_code 
_database_2.pdbx_database_accession 
_database_2.pdbx_DOI 
PDB   3GGK         pdb_00003ggk 10.2210/pdb3ggk/pdb 
NDB   BD0115       ?            ?                   
RCSB  RCSB051832   ?            ?                   
WWPDB D_1000051832 ?            ?                   
# 
loop_
_pdbx_database_related.db_name 
_pdbx_database_related.db_id 
_pdbx_database_related.details 
_pdbx_database_related.content_type 
PDB 3GGB 'Na form of d(CCAGGCCTGG)2' unspecified 
PDB 3GGI 'Tl form of d(CCAGGCCTGG)2' unspecified 
# 
_pdbx_database_status.status_code                     REL 
_pdbx_database_status.entry_id                        3GGK 
_pdbx_database_status.recvd_initial_deposition_date   2009-02-28 
_pdbx_database_status.deposit_site                    RCSB 
_pdbx_database_status.process_site                    RCSB 
_pdbx_database_status.status_code_sf                  REL 
_pdbx_database_status.status_code_mr                  ? 
_pdbx_database_status.SG_entry                        ? 
_pdbx_database_status.pdb_format_compatible           Y 
_pdbx_database_status.status_code_cs                  ? 
_pdbx_database_status.methods_development_category    ? 
_pdbx_database_status.status_code_nmr_data            ? 
# 
loop_
_audit_author.name 
_audit_author.pdbx_ordinal 
'Maehigashi, T.' 1 
'Moulaei, T.'    2 
'Watkins, D.'    3 
'Komeda, S.'     4 
'Williams, L.D.' 5 
# 
_citation.id                        primary 
_citation.title                     'Locating monovalent cations in one turn of G/C rich B-DNA' 
_citation.journal_abbrev            'To be Published' 
_citation.journal_volume            ? 
_citation.page_first                ? 
_citation.page_last                 ? 
_citation.year                      ? 
_citation.journal_id_ASTM           ? 
_citation.country                   ? 
_citation.journal_id_ISSN           ? 
_citation.journal_id_CSD            0353 
_citation.book_publisher            ? 
_citation.pdbx_database_id_PubMed   ? 
_citation.pdbx_database_id_DOI      ? 
# 
loop_
_citation_author.citation_id 
_citation_author.name 
_citation_author.ordinal 
_citation_author.identifier_ORCID 
primary 'Maehigashi, T.' 1 ? 
primary 'Moulaei, T.'    2 ? 
primary 'Watkins, D.'    3 ? 
primary 'Komeda, S.'     4 ? 
primary 'Williams, L.D.' 5 ? 
# 
_cell.entry_id           3GGK 
_cell.length_a           32.135 
_cell.length_b           25.156 
_cell.length_c           34.113 
_cell.angle_alpha        90.00 
_cell.angle_beta         116.24 
_cell.angle_gamma        90.00 
_cell.Z_PDB              4 
_cell.pdbx_unique_axis   ? 
_cell.length_a_esd       ? 
_cell.length_b_esd       ? 
_cell.length_c_esd       ? 
_cell.angle_alpha_esd    ? 
_cell.angle_beta_esd     ? 
_cell.angle_gamma_esd    ? 
# 
_symmetry.entry_id                         3GGK 
_symmetry.space_group_name_H-M             'C 1 2 1' 
_symmetry.pdbx_full_space_group_name_H-M   ? 
_symmetry.cell_setting                     ? 
_symmetry.Int_Tables_number                5 
_symmetry.space_group_name_Hall            ? 
# 
loop_
_entity.id 
_entity.type 
_entity.src_method 
_entity.pdbx_description 
_entity.formula_weight 
_entity.pdbx_number_of_molecules 
_entity.pdbx_ec 
_entity.pdbx_mutation 
_entity.pdbx_fragment 
_entity.details 
1 polymer     syn 
;5'-D(*CP*CP*AP*GP*GP*CP*CP*TP*GP*G) -3'
;
3045.992 1   ? ? ? ? 
2 non-polymer syn 'MAGNESIUM ION'                           24.305   5   ? ? ? ? 
3 non-polymer syn 'RUBIDIUM ION'                            85.468   2   ? ? ? ? 
4 water       nat water                                     18.015   121 ? ? ? ? 
# 
_entity_poly.entity_id                      1 
_entity_poly.type                           polydeoxyribonucleotide 
_entity_poly.nstd_linkage                   no 
_entity_poly.nstd_monomer                   no 
_entity_poly.pdbx_seq_one_letter_code       '(DC)(DC)(DA)(DG)(DG)(DC)(DC)(DT)(DG)(DG)' 
_entity_poly.pdbx_seq_one_letter_code_can   CCAGGCCTGG 
_entity_poly.pdbx_strand_id                 A 
_entity_poly.pdbx_target_identifier         ? 
# 
loop_
_entity_poly_seq.entity_id 
_entity_poly_seq.num 
_entity_poly_seq.mon_id 
_entity_poly_seq.hetero 
1 1  DC n 
1 2  DC n 
1 3  DA n 
1 4  DG n 
1 5  DG n 
1 6  DC n 
1 7  DC n 
1 8  DT n 
1 9  DG n 
1 10 DG n 
# 
_pdbx_entity_src_syn.entity_id              1 
_pdbx_entity_src_syn.pdbx_src_id            1 
_pdbx_entity_src_syn.pdbx_alt_source_flag   sample 
_pdbx_entity_src_syn.pdbx_beg_seq_num       ? 
_pdbx_entity_src_syn.pdbx_end_seq_num       ? 
_pdbx_entity_src_syn.organism_scientific    ? 
_pdbx_entity_src_syn.organism_common_name   ? 
_pdbx_entity_src_syn.ncbi_taxonomy_id       ? 
_pdbx_entity_src_syn.details                'Synthetic construct' 
# 
_struct_ref.id                         1 
_struct_ref.db_name                    PDB 
_struct_ref.db_code                    3GGK 
_struct_ref.pdbx_db_accession          3GGK 
_struct_ref.entity_id                  1 
_struct_ref.pdbx_align_begin           1 
_struct_ref.pdbx_seq_one_letter_code   CCAGGCCTGG 
_struct_ref.pdbx_db_isoform            ? 
# 
_struct_ref_seq.align_id                      1 
_struct_ref_seq.ref_id                        1 
_struct_ref_seq.pdbx_PDB_id_code              3GGK 
_struct_ref_seq.pdbx_strand_id                A 
_struct_ref_seq.seq_align_beg                 1 
_struct_ref_seq.pdbx_seq_align_beg_ins_code   ? 
_struct_ref_seq.seq_align_end                 10 
_struct_ref_seq.pdbx_seq_align_end_ins_code   ? 
_struct_ref_seq.pdbx_db_accession             3GGK 
_struct_ref_seq.db_align_beg                  1 
_struct_ref_seq.pdbx_db_align_beg_ins_code    ? 
_struct_ref_seq.db_align_end                  10 
_struct_ref_seq.pdbx_db_align_end_ins_code    ? 
_struct_ref_seq.pdbx_auth_seq_align_beg       1 
_struct_ref_seq.pdbx_auth_seq_align_end       10 
# 
loop_
_chem_comp.id 
_chem_comp.type 
_chem_comp.mon_nstd_flag 
_chem_comp.name 
_chem_comp.pdbx_synonyms 
_chem_comp.formula 
_chem_comp.formula_weight 
DA  'DNA linking' y "2'-DEOXYADENOSINE-5'-MONOPHOSPHATE" ? 'C10 H14 N5 O6 P' 331.222 
DC  'DNA linking' y "2'-DEOXYCYTIDINE-5'-MONOPHOSPHATE"  ? 'C9 H14 N3 O7 P'  307.197 
DG  'DNA linking' y "2'-DEOXYGUANOSINE-5'-MONOPHOSPHATE" ? 'C10 H14 N5 O7 P' 347.221 
DT  'DNA linking' y "THYMIDINE-5'-MONOPHOSPHATE"         ? 'C10 H15 N2 O8 P' 322.208 
HOH non-polymer   . WATER                                ? 'H2 O'            18.015  
MG  non-polymer   . 'MAGNESIUM ION'                      ? 'Mg 2'            24.305  
RB  non-polymer   . 'RUBIDIUM ION'                       ? 'Rb 1'            85.468  
# 
_exptl.entry_id          3GGK 
_exptl.method            'X-RAY DIFFRACTION' 
_exptl.crystals_number   1 
# 
_exptl_crystal.id                    1 
_exptl_crystal.density_meas          ? 
_exptl_crystal.density_Matthews      2.03 
_exptl_crystal.density_percent_sol   39.41 
_exptl_crystal.description           ? 
_exptl_crystal.F_000                 ? 
_exptl_crystal.preparation           ? 
# 
_exptl_crystal_grow.crystal_id      1 
_exptl_crystal_grow.method          'VAPOR DIFFUSION, HANGING DROP' 
_exptl_crystal_grow.temp            277 
_exptl_crystal_grow.temp_details    ? 
_exptl_crystal_grow.pH              6.5 
_exptl_crystal_grow.pdbx_details    
'MPD, Magnesium acetate, Rubidium acetate, Rubidium hydroxide, pH 6.5, VAPOR DIFFUSION, HANGING DROP, temperature 277K' 
_exptl_crystal_grow.pdbx_pH_range   ? 
# 
loop_
_exptl_crystal_grow_comp.crystal_id 
_exptl_crystal_grow_comp.id 
_exptl_crystal_grow_comp.sol_id 
_exptl_crystal_grow_comp.name 
_exptl_crystal_grow_comp.volume 
_exptl_crystal_grow_comp.conc 
_exptl_crystal_grow_comp.details 
1 1 1 MPD                  ? ? ? 
1 2 1 'Magnesium acetate'  ? ? ? 
1 3 1 'Rubidium acetate'   ? ? ? 
1 4 1 'Rubidium hydroxide' ? ? ? 
1 5 2 MPD                  ? ? ? 
1 6 2 'Magnesium acetate'  ? ? ? 
1 7 2 'Rubidium acetate'   ? ? ? 
1 8 2 'Rubidium hydroxide' ? ? ? 
# 
_diffrn.id                     1 
_diffrn.ambient_temp           120 
_diffrn.ambient_temp_details   ? 
_diffrn.crystal_id             1 
# 
_diffrn_detector.diffrn_id              1 
_diffrn_detector.detector               CCD 
_diffrn_detector.type                   'MARMOSAIC 300 mm CCD' 
_diffrn_detector.pdbx_collection_date   2004-10-21 
_diffrn_detector.details                ? 
# 
_diffrn_radiation.diffrn_id                        1 
_diffrn_radiation.wavelength_id                    1 
_diffrn_radiation.pdbx_monochromatic_or_laue_m_l   M 
_diffrn_radiation.monochromator                    'Cryogenically cooled Si (220)' 
_diffrn_radiation.pdbx_diffrn_protocol             'SINGLE WAVELENGTH' 
_diffrn_radiation.pdbx_scattering_type             x-ray 
# 
_diffrn_radiation_wavelength.id           1 
_diffrn_radiation_wavelength.wavelength   0.81528 
_diffrn_radiation_wavelength.wt           1.0 
# 
_diffrn_source.diffrn_id                   1 
_diffrn_source.source                      SYNCHROTRON 
_diffrn_source.type                        'APS BEAMLINE 22-ID' 
_diffrn_source.pdbx_synchrotron_site       APS 
_diffrn_source.pdbx_synchrotron_beamline   22-ID 
_diffrn_source.pdbx_wavelength             ? 
_diffrn_source.pdbx_wavelength_list        0.81528 
# 
_reflns.entry_id                     3GGK 
_reflns.observed_criterion_sigma_I   ? 
_reflns.observed_criterion_sigma_F   ? 
_reflns.d_resolution_low             30.6 
_reflns.d_resolution_high            0.784 
_reflns.number_obs                   19281 
_reflns.number_all                   ? 
_reflns.percent_possible_obs         63.9 
_reflns.pdbx_Rmerge_I_obs            0.074 
_reflns.pdbx_Rsym_value              ? 
_reflns.pdbx_netI_over_sigmaI        23.0 
_reflns.B_iso_Wilson_estimate        ? 
_reflns.pdbx_redundancy              6.2 
_reflns.R_free_details               ? 
_reflns.limit_h_max                  ? 
_reflns.limit_h_min                  ? 
_reflns.limit_k_max                  ? 
_reflns.limit_k_min                  ? 
_reflns.limit_l_max                  ? 
_reflns.limit_l_min                  ? 
_reflns.observed_criterion_F_max     ? 
_reflns.observed_criterion_F_min     ? 
_reflns.pdbx_chi_squared             ? 
_reflns.pdbx_scaling_rejects         ? 
_reflns.pdbx_diffrn_id               1 
_reflns.pdbx_ordinal                 1 
# 
_refine.entry_id                                 3GGK 
_refine.ls_number_reflns_obs                     17543 
_refine.ls_number_reflns_all                     17543 
_refine.pdbx_ls_sigma_I                          ? 
_refine.pdbx_ls_sigma_F                          0 
_refine.pdbx_data_cutoff_high_absF               ? 
_refine.pdbx_data_cutoff_low_absF                ? 
_refine.pdbx_data_cutoff_high_rms_absF           ? 
_refine.ls_d_res_low                             30.60 
_refine.ls_d_res_high                            0.87 
_refine.ls_percent_reflns_obs                    90.55 
_refine.ls_R_factor_obs                          0.11971 
_refine.ls_R_factor_all                          ? 
_refine.ls_R_factor_R_work                       0.11880 
_refine.ls_R_factor_R_free                       0.13430 
_refine.ls_R_factor_R_free_error                 ? 
_refine.ls_R_factor_R_free_error_details         ? 
_refine.ls_percent_reflns_R_free                 5.6 
_refine.ls_number_reflns_R_free                  1047 
_refine.ls_number_parameters                     ? 
_refine.ls_number_restraints                     ? 
_refine.occupancy_min                            ? 
_refine.occupancy_max                            ? 
_refine.correlation_coeff_Fo_to_Fc               0.981 
_refine.correlation_coeff_Fo_to_Fc_free          0.979 
_refine.B_iso_mean                               7.764 
_refine.aniso_B[1][1]                            0.20 
_refine.aniso_B[2][2]                            -0.14 
_refine.aniso_B[3][3]                            -0.18 
_refine.aniso_B[1][2]                            0.00 
_refine.aniso_B[1][3]                            -0.14 
_refine.aniso_B[2][3]                            0.00 
_refine.solvent_model_details                    MASK 
_refine.solvent_model_param_ksol                 ? 
_refine.solvent_model_param_bsol                 ? 
_refine.pdbx_solvent_vdw_probe_radii             1.20 
_refine.pdbx_solvent_ion_probe_radii             0.80 
_refine.pdbx_solvent_shrinkage_radii             0.80 
_refine.pdbx_ls_cross_valid_method               THROUGHOUT 
_refine.details                                  'HYDROGENS HAVE BEEN ADDED IN THE RIDING POSITIONS' 
_refine.pdbx_starting_model                      'DNA coordinates from PDB Entry 1bd1 (Heinemann and Alings)' 
_refine.pdbx_method_to_determine_struct          'MOLECULAR REPLACEMENT' 
_refine.pdbx_isotropic_thermal_model             ? 
_refine.pdbx_stereochemistry_target_values       'MAXIMUM LIKELIHOOD' 
_refine.pdbx_stereochem_target_val_spec_case     ? 
_refine.pdbx_R_Free_selection_details            RANDOM 
_refine.pdbx_overall_ESU_R                       0.020 
_refine.pdbx_overall_ESU_R_Free                  0.020 
_refine.overall_SU_ML                            0.011 
_refine.overall_SU_B                             0.377 
_refine.ls_redundancy_reflns_obs                 ? 
_refine.B_iso_min                                ? 
_refine.B_iso_max                                ? 
_refine.overall_SU_R_Cruickshank_DPI             ? 
_refine.overall_SU_R_free                        ? 
_refine.ls_wR_factor_R_free                      ? 
_refine.ls_wR_factor_R_work                      ? 
_refine.overall_FOM_free_R_set                   ? 
_refine.overall_FOM_work_R_set                   ? 
_refine.pdbx_overall_phase_error                 ? 
_refine.pdbx_refine_id                           'X-RAY DIFFRACTION' 
_refine.pdbx_diffrn_id                           1 
_refine.pdbx_TLS_residual_ADP_flag               ? 
_refine.pdbx_overall_SU_R_free_Cruickshank_DPI   ? 
_refine.pdbx_overall_SU_R_Blow_DPI               ? 
_refine.pdbx_overall_SU_R_free_Blow_DPI          ? 
# 
_refine_hist.pdbx_refine_id                   'X-RAY DIFFRACTION' 
_refine_hist.cycle_id                         LAST 
_refine_hist.pdbx_number_atoms_protein        0 
_refine_hist.pdbx_number_atoms_nucleic_acid   287 
_refine_hist.pdbx_number_atoms_ligand         10 
_refine_hist.number_atoms_solvent             156 
_refine_hist.number_atoms_total               453 
_refine_hist.d_res_high                       0.87 
_refine_hist.d_res_low                        30.60 
# 
loop_
_refine_ls_restr.type 
_refine_ls_restr.dev_ideal 
_refine_ls_restr.dev_ideal_target 
_refine_ls_restr.weight 
_refine_ls_restr.number 
_refine_ls_restr.pdbx_refine_id 
_refine_ls_restr.pdbx_restraint_function 
r_bond_refined_d         0.010 0.021 ? 376 'X-RAY DIFFRACTION' ? 
r_angle_refined_deg      1.833 3.000 ? 640 'X-RAY DIFFRACTION' ? 
r_chiral_restr           0.104 0.200 ? 71  'X-RAY DIFFRACTION' ? 
r_gen_planes_refined     0.025 0.020 ? 126 'X-RAY DIFFRACTION' ? 
r_nbd_refined            0.220 0.200 ? 83  'X-RAY DIFFRACTION' ? 
r_nbtor_refined          0.302 0.200 ? 182 'X-RAY DIFFRACTION' ? 
r_xyhbond_nbd_refined    0.099 0.200 ? 47  'X-RAY DIFFRACTION' ? 
r_symmetry_vdw_refined   0.160 0.200 ? 20  'X-RAY DIFFRACTION' ? 
r_symmetry_hbond_refined 0.114 0.200 ? 44  'X-RAY DIFFRACTION' ? 
r_scbond_it              1.339 3.000 ? 523 'X-RAY DIFFRACTION' ? 
r_scangle_it             1.633 4.500 ? 614 'X-RAY DIFFRACTION' ? 
r_rigid_bond_restr       0.839 3.000 ? 523 'X-RAY DIFFRACTION' ? 
r_sphericity_free        3.401 3.000 ? 110 'X-RAY DIFFRACTION' ? 
r_sphericity_bonded      3.647 3.000 ? 343 'X-RAY DIFFRACTION' ? 
# 
_refine_ls_shell.pdbx_total_number_of_bins_used   20 
_refine_ls_shell.d_res_high                       0.865 
_refine_ls_shell.d_res_low                        0.887 
_refine_ls_shell.number_reflns_R_work             714 
_refine_ls_shell.R_factor_R_work                  0.199 
_refine_ls_shell.percent_reflns_obs               50.26 
_refine_ls_shell.R_factor_R_free                  0.210 
_refine_ls_shell.R_factor_R_free_error            ? 
_refine_ls_shell.percent_reflns_R_free            ? 
_refine_ls_shell.number_reflns_R_free             46 
_refine_ls_shell.number_reflns_all                ? 
_refine_ls_shell.R_factor_all                     ? 
_refine_ls_shell.number_reflns_obs                760 
_refine_ls_shell.redundancy_reflns_obs            ? 
_refine_ls_shell.pdbx_refine_id                   'X-RAY DIFFRACTION' 
# 
_struct.entry_id                  3GGK 
_struct.title                     'Locating monovalent cations in one turn of G/C rich B-DNA' 
_struct.pdbx_model_details        ? 
_struct.pdbx_CASP_flag            ? 
_struct.pdbx_model_type_details   ? 
# 
_struct_keywords.entry_id        3GGK 
_struct_keywords.pdbx_keywords   DNA 
_struct_keywords.text            'DNA, CATIONS, DIVALENT CATIONS, MONOVALENT CATIONS, RUBIDIUM ION' 
# 
loop_
_struct_asym.id 
_struct_asym.pdbx_blank_PDB_chainid_flag 
_struct_asym.pdbx_modified 
_struct_asym.entity_id 
_struct_asym.details 
A N N 1 ? 
B N N 2 ? 
C N N 2 ? 
D N N 2 ? 
E N N 2 ? 
F N N 2 ? 
G N N 3 ? 
H N N 3 ? 
I N N 4 ? 
# 
_struct_biol.id        1 
_struct_biol.details   ? 
# 
loop_
_struct_conn.id 
_struct_conn.conn_type_id 
_struct_conn.pdbx_leaving_atom_flag 
_struct_conn.pdbx_PDB_id 
_struct_conn.ptnr1_label_asym_id 
_struct_conn.ptnr1_label_comp_id 
_struct_conn.ptnr1_label_seq_id 
_struct_conn.ptnr1_label_atom_id 
_struct_conn.pdbx_ptnr1_label_alt_id 
_struct_conn.pdbx_ptnr1_PDB_ins_code 
_struct_conn.pdbx_ptnr1_standard_comp_id 
_struct_conn.ptnr1_symmetry 
_struct_conn.ptnr2_label_asym_id 
_struct_conn.ptnr2_label_comp_id 
_struct_conn.ptnr2_label_seq_id 
_struct_conn.ptnr2_label_atom_id 
_struct_conn.pdbx_ptnr2_label_alt_id 
_struct_conn.pdbx_ptnr2_PDB_ins_code 
_struct_conn.ptnr1_auth_asym_id 
_struct_conn.ptnr1_auth_comp_id 
_struct_conn.ptnr1_auth_seq_id 
_struct_conn.ptnr2_auth_asym_id 
_struct_conn.ptnr2_auth_comp_id 
_struct_conn.ptnr2_auth_seq_id 
_struct_conn.ptnr2_symmetry 
_struct_conn.pdbx_ptnr3_label_atom_id 
_struct_conn.pdbx_ptnr3_label_seq_id 
_struct_conn.pdbx_ptnr3_label_comp_id 
_struct_conn.pdbx_ptnr3_label_asym_id 
_struct_conn.pdbx_ptnr3_label_alt_id 
_struct_conn.pdbx_ptnr3_PDB_ins_code 
_struct_conn.details 
_struct_conn.pdbx_dist_value 
_struct_conn.pdbx_value_order 
_struct_conn.pdbx_role 
metalc1  metalc ? ? A DG 9  N7 ? ? ? 1_555 H RB  .  RB B ? A DG 9   A RB  102 1_555 ? ? ? ? ? ? ?            2.980 ? ? 
metalc2  metalc ? ? A DG 10 O6 ? ? ? 1_555 G RB  .  RB A ? A DG 10  A RB  101 1_555 ? ? ? ? ? ? ?            2.923 ? ? 
metalc3  metalc ? ? B MG .  MG ? ? ? 1_555 I HOH .  O  ? ? A MG 21  A HOH 292 1_555 ? ? ? ? ? ? ?            2.162 ? ? 
metalc4  metalc ? ? B MG .  MG ? ? ? 1_555 I HOH .  O  ? ? A MG 21  A HOH 293 1_555 ? ? ? ? ? ? ?            2.137 ? ? 
metalc5  metalc ? ? B MG .  MG ? ? ? 1_555 I HOH .  O  ? ? A MG 21  A HOH 294 1_555 ? ? ? ? ? ? ?            2.143 ? ? 
metalc6  metalc ? ? B MG .  MG ? ? ? 1_555 I HOH .  O  ? ? A MG 21  A HOH 295 1_555 ? ? ? ? ? ? ?            2.133 ? ? 
metalc7  metalc ? ? B MG .  MG ? ? ? 1_555 I HOH .  O  ? ? A MG 21  A HOH 296 1_555 ? ? ? ? ? ? ?            2.154 ? ? 
metalc8  metalc ? ? B MG .  MG ? ? ? 1_555 I HOH .  O  ? ? A MG 21  A HOH 297 1_555 ? ? ? ? ? ? ?            2.158 ? ? 
metalc9  metalc ? ? C MG .  MG A ? ? 1_555 I HOH .  O  A ? A MG 22  A HOH 298 1_555 ? ? ? ? ? ? ?            2.175 ? ? 
metalc10 metalc ? ? C MG .  MG B ? ? 1_555 I HOH .  O  B ? A MG 22  A HOH 298 1_555 ? ? ? ? ? ? ?            2.180 ? ? 
metalc11 metalc ? ? C MG .  MG A ? ? 1_555 I HOH .  O  A ? A MG 22  A HOH 299 1_555 ? ? ? ? ? ? ?            2.161 ? ? 
metalc12 metalc ? ? C MG .  MG B ? ? 1_555 I HOH .  O  B ? A MG 22  A HOH 299 1_555 ? ? ? ? ? ? ?            2.179 ? ? 
metalc13 metalc ? ? C MG .  MG A ? ? 1_555 I HOH .  O  A ? A MG 22  A HOH 300 1_555 ? ? ? ? ? ? ?            2.159 ? ? 
metalc14 metalc ? ? C MG .  MG B ? ? 1_555 I HOH .  O  B ? A MG 22  A HOH 300 1_555 ? ? ? ? ? ? ?            2.178 ? ? 
metalc15 metalc ? ? C MG .  MG A ? ? 1_555 I HOH .  O  A ? A MG 22  A HOH 301 1_555 ? ? ? ? ? ? ?            2.175 ? ? 
metalc16 metalc ? ? C MG .  MG B ? ? 1_555 I HOH .  O  B ? A MG 22  A HOH 301 1_555 ? ? ? ? ? ? ?            2.177 ? ? 
metalc17 metalc ? ? C MG .  MG A ? ? 1_555 I HOH .  O  A ? A MG 22  A HOH 302 1_555 ? ? ? ? ? ? ?            2.155 ? ? 
metalc18 metalc ? ? C MG .  MG B ? ? 1_555 I HOH .  O  B ? A MG 22  A HOH 302 1_555 ? ? ? ? ? ? ?            2.177 ? ? 
metalc19 metalc ? ? C MG .  MG A ? ? 1_555 I HOH .  O  A ? A MG 22  A HOH 303 1_555 ? ? ? ? ? ? ?            2.152 ? ? 
metalc20 metalc ? ? C MG .  MG B ? ? 1_555 I HOH .  O  B ? A MG 22  A HOH 303 1_555 ? ? ? ? ? ? ?            2.176 ? ? 
metalc21 metalc ? ? D MG .  MG B ? ? 1_555 I HOH .  O  B ? A MG 23  A HOH 304 1_555 ? ? ? ? ? ? ?            2.157 ? ? 
metalc22 metalc ? ? D MG .  MG B ? ? 1_555 I HOH .  O  B ? A MG 23  A HOH 305 1_555 ? ? ? ? ? ? ?            2.162 ? ? 
metalc23 metalc ? ? D MG .  MG B ? ? 1_555 I HOH .  O  B ? A MG 23  A HOH 306 1_555 ? ? ? ? ? ? ?            2.158 ? ? 
metalc24 metalc ? ? D MG .  MG B ? ? 1_555 I HOH .  O  B ? A MG 23  A HOH 307 1_555 ? ? ? ? ? ? ?            2.150 ? ? 
metalc25 metalc ? ? D MG .  MG B ? ? 1_555 I HOH .  O  B ? A MG 23  A HOH 308 1_555 ? ? ? ? ? ? ?            2.158 ? ? 
metalc26 metalc ? ? D MG .  MG B ? ? 1_555 I HOH .  O  B ? A MG 23  A HOH 309 1_555 ? ? ? ? ? ? ?            2.168 ? ? 
metalc27 metalc ? ? E MG .  MG A ? ? 1_555 I HOH .  O  A ? A MG 24  A HOH 310 1_555 ? ? ? ? ? ? ?            2.176 ? ? 
metalc28 metalc ? ? E MG .  MG B ? ? 1_555 I HOH .  O  B ? A MG 24  A HOH 310 1_555 ? ? ? ? ? ? ?            2.180 ? ? 
metalc29 metalc ? ? E MG .  MG C ? ? 1_555 I HOH .  O  C ? A MG 24  A HOH 310 1_555 ? ? ? ? ? ? ?            2.177 ? ? 
metalc30 metalc ? ? E MG .  MG A ? ? 1_555 I HOH .  O  A ? A MG 24  A HOH 311 1_555 ? ? ? ? ? ? ?            2.176 ? ? 
metalc31 metalc ? ? E MG .  MG B ? ? 1_555 I HOH .  O  B ? A MG 24  A HOH 311 1_555 ? ? ? ? ? ? ?            2.175 ? ? 
metalc32 metalc ? ? E MG .  MG C ? ? 1_555 I HOH .  O  C ? A MG 24  A HOH 311 1_555 ? ? ? ? ? ? ?            2.172 ? ? 
metalc33 metalc ? ? E MG .  MG A ? ? 1_555 I HOH .  O  A ? A MG 24  A HOH 312 1_555 ? ? ? ? ? ? ?            2.178 ? ? 
metalc34 metalc ? ? E MG .  MG B ? ? 1_555 I HOH .  O  B ? A MG 24  A HOH 312 1_555 ? ? ? ? ? ? ?            2.176 ? ? 
metalc35 metalc ? ? E MG .  MG C ? ? 1_555 I HOH .  O  C ? A MG 24  A HOH 312 1_555 ? ? ? ? ? ? ?            2.178 ? ? 
metalc36 metalc ? ? E MG .  MG A ? ? 1_555 I HOH .  O  A ? A MG 24  A HOH 313 1_555 ? ? ? ? ? ? ?            2.179 ? ? 
metalc37 metalc ? ? E MG .  MG B ? ? 1_555 I HOH .  O  B ? A MG 24  A HOH 313 1_555 ? ? ? ? ? ? ?            2.176 ? ? 
metalc38 metalc ? ? E MG .  MG C ? ? 1_555 I HOH .  O  C ? A MG 24  A HOH 313 1_555 ? ? ? ? ? ? ?            2.177 ? ? 
metalc39 metalc ? ? E MG .  MG A ? ? 1_555 I HOH .  O  A ? A MG 24  A HOH 314 1_555 ? ? ? ? ? ? ?            2.173 ? ? 
metalc40 metalc ? ? E MG .  MG B ? ? 1_555 I HOH .  O  B ? A MG 24  A HOH 314 1_555 ? ? ? ? ? ? ?            2.167 ? ? 
metalc41 metalc ? ? E MG .  MG C ? ? 1_555 I HOH .  O  C ? A MG 24  A HOH 314 1_555 ? ? ? ? ? ? ?            2.178 ? ? 
metalc42 metalc ? ? E MG .  MG A ? ? 1_555 I HOH .  O  A ? A MG 24  A HOH 315 1_555 ? ? ? ? ? ? ?            2.178 ? ? 
metalc43 metalc ? ? E MG .  MG B ? ? 1_555 I HOH .  O  B ? A MG 24  A HOH 315 1_555 ? ? ? ? ? ? ?            2.175 ? ? 
metalc44 metalc ? ? E MG .  MG C ? ? 1_555 I HOH .  O  C ? A MG 24  A HOH 315 1_555 ? ? ? ? ? ? ?            2.176 ? ? 
metalc45 metalc ? ? F MG .  MG A ? ? 1_555 I HOH .  O  A ? A MG 25  A HOH 316 1_555 ? ? ? ? ? ? ?            2.161 ? ? 
metalc46 metalc ? ? F MG .  MG A ? ? 1_555 I HOH .  O  A ? A MG 25  A HOH 317 1_555 ? ? ? ? ? ? ?            2.150 ? ? 
metalc47 metalc ? ? F MG .  MG A ? ? 1_555 I HOH .  O  A ? A MG 25  A HOH 318 1_555 ? ? ? ? ? ? ?            2.171 ? ? 
metalc48 metalc ? ? F MG .  MG A ? ? 1_555 I HOH .  O  A ? A MG 25  A HOH 319 1_555 ? ? ? ? ? ? ?            2.168 ? ? 
metalc49 metalc ? ? F MG .  MG A ? ? 1_555 I HOH .  O  A ? A MG 25  A HOH 320 1_555 ? ? ? ? ? ? ?            2.172 ? ? 
metalc50 metalc ? ? F MG .  MG A ? ? 1_555 I HOH .  O  A ? A MG 25  A HOH 321 1_555 ? ? ? ? ? ? ?            2.165 ? ? 
metalc51 metalc ? ? H RB .  RB B ? ? 1_555 I HOH .  O  B ? A RB 102 A HOH 269 1_555 ? ? ? ? ? ? ?            2.770 ? ? 
hydrog1  hydrog ? ? A DC 1  N3 ? ? ? 1_555 A DG  10 N1 ? ? A DC 1   A DG  10  2_555 ? ? ? ? ? ? WATSON-CRICK ?     ? ? 
hydrog2  hydrog ? ? A DC 1  N4 ? ? ? 1_555 A DG  10 O6 ? ? A DC 1   A DG  10  2_555 ? ? ? ? ? ? WATSON-CRICK ?     ? ? 
hydrog3  hydrog ? ? A DC 1  O2 ? ? ? 1_555 A DG  10 N2 ? ? A DC 1   A DG  10  2_555 ? ? ? ? ? ? WATSON-CRICK ?     ? ? 
hydrog4  hydrog ? ? A DC 2  N3 ? ? ? 1_555 A DG  9  N1 ? ? A DC 2   A DG  9   2_555 ? ? ? ? ? ? WATSON-CRICK ?     ? ? 
hydrog5  hydrog ? ? A DC 2  N4 ? ? ? 1_555 A DG  9  O6 ? ? A DC 2   A DG  9   2_555 ? ? ? ? ? ? WATSON-CRICK ?     ? ? 
hydrog6  hydrog ? ? A DC 2  O2 ? ? ? 1_555 A DG  9  N2 ? ? A DC 2   A DG  9   2_555 ? ? ? ? ? ? WATSON-CRICK ?     ? ? 
hydrog7  hydrog ? ? A DA 3  N1 ? ? ? 1_555 A DT  8  N3 ? ? A DA 3   A DT  8   2_555 ? ? ? ? ? ? WATSON-CRICK ?     ? ? 
hydrog8  hydrog ? ? A DA 3  N6 ? ? ? 1_555 A DT  8  O4 ? ? A DA 3   A DT  8   2_555 ? ? ? ? ? ? WATSON-CRICK ?     ? ? 
hydrog9  hydrog ? ? A DG 4  N1 ? ? ? 1_555 A DC  7  N3 ? ? A DG 4   A DC  7   2_555 ? ? ? ? ? ? WATSON-CRICK ?     ? ? 
hydrog10 hydrog ? ? A DG 4  N2 ? ? ? 1_555 A DC  7  O2 ? ? A DG 4   A DC  7   2_555 ? ? ? ? ? ? WATSON-CRICK ?     ? ? 
hydrog11 hydrog ? ? A DG 4  O6 ? ? ? 1_555 A DC  7  N4 ? ? A DG 4   A DC  7   2_555 ? ? ? ? ? ? WATSON-CRICK ?     ? ? 
hydrog12 hydrog ? ? A DG 5  N1 A ? ? 1_555 A DC  6  N3 A ? A DG 5   A DC  6   2_555 ? ? ? ? ? ? WATSON-CRICK ?     ? ? 
hydrog13 hydrog ? ? A DG 5  N2 A ? ? 1_555 A DC  6  O2 A ? A DG 5   A DC  6   2_555 ? ? ? ? ? ? WATSON-CRICK ?     ? ? 
hydrog14 hydrog ? ? A DG 5  O6 A ? ? 1_555 A DC  6  N4 A ? A DG 5   A DC  6   2_555 ? ? ? ? ? ? WATSON-CRICK ?     ? ? 
hydrog15 hydrog ? ? A DC 6  N3 A ? ? 1_555 A DG  5  N1 A ? A DC 6   A DG  5   2_555 ? ? ? ? ? ? WATSON-CRICK ?     ? ? 
hydrog16 hydrog ? ? A DC 6  N4 A ? ? 1_555 A DG  5  O6 A ? A DC 6   A DG  5   2_555 ? ? ? ? ? ? WATSON-CRICK ?     ? ? 
hydrog17 hydrog ? ? A DC 6  O2 A ? ? 1_555 A DG  5  N2 A ? A DC 6   A DG  5   2_555 ? ? ? ? ? ? WATSON-CRICK ?     ? ? 
hydrog18 hydrog ? ? A DC 7  N3 ? ? ? 1_555 A DG  4  N1 ? ? A DC 7   A DG  4   2_555 ? ? ? ? ? ? WATSON-CRICK ?     ? ? 
hydrog19 hydrog ? ? A DC 7  N4 ? ? ? 1_555 A DG  4  O6 ? ? A DC 7   A DG  4   2_555 ? ? ? ? ? ? WATSON-CRICK ?     ? ? 
hydrog20 hydrog ? ? A DC 7  O2 ? ? ? 1_555 A DG  4  N2 ? ? A DC 7   A DG  4   2_555 ? ? ? ? ? ? WATSON-CRICK ?     ? ? 
hydrog21 hydrog ? ? A DT 8  N3 ? ? ? 1_555 A DA  3  N1 ? ? A DT 8   A DA  3   2_555 ? ? ? ? ? ? WATSON-CRICK ?     ? ? 
hydrog22 hydrog ? ? A DT 8  O4 ? ? ? 1_555 A DA  3  N6 ? ? A DT 8   A DA  3   2_555 ? ? ? ? ? ? WATSON-CRICK ?     ? ? 
hydrog23 hydrog ? ? A DG 9  N1 ? ? ? 1_555 A DC  2  N3 ? ? A DG 9   A DC  2   2_555 ? ? ? ? ? ? WATSON-CRICK ?     ? ? 
hydrog24 hydrog ? ? A DG 9  N2 ? ? ? 1_555 A DC  2  O2 ? ? A DG 9   A DC  2   2_555 ? ? ? ? ? ? WATSON-CRICK ?     ? ? 
hydrog25 hydrog ? ? A DG 9  O6 ? ? ? 1_555 A DC  2  N4 ? ? A DG 9   A DC  2   2_555 ? ? ? ? ? ? WATSON-CRICK ?     ? ? 
hydrog26 hydrog ? ? A DG 10 N1 ? ? ? 1_555 A DC  1  N3 ? ? A DG 10  A DC  1   2_555 ? ? ? ? ? ? WATSON-CRICK ?     ? ? 
hydrog27 hydrog ? ? A DG 10 N2 ? ? ? 1_555 A DC  1  O2 ? ? A DG 10  A DC  1   2_555 ? ? ? ? ? ? WATSON-CRICK ?     ? ? 
hydrog28 hydrog ? ? A DG 10 O6 ? ? ? 1_555 A DC  1  N4 ? ? A DG 10  A DC  1   2_555 ? ? ? ? ? ? WATSON-CRICK ?     ? ? 
# 
loop_
_struct_conn_type.id 
_struct_conn_type.criteria 
_struct_conn_type.reference 
metalc ? ? 
hydrog ? ? 
# 
loop_
_struct_site.id 
_struct_site.pdbx_evidence_code 
_struct_site.pdbx_auth_asym_id 
_struct_site.pdbx_auth_comp_id 
_struct_site.pdbx_auth_seq_id 
_struct_site.pdbx_auth_ins_code 
_struct_site.pdbx_num_residues 
_struct_site.details 
AC1 Software A MG 21  ? 6  'BINDING SITE FOR RESIDUE MG A 21'  
AC2 Software A MG 22  ? 13 'BINDING SITE FOR RESIDUE MG A 22'  
AC3 Software A MG 23  ? 7  'BINDING SITE FOR RESIDUE MG A 23'  
AC4 Software A MG 24  ? 13 'BINDING SITE FOR RESIDUE MG A 24'  
AC5 Software A MG 25  ? 14 'BINDING SITE FOR RESIDUE MG A 25'  
AC6 Software A RB 101 ? 10 'BINDING SITE FOR RESIDUE RB A 101' 
AC7 Software A RB 102 ? 10 'BINDING SITE FOR RESIDUE RB A 102' 
# 
loop_
_struct_site_gen.id 
_struct_site_gen.site_id 
_struct_site_gen.pdbx_num_res 
_struct_site_gen.label_comp_id 
_struct_site_gen.label_asym_id 
_struct_site_gen.label_seq_id 
_struct_site_gen.pdbx_auth_ins_code 
_struct_site_gen.auth_comp_id 
_struct_site_gen.auth_asym_id 
_struct_site_gen.auth_seq_id 
_struct_site_gen.label_atom_id 
_struct_site_gen.label_alt_id 
_struct_site_gen.symmetry 
_struct_site_gen.details 
1  AC1 6  HOH I .  ? HOH A 292 . ? 1_555 ? 
2  AC1 6  HOH I .  ? HOH A 293 . ? 1_555 ? 
3  AC1 6  HOH I .  ? HOH A 294 . ? 1_555 ? 
4  AC1 6  HOH I .  ? HOH A 295 . ? 1_555 ? 
5  AC1 6  HOH I .  ? HOH A 296 . ? 1_555 ? 
6  AC1 6  HOH I .  ? HOH A 297 . ? 1_555 ? 
7  AC2 13 RB  H .  ? RB  A 102 . ? 1_555 ? 
8  AC2 13 HOH I .  ? HOH A 260 . ? 1_555 ? 
9  AC2 13 HOH I .  ? HOH A 269 . ? 1_555 ? 
10 AC2 13 HOH I .  ? HOH A 270 . ? 1_555 ? 
11 AC2 13 HOH I .  ? HOH A 277 . ? 1_555 ? 
12 AC2 13 HOH I .  ? HOH A 282 . ? 1_555 ? 
13 AC2 13 HOH I .  ? HOH A 283 . ? 1_555 ? 
14 AC2 13 HOH I .  ? HOH A 298 . ? 1_555 ? 
15 AC2 13 HOH I .  ? HOH A 299 . ? 1_555 ? 
16 AC2 13 HOH I .  ? HOH A 300 . ? 1_555 ? 
17 AC2 13 HOH I .  ? HOH A 301 . ? 1_555 ? 
18 AC2 13 HOH I .  ? HOH A 302 . ? 1_555 ? 
19 AC2 13 HOH I .  ? HOH A 303 . ? 1_555 ? 
20 AC3 7  HOH I .  ? HOH A 266 . ? 1_555 ? 
21 AC3 7  HOH I .  ? HOH A 304 . ? 1_555 ? 
22 AC3 7  HOH I .  ? HOH A 305 . ? 1_555 ? 
23 AC3 7  HOH I .  ? HOH A 306 . ? 1_555 ? 
24 AC3 7  HOH I .  ? HOH A 307 . ? 1_555 ? 
25 AC3 7  HOH I .  ? HOH A 308 . ? 1_555 ? 
26 AC3 7  HOH I .  ? HOH A 309 . ? 1_555 ? 
27 AC4 13 HOH I .  ? HOH A 239 . ? 1_555 ? 
28 AC4 13 HOH I .  ? HOH A 261 . ? 1_555 ? 
29 AC4 13 HOH I .  ? HOH A 268 . ? 1_555 ? 
30 AC4 13 HOH I .  ? HOH A 273 . ? 1_555 ? 
31 AC4 13 HOH I .  ? HOH A 275 . ? 1_555 ? 
32 AC4 13 HOH I .  ? HOH A 276 . ? 1_555 ? 
33 AC4 13 HOH I .  ? HOH A 291 . ? 1_555 ? 
34 AC4 13 HOH I .  ? HOH A 310 . ? 1_555 ? 
35 AC4 13 HOH I .  ? HOH A 311 . ? 1_555 ? 
36 AC4 13 HOH I .  ? HOH A 312 . ? 1_555 ? 
37 AC4 13 HOH I .  ? HOH A 313 . ? 1_555 ? 
38 AC4 13 HOH I .  ? HOH A 314 . ? 1_555 ? 
39 AC4 13 HOH I .  ? HOH A 315 . ? 1_555 ? 
40 AC5 14 HOH I .  ? HOH A 290 . ? 1_555 ? 
41 AC5 14 HOH I .  ? HOH A 290 . ? 2_556 ? 
42 AC5 14 HOH I .  ? HOH A 316 . ? 1_555 ? 
43 AC5 14 HOH I .  ? HOH A 316 . ? 2_556 ? 
44 AC5 14 HOH I .  ? HOH A 317 . ? 2_556 ? 
45 AC5 14 HOH I .  ? HOH A 317 . ? 1_555 ? 
46 AC5 14 HOH I .  ? HOH A 318 . ? 2_556 ? 
47 AC5 14 HOH I .  ? HOH A 318 . ? 1_555 ? 
48 AC5 14 HOH I .  ? HOH A 319 . ? 2_556 ? 
49 AC5 14 HOH I .  ? HOH A 319 . ? 1_555 ? 
50 AC5 14 HOH I .  ? HOH A 320 . ? 2_556 ? 
51 AC5 14 HOH I .  ? HOH A 320 . ? 1_555 ? 
52 AC5 14 HOH I .  ? HOH A 321 . ? 2_556 ? 
53 AC5 14 HOH I .  ? HOH A 321 . ? 1_555 ? 
54 AC6 10 DG  A 10 ? DG  A 10  . ? 1_555 ? 
55 AC6 10 DG  A 10 ? DG  A 10  . ? 2_554 ? 
56 AC6 10 RB  H .  ? RB  A 102 . ? 2_554 ? 
57 AC6 10 RB  H .  ? RB  A 102 . ? 1_555 ? 
58 AC6 10 HOH I .  ? HOH A 260 . ? 2_554 ? 
59 AC6 10 HOH I .  ? HOH A 260 . ? 1_555 ? 
60 AC6 10 HOH I .  ? HOH A 282 . ? 2_554 ? 
61 AC6 10 HOH I .  ? HOH A 299 . ? 2_554 ? 
62 AC6 10 HOH I .  ? HOH A 301 . ? 1_555 ? 
63 AC6 10 HOH I .  ? HOH A 301 . ? 2_554 ? 
64 AC7 10 DG  A 9  ? DG  A 9   . ? 1_555 ? 
65 AC7 10 DG  A 10 ? DG  A 10  . ? 1_555 ? 
66 AC7 10 MG  C .  ? MG  A 22  . ? 1_555 ? 
67 AC7 10 RB  G .  ? RB  A 101 . ? 1_555 ? 
68 AC7 10 RB  G .  ? RB  A 101 . ? 2_554 ? 
69 AC7 10 HOH I .  ? HOH A 238 . ? 1_555 ? 
70 AC7 10 HOH I .  ? HOH A 269 . ? 1_555 ? 
71 AC7 10 HOH I .  ? HOH A 299 . ? 1_555 ? 
72 AC7 10 HOH I .  ? HOH A 301 . ? 2_554 ? 
73 AC7 10 HOH I .  ? HOH A 302 . ? 1_555 ? 
# 
_atom_sites.entry_id                    3GGK 
_atom_sites.fract_transf_matrix[1][1]   0.03113771 
_atom_sites.fract_transf_matrix[1][2]   0.00729298 
_atom_sites.fract_transf_matrix[1][3]   -0.01344882 
_atom_sites.fract_transf_matrix[2][1]   -0.01628867 
_atom_sites.fract_transf_matrix[2][2]   0.02871842 
_atom_sites.fract_transf_matrix[2][3]   -0.02213940 
_atom_sites.fract_transf_matrix[3][1]   0.01774441 
_atom_sites.fract_transf_matrix[3][2]   0.02234640 
_atom_sites.fract_transf_matrix[3][3]   0.01593179 
_atom_sites.fract_transf_vector[1]      0.031064 
_atom_sites.fract_transf_vector[2]      -0.031636 
_atom_sites.fract_transf_vector[3]      0.008007 
# 
loop_
_atom_type.symbol 
C  
MG 
N  
O  
P  
RB 
# 
loop_
_atom_site.group_PDB 
_atom_site.id 
_atom_site.type_symbol 
_atom_site.label_atom_id 
_atom_site.label_alt_id 
_atom_site.label_comp_id 
_atom_site.label_asym_id 
_atom_site.label_entity_id 
_atom_site.label_seq_id 
_atom_site.pdbx_PDB_ins_code 
_atom_site.Cartn_x 
_atom_site.Cartn_y 
_atom_site.Cartn_z 
_atom_site.occupancy 
_atom_site.B_iso_or_equiv 
_atom_site.pdbx_formal_charge 
_atom_site.auth_seq_id 
_atom_site.auth_comp_id 
_atom_site.auth_asym_id 
_atom_site.auth_atom_id 
_atom_site.pdbx_PDB_model_num 
ATOM   1   O  "O5'" A DC  A 1 1  ? -5.799  10.876  13.694  0.80 8.20  ? 1   DC  A "O5'" 1 
ATOM   2   O  "O5'" B DC  A 1 1  ? -5.348  13.636  14.894  0.20 7.48  ? 1   DC  A "O5'" 1 
ATOM   3   C  "C5'" A DC  A 1 1  ? -5.849  12.300  13.728  0.80 7.28  ? 1   DC  A "C5'" 1 
ATOM   4   C  "C5'" B DC  A 1 1  ? -5.869  12.822  13.853  0.20 6.88  ? 1   DC  A "C5'" 1 
ATOM   5   C  "C4'" . DC  A 1 1  ? -4.960  12.881  12.637  1.00 6.32  ? 1   DC  A "C4'" 1 
ATOM   6   O  "O4'" . DC  A 1 1  ? -3.642  12.417  12.912  1.00 7.02  ? 1   DC  A "O4'" 1 
ATOM   7   C  "C3'" A DC  A 1 1  ? -5.353  12.412  11.255  0.65 6.31  ? 1   DC  A "C3'" 1 
ATOM   8   C  "C3'" B DC  A 1 1  ? -5.448  12.165  11.373  0.35 7.11  ? 1   DC  A "C3'" 1 
ATOM   9   O  "O3'" A DC  A 1 1  ? -5.503  13.566  10.469  0.65 5.50  ? 1   DC  A "O3'" 1 
ATOM   10  O  "O3'" B DC  A 1 1  ? -5.848  13.133  10.417  0.35 5.99  ? 1   DC  A "O3'" 1 
ATOM   11  C  "C2'" A DC  A 1 1  ? -4.259  11.444  10.830  0.65 7.13  ? 1   DC  A "C2'" 1 
ATOM   12  C  "C2'" B DC  A 1 1  ? -4.257  11.367  10.862  0.35 7.20  ? 1   DC  A "C2'" 1 
ATOM   13  C  "C1'" . DC  A 1 1  ? -3.094  11.875  11.698  1.00 6.79  ? 1   DC  A "C1'" 1 
ATOM   14  N  N1    . DC  A 1 1  ? -2.172  10.808  12.121  1.00 5.97  ? 1   DC  A N1    1 
ATOM   15  C  C2    . DC  A 1 1  ? -0.827  10.815  11.746  1.00 5.38  ? 1   DC  A C2    1 
ATOM   16  O  O2    . DC  A 1 1  ? -0.410  11.684  10.982  1.00 6.21  ? 1   DC  A O2    1 
ATOM   17  N  N3    . DC  A 1 1  ? -0.021  9.835   12.229  1.00 4.74  ? 1   DC  A N3    1 
ATOM   18  C  C4    . DC  A 1 1  ? -0.509  8.895   13.041  1.00 4.89  ? 1   DC  A C4    1 
ATOM   19  N  N4    . DC  A 1 1  ? 0.318   7.980   13.518  1.00 5.19  ? 1   DC  A N4    1 
ATOM   20  C  C5    . DC  A 1 1  ? -1.877  8.865   13.401  1.00 5.41  ? 1   DC  A C5    1 
ATOM   21  C  C6    . DC  A 1 1  ? -2.650  9.836   12.937  1.00 6.01  ? 1   DC  A C6    1 
ATOM   22  P  P     A DC  A 1 2  ? -6.320  13.508  9.106   0.65 6.08  ? 2   DC  A P     1 
ATOM   23  P  P     B DC  A 1 2  ? -6.536  12.691  9.044   0.35 6.50  ? 2   DC  A P     1 
ATOM   24  O  OP1   A DC  A 1 2  ? -6.704  14.899  8.794   0.65 7.22  ? 2   DC  A OP1   1 
ATOM   25  O  OP1   B DC  A 1 2  ? -7.324  13.851  8.575   0.35 8.13  ? 2   DC  A OP1   1 
ATOM   26  O  OP2   A DC  A 1 2  ? -7.389  12.488  9.177   0.65 7.50  ? 2   DC  A OP2   1 
ATOM   27  O  OP2   B DC  A 1 2  ? -7.225  11.394  9.233   0.35 7.28  ? 2   DC  A OP2   1 
ATOM   28  O  "O5'" A DC  A 1 2  ? -5.281  12.976  8.038   0.65 6.28  ? 2   DC  A "O5'" 1 
ATOM   29  O  "O5'" B DC  A 1 2  ? -5.302  12.460  8.059   0.35 5.51  ? 2   DC  A "O5'" 1 
ATOM   30  C  "C5'" A DC  A 1 2  ? -4.223  13.779  7.608   0.65 6.80  ? 2   DC  A "C5'" 1 
ATOM   31  C  "C5'" B DC  A 1 2  ? -4.358  13.490  7.698   0.35 6.17  ? 2   DC  A "C5'" 1 
ATOM   32  C  "C4'" . DC  A 1 2  ? -3.326  12.928  6.729   1.00 5.72  ? 2   DC  A "C4'" 1 
ATOM   33  O  "O4'" . DC  A 1 2  ? -2.553  11.991  7.503   1.00 5.72  ? 2   DC  A "O4'" 1 
ATOM   34  C  "C3'" . DC  A 1 2  ? -3.971  12.116  5.606   1.00 5.56  ? 2   DC  A "C3'" 1 
ATOM   35  O  "O3'" A DC  A 1 2  ? -3.170  12.121  4.421   0.60 5.01  ? 2   DC  A "O3'" 1 
ATOM   36  O  "O3'" B DC  A 1 2  ? -3.119  12.272  4.462   0.40 6.28  ? 2   DC  A "O3'" 1 
ATOM   37  C  "C2'" . DC  A 1 2  ? -3.925  10.687  6.129   1.00 5.46  ? 2   DC  A "C2'" 1 
ATOM   38  C  "C1'" . DC  A 1 2  ? -2.577  10.733  6.829   1.00 4.74  ? 2   DC  A "C1'" 1 
ATOM   39  N  N1    . DC  A 1 2  ? -2.285  9.674   7.799   1.00 4.88  ? 2   DC  A N1    1 
ATOM   40  C  C2    . DC  A 1 2  ? -0.948  9.345   8.015   1.00 4.74  ? 2   DC  A C2    1 
ATOM   41  O  O2    . DC  A 1 2  ? -0.070  9.933   7.364   1.00 5.30  ? 2   DC  A O2    1 
ATOM   42  N  N3    . DC  A 1 2  ? -0.653  8.383   8.911   1.00 4.73  ? 2   DC  A N3    1 
ATOM   43  C  C4    . DC  A 1 2  ? -1.623  7.780   9.614   1.00 4.92  ? 2   DC  A C4    1 
ATOM   44  N  N4    . DC  A 1 2  ? -1.270  6.851   10.495  1.00 5.16  ? 2   DC  A N4    1 
ATOM   45  C  C5    . DC  A 1 2  ? -2.996  8.120   9.421   1.00 5.62  ? 2   DC  A C5    1 
ATOM   46  C  C6    . DC  A 1 2  ? -3.275  9.059   8.514   1.00 5.74  ? 2   DC  A C6    1 
ATOM   47  P  P     A DA  A 1 3  ? -3.657  12.802  3.065   0.60 4.28  ? 3   DA  A P     1 
ATOM   48  P  P     B DA  A 1 3  ? -3.541  13.226  3.257   0.40 8.26  ? 3   DA  A P     1 
ATOM   49  O  OP1   A DA  A 1 3  ? -4.171  14.173  3.392   0.60 5.06  ? 3   DA  A OP1   1 
ATOM   50  O  OP1   B DA  A 1 3  ? -3.878  14.571  3.773   0.40 10.29 ? 3   DA  A OP1   1 
ATOM   51  O  OP2   A DA  A 1 3  ? -4.538  11.908  2.281   0.60 4.79  ? 3   DA  A OP2   1 
ATOM   52  O  OP2   B DA  A 1 3  ? -4.554  12.473  2.480   0.40 9.52  ? 3   DA  A OP2   1 
ATOM   53  O  "O5'" A DA  A 1 3  ? -2.267  12.879  2.302   0.60 4.49  ? 3   DA  A "O5'" 1 
ATOM   54  O  "O5'" B DA  A 1 3  ? -2.236  13.315  2.358   0.40 8.06  ? 3   DA  A "O5'" 1 
ATOM   55  C  "C5'" A DA  A 1 3  ? -1.211  13.704  2.809   0.60 5.80  ? 3   DA  A "C5'" 1 
ATOM   56  C  "C5'" B DA  A 1 3  ? -1.080  13.895  2.885   0.40 7.61  ? 3   DA  A "C5'" 1 
ATOM   57  C  "C4'" . DA  A 1 3  ? 0.158   13.133  2.441   1.00 6.05  ? 3   DA  A "C4'" 1 
ATOM   58  O  "O4'" . DA  A 1 3  ? 0.347   11.852  3.111   1.00 6.06  ? 3   DA  A "O4'" 1 
ATOM   59  C  "C3'" . DA  A 1 3  ? 0.284   12.811  0.957   1.00 5.84  ? 3   DA  A "C3'" 1 
ATOM   60  O  "O3'" . DA  A 1 3  ? 1.651   13.005  0.598   1.00 5.46  ? 3   DA  A "O3'" 1 
ATOM   61  C  "C2'" . DA  A 1 3  ? -0.156  11.352  0.848   1.00 5.44  ? 3   DA  A "C2'" 1 
ATOM   62  C  "C1'" . DA  A 1 3  ? 0.283   10.740  2.162   1.00 5.31  ? 3   DA  A "C1'" 1 
ATOM   63  N  N9    . DA  A 1 3  ? -0.632  9.801   2.762   1.00 4.91  ? 3   DA  A N9    1 
ATOM   64  C  C8    . DA  A 1 3  ? -2.002  9.790   2.660   1.00 5.20  ? 3   DA  A C8    1 
ATOM   65  N  N7    . DA  A 1 3  ? -2.572  8.924   3.471   1.00 4.96  ? 3   DA  A N7    1 
ATOM   66  C  C5    . DA  A 1 3  ? -1.521  8.341   4.161   1.00 4.55  ? 3   DA  A C5    1 
ATOM   67  C  C6    . DA  A 1 3  ? -1.479  7.363   5.176   1.00 4.65  ? 3   DA  A C6    1 
ATOM   68  N  N6    . DA  A 1 3  ? -2.571  6.783   5.698   1.00 5.27  ? 3   DA  A N6    1 
ATOM   69  N  N1    . DA  A 1 3  ? -0.255  6.992   5.621   1.00 4.95  ? 3   DA  A N1    1 
ATOM   70  C  C2    . DA  A 1 3  ? 0.838   7.588   5.110   1.00 5.39  ? 3   DA  A C2    1 
ATOM   71  N  N3    . DA  A 1 3  ? 0.907   8.538   4.174   1.00 5.15  ? 3   DA  A N3    1 
ATOM   72  C  C4    . DA  A 1 3  ? -0.319  8.872   3.730   1.00 4.64  ? 3   DA  A C4    1 
ATOM   73  P  P     . DG  A 1 4  ? 2.137   13.031  -0.911  1.00 5.64  ? 4   DG  A P     1 
ATOM   74  O  OP1   . DG  A 1 4  ? 3.480   13.661  -0.879  1.00 6.34  ? 4   DG  A OP1   1 
ATOM   75  O  OP2   . DG  A 1 4  ? 1.070   13.587  -1.783  1.00 6.57  ? 4   DG  A OP2   1 
ATOM   76  O  "O5'" . DG  A 1 4  ? 2.277   11.497  -1.302  1.00 5.82  ? 4   DG  A "O5'" 1 
ATOM   77  C  "C5'" . DG  A 1 4  ? 3.328   10.743  -0.731  1.00 6.20  ? 4   DG  A "C5'" 1 
ATOM   78  C  "C4'" . DG  A 1 4  ? 3.084   9.267   -0.948  1.00 6.41  ? 4   DG  A "C4'" 1 
ATOM   79  O  "O4'" . DG  A 1 4  ? 2.025   8.846   -0.068  1.00 6.10  ? 4   DG  A "O4'" 1 
ATOM   80  C  "C3'" A DG  A 1 4  ? 2.688   8.871   -2.364  0.70 6.59  ? 4   DG  A "C3'" 1 
ATOM   81  C  "C3'" B DG  A 1 4  ? 2.616   8.898   -2.373  0.30 6.32  ? 4   DG  A "C3'" 1 
ATOM   82  O  "O3'" A DG  A 1 4  ? 3.492   7.770   -2.692  0.70 7.66  ? 4   DG  A "O3'" 1 
ATOM   83  O  "O3'" B DG  A 1 4  ? 3.294   7.776   -2.948  0.30 5.60  ? 4   DG  A "O3'" 1 
ATOM   84  C  "C2'" A DG  A 1 4  ? 1.234   8.428   -2.207  0.70 6.36  ? 4   DG  A "C2'" 1 
ATOM   85  C  "C2'" B DG  A 1 4  ? 1.160   8.506   -2.165  0.30 6.12  ? 4   DG  A "C2'" 1 
ATOM   86  C  "C1'" . DG  A 1 4  ? 1.313   7.885   -0.787  1.00 5.57  ? 4   DG  A "C1'" 1 
ATOM   87  N  N9    . DG  A 1 4  ? 0.050   7.571   -0.137  1.00 5.47  ? 4   DG  A N9    1 
ATOM   88  C  C8    . DG  A 1 4  ? -1.214  8.004   -0.447  1.00 5.85  ? 4   DG  A C8    1 
ATOM   89  N  N7    . DG  A 1 4  ? -2.135  7.469   0.302   1.00 5.94  ? 4   DG  A N7    1 
ATOM   90  C  C5    . DG  A 1 4  ? -1.439  6.629   1.158   1.00 5.33  ? 4   DG  A C5    1 
ATOM   91  C  C6    . DG  A 1 4  ? -1.878  5.767   2.190   1.00 5.00  ? 4   DG  A C6    1 
ATOM   92  O  O6    . DG  A 1 4  ? -3.038  5.560   2.584   1.00 5.62  ? 4   DG  A O6    1 
ATOM   93  N  N1    . DG  A 1 4  ? -0.825  5.090   2.804   1.00 5.17  ? 4   DG  A N1    1 
ATOM   94  C  C2    . DG  A 1 4  ? 0.494   5.235   2.474   1.00 5.33  ? 4   DG  A C2    1 
ATOM   95  N  N2    . DG  A 1 4  ? 1.352   4.512   3.187   1.00 6.43  ? 4   DG  A N2    1 
ATOM   96  N  N3    . DG  A 1 4  ? 0.930   6.035   1.512   1.00 5.47  ? 4   DG  A N3    1 
ATOM   97  C  C4    . DG  A 1 4  ? -0.091  6.688   0.903   1.00 5.22  ? 4   DG  A C4    1 
ATOM   98  P  P     A DG  A 1 5  ? 4.378   7.752   -3.998  0.70 5.81  ? 5   DG  A P     1 
ATOM   99  P  P     B DG  A 1 5  ? 4.669   7.982   -3.723  0.30 5.46  ? 5   DG  A P     1 
ATOM   100 O  OP1   A DG  A 1 5  ? 5.263   8.933   -4.046  0.70 6.81  ? 5   DG  A OP1   1 
ATOM   101 O  OP1   B DG  A 1 5  ? 5.312   9.208   -3.204  0.30 6.02  ? 5   DG  A OP1   1 
ATOM   102 O  OP2   A DG  A 1 5  ? 3.524   7.477   -5.177  0.70 9.21  ? 5   DG  A OP2   1 
ATOM   103 O  OP2   B DG  A 1 5  ? 4.384   7.874   -5.172  0.30 6.55  ? 5   DG  A OP2   1 
ATOM   104 O  "O5'" A DG  A 1 5  ? 5.222   6.445   -3.674  0.70 6.12  ? 5   DG  A "O5'" 1 
ATOM   105 O  "O5'" B DG  A 1 5  ? 5.538   6.709   -3.308  0.30 6.34  ? 5   DG  A "O5'" 1 
ATOM   106 C  "C5'" A DG  A 1 5  ? 6.103   6.427   -2.565  0.70 6.56  ? 5   DG  A "C5'" 1 
ATOM   107 C  "C5'" B DG  A 1 5  ? 6.046   6.540   -1.994  0.30 6.50  ? 5   DG  A "C5'" 1 
ATOM   108 C  "C4'" A DG  A 1 5  ? 6.027   5.088   -1.863  0.70 6.68  ? 5   DG  A "C4'" 1 
ATOM   109 C  "C4'" B DG  A 1 5  ? 5.906   5.083   -1.597  0.30 6.89  ? 5   DG  A "C4'" 1 
ATOM   110 O  "O4'" A DG  A 1 5  ? 4.753   4.950   -1.184  0.70 7.10  ? 5   DG  A "O4'" 1 
ATOM   111 O  "O4'" B DG  A 1 5  ? 4.557   4.864   -1.122  0.30 7.49  ? 5   DG  A "O4'" 1 
ATOM   112 C  "C3'" A DG  A 1 5  ? 6.148   3.884   -2.789  0.70 6.83  ? 5   DG  A "C3'" 1 
ATOM   113 C  "C3'" B DG  A 1 5  ? 6.149   4.075   -2.724  0.30 6.90  ? 5   DG  A "C3'" 1 
ATOM   114 O  "O3'" A DG  A 1 5  ? 6.883   2.915   -2.069  0.70 8.07  ? 5   DG  A "O3'" 1 
ATOM   115 O  "O3'" B DG  A 1 5  ? 7.067   3.087   -2.277  0.30 7.10  ? 5   DG  A "O3'" 1 
ATOM   116 C  "C2'" A DG  A 1 5  ? 4.699   3.475   -3.010  0.70 6.97  ? 5   DG  A "C2'" 1 
ATOM   117 C  "C2'" B DG  A 1 5  ? 4.766   3.503   -3.044  0.30 7.15  ? 5   DG  A "C2'" 1 
ATOM   118 C  "C1'" A DG  A 1 5  ? 4.132   3.754   -1.626  0.70 6.13  ? 5   DG  A "C1'" 1 
ATOM   119 C  "C1'" B DG  A 1 5  ? 3.990   3.731   -1.749  0.30 7.14  ? 5   DG  A "C1'" 1 
ATOM   120 N  N9    A DG  A 1 5  ? 2.695   3.970   -1.610  0.70 5.95  ? 5   DG  A N9    1 
ATOM   121 N  N9    B DG  A 1 5  ? 2.562   4.015   -1.900  0.30 6.80  ? 5   DG  A N9    1 
ATOM   122 C  C8    A DG  A 1 5  ? 1.975   4.842   -2.397  0.70 6.10  ? 5   DG  A C8    1 
ATOM   123 C  C8    B DG  A 1 5  ? 1.957   4.817   -2.840  0.30 6.68  ? 5   DG  A C8    1 
ATOM   124 N  N7    A DG  A 1 5  ? 0.696   4.823   -2.140  0.70 5.97  ? 5   DG  A N7    1 
ATOM   125 N  N7    B DG  A 1 5  ? 0.664   4.886   -2.709  0.30 6.89  ? 5   DG  A N7    1 
ATOM   126 C  C5    A DG  A 1 5  ? 0.566   3.889   -1.127  0.70 4.68  ? 5   DG  A C5    1 
ATOM   127 C  C5    B DG  A 1 5  ? 0.393   4.093   -1.604  0.30 6.76  ? 5   DG  A C5    1 
ATOM   128 C  C6    A DG  A 1 5  ? -0.602  3.448   -0.445  0.70 4.38  ? 5   DG  A C6    1 
ATOM   129 C  C6    B DG  A 1 5  ? -0.842  3.787   -0.987  0.30 6.98  ? 5   DG  A C6    1 
ATOM   130 O  O6    A DG  A 1 5  ? -1.775  3.828   -0.590  0.70 5.47  ? 5   DG  A O6    1 
ATOM   131 O  O6    B DG  A 1 5  ? -1.967  4.184   -1.306  0.30 7.61  ? 5   DG  A O6    1 
ATOM   132 N  N1    A DG  A 1 5  ? -0.300  2.480   0.506   0.70 4.73  ? 5   DG  A N1    1 
ATOM   133 N  N1    B DG  A 1 5  ? -0.686  2.940   0.108   0.30 6.36  ? 5   DG  A N1    1 
ATOM   134 C  C2    A DG  A 1 5  ? 0.964   2.012   0.781   0.70 5.31  ? 5   DG  A C2    1 
ATOM   135 C  C2    B DG  A 1 5  ? 0.518   2.444   0.552   0.30 6.39  ? 5   DG  A C2    1 
ATOM   136 N  N2    A DG  A 1 5  ? 1.081   1.077   1.730   0.70 6.33  ? 5   DG  A N2    1 
ATOM   137 N  N2    B DG  A 1 5  ? 0.460   1.645   1.625   0.30 7.25  ? 5   DG  A N2    1 
ATOM   138 N  N3    A DG  A 1 5  ? 2.057   2.425   0.158   0.70 5.81  ? 5   DG  A N3    1 
ATOM   139 N  N3    B DG  A 1 5  ? 1.686   2.724   -0.019  0.30 6.24  ? 5   DG  A N3    1 
ATOM   140 C  C4    A DG  A 1 5  ? 1.785   3.364   -0.778  0.70 4.78  ? 5   DG  A C4    1 
ATOM   141 C  C4    B DG  A 1 5  ? 1.550   3.551   -1.089  0.30 6.44  ? 5   DG  A C4    1 
ATOM   142 P  P     A DC  A 1 6  ? 7.196   1.440   -2.602  0.70 7.98  ? 6   DC  A P     1 
ATOM   143 P  P     B DC  A 1 6  ? 7.447   1.808   -3.161  0.30 7.24  ? 6   DC  A P     1 
ATOM   144 O  OP1   A DC  A 1 6  ? 8.604   1.212   -2.226  0.70 8.05  ? 6   DC  A OP1   1 
ATOM   145 O  OP1   B DC  A 1 6  ? 8.788   1.357   -2.743  0.30 8.08  ? 6   DC  A OP1   1 
ATOM   146 O  OP2   A DC  A 1 6  ? 6.767   1.270   -4.008  0.70 9.51  ? 6   DC  A OP2   1 
ATOM   147 O  OP2   B DC  A 1 6  ? 7.204   2.093   -4.587  0.30 7.26  ? 6   DC  A OP2   1 
ATOM   148 O  "O5'" A DC  A 1 6  ? 6.254   0.506   -1.722  0.70 8.07  ? 6   DC  A "O5'" 1 
ATOM   149 O  "O5'" B DC  A 1 6  ? 6.389   0.725   -2.668  0.30 6.65  ? 6   DC  A "O5'" 1 
ATOM   150 C  "C5'" A DC  A 1 6  ? 6.441   0.475   -0.321  0.70 7.51  ? 6   DC  A "C5'" 1 
ATOM   151 C  "C5'" B DC  A 1 6  ? 6.322   0.281   -1.314  0.30 6.59  ? 6   DC  A "C5'" 1 
ATOM   152 C  "C4'" A DC  A 1 6  ? 5.533   -0.555  0.327   0.70 7.19  ? 6   DC  A "C4'" 1 
ATOM   153 C  "C4'" B DC  A 1 6  ? 5.240   -0.781  -1.233  0.30 6.92  ? 6   DC  A "C4'" 1 
ATOM   154 O  "O4'" A DC  A 1 6  ? 4.139   -0.214  0.147   0.70 6.78  ? 6   DC  A "O4'" 1 
ATOM   155 O  "O4'" B DC  A 1 6  ? 3.951   -0.128  -1.379  0.30 7.38  ? 6   DC  A "O4'" 1 
ATOM   156 C  "C3'" A DC  A 1 6  ? 5.698   -1.953  -0.245  0.70 6.30  ? 6   DC  A "C3'" 1 
ATOM   157 C  "C3'" B DC  A 1 6  ? 5.308   -1.819  -2.353  0.30 7.13  ? 6   DC  A "C3'" 1 
ATOM   158 O  "O3'" A DC  A 1 6  ? 5.719   -2.853  0.854   0.70 6.94  ? 6   DC  A "O3'" 1 
ATOM   159 O  "O3'" B DC  A 1 6  ? 4.878   -3.097  -1.893  0.30 7.41  ? 6   DC  A "O3'" 1 
ATOM   160 C  "C2'" A DC  A 1 6  ? 4.502   -2.122  -1.190  0.70 5.82  ? 6   DC  A "C2'" 1 
ATOM   161 C  "C2'" B DC  A 1 6  ? 4.333   -1.241  -3.375  0.30 7.71  ? 6   DC  A "C2'" 1 
ATOM   162 C  "C1'" A DC  A 1 6  ? 3.443   -1.276  -0.519  0.70 5.92  ? 6   DC  A "C1'" 1 
ATOM   163 C  "C1'" B DC  A 1 6  ? 3.242   -0.782  -2.406  0.30 8.00  ? 6   DC  A "C1'" 1 
ATOM   164 N  N1    A DC  A 1 6  ? 2.475   -0.592  -1.402  0.70 5.56  ? 6   DC  A N1    1 
ATOM   165 N  N1    B DC  A 1 6  ? 2.155   0.112   -2.934  0.30 7.96  ? 6   DC  A N1    1 
ATOM   166 C  C2    A DC  A 1 6  ? 1.095   -0.742  -1.195  0.70 5.30  ? 6   DC  A C2    1 
ATOM   167 C  C2    B DC  A 1 6  ? 0.862   -0.032  -2.404  0.30 7.71  ? 6   DC  A C2    1 
ATOM   168 O  O2    A DC  A 1 6  ? 0.692   -1.517  -0.319  0.70 6.77  ? 6   DC  A O2    1 
ATOM   169 O  O2    B DC  A 1 6  ? 0.657   -0.885  -1.533  0.30 8.11  ? 6   DC  A O2    1 
ATOM   170 N  N3    A DC  A 1 6  ? 0.241   -0.031  -1.985  0.70 5.63  ? 6   DC  A N3    1 
ATOM   171 N  N3    B DC  A 1 6  ? -0.135  0.768   -2.863  0.30 8.03  ? 6   DC  A N3    1 
ATOM   172 C  C4    A DC  A 1 6  ? 0.710   0.783   -2.939  0.70 5.59  ? 6   DC  A C4    1 
ATOM   173 C  C4    B DC  A 1 6  ? 0.118   1.685   -3.804  0.30 7.66  ? 6   DC  A C4    1 
ATOM   174 N  N4    A DC  A 1 6  ? -0.156  1.473   -3.688  0.70 5.93  ? 6   DC  A N4    1 
ATOM   175 N  N4    B DC  A 1 6  ? -0.889  2.452   -4.232  0.30 8.42  ? 6   DC  A N4    1 
ATOM   176 C  C5    A DC  A 1 6  ? 2.114   0.943   -3.158  0.70 6.09  ? 6   DC  A C5    1 
ATOM   177 C  C5    B DC  A 1 6  ? 1.426   1.847   -4.360  0.30 8.25  ? 6   DC  A C5    1 
ATOM   178 C  C6    A DC  A 1 6  ? 2.946   0.248   -2.373  0.70 5.82  ? 6   DC  A C6    1 
ATOM   179 C  C6    B DC  A 1 6  ? 2.403   1.052   -3.898  0.30 7.98  ? 6   DC  A C6    1 
ATOM   180 P  P     A DC  A 1 7  ? 6.167   -4.371  0.688   0.70 7.08  ? 7   DC  A P     1 
ATOM   181 P  P     B DC  A 1 7  ? 5.915   -4.219  -1.417  0.30 7.61  ? 7   DC  A P     1 
ATOM   182 O  OP1   A DC  A 1 7  ? 6.528   -4.860  2.045   0.70 9.30  ? 7   DC  A OP1   1 
ATOM   183 O  OP1   B DC  A 1 7  ? 6.732   -3.653  -0.320  0.30 9.73  ? 7   DC  A OP1   1 
ATOM   184 O  OP2   A DC  A 1 7  ? 7.160   -4.483  -0.395  0.70 8.44  ? 7   DC  A OP2   1 
ATOM   185 O  OP2   B DC  A 1 7  ? 6.565   -4.794  -2.616  0.30 7.91  ? 7   DC  A OP2   1 
ATOM   186 O  "O5'" A DC  A 1 7  ? 4.850   -5.113  0.200   0.70 6.88  ? 7   DC  A "O5'" 1 
ATOM   187 O  "O5'" B DC  A 1 7  ? 4.928   -5.314  -0.809  0.30 6.97  ? 7   DC  A "O5'" 1 
ATOM   188 C  "C5'" A DC  A 1 7  ? 3.728   -5.148  1.052   0.70 6.60  ? 7   DC  A "C5'" 1 
ATOM   189 C  "C5'" B DC  A 1 7  ? 4.217   -5.071  0.406   0.30 6.82  ? 7   DC  A "C5'" 1 
ATOM   190 C  "C4'" A DC  A 1 7  ? 2.515   -5.582  0.266   0.70 6.54  ? 7   DC  A "C4'" 1 
ATOM   191 C  "C4'" B DC  A 1 7  ? 2.753   -5.456  0.275   0.30 6.08  ? 7   DC  A "C4'" 1 
ATOM   192 O  "O4'" . DC  A 1 7  ? 2.141   -4.573  -0.689  1.00 6.65  ? 7   DC  A "O4'" 1 
ATOM   193 C  "C3'" A DC  A 1 7  ? 2.707   -6.844  -0.573  0.70 6.95  ? 7   DC  A "C3'" 1 
ATOM   194 C  "C3'" B DC  A 1 7  ? 2.468   -6.877  -0.203  0.30 5.87  ? 7   DC  A "C3'" 1 
ATOM   195 O  "O3'" A DC  A 1 7  ? 2.200   -7.909  0.187   0.70 7.06  ? 7   DC  A "O3'" 1 
ATOM   196 O  "O3'" B DC  A 1 7  ? 1.614   -7.507  0.778   0.30 5.47  ? 7   DC  A "O3'" 1 
ATOM   197 C  "C2'" A DC  A 1 7  ? 1.881   -6.621  -1.835  0.70 7.40  ? 7   DC  A "C2'" 1 
ATOM   198 C  "C2'" B DC  A 1 7  ? 1.854   -6.684  -1.611  0.30 6.60  ? 7   DC  A "C2'" 1 
ATOM   199 C  "C1'" . DC  A 1 7  ? 1.261   -5.272  -1.565  1.00 6.80  ? 7   DC  A "C1'" 1 
ATOM   200 N  N1    . DC  A 1 7  ? 1.158   -4.371  -2.748  1.00 7.30  ? 7   DC  A N1    1 
ATOM   201 C  C2    . DC  A 1 7  ? -0.094  -3.897  -3.143  1.00 6.77  ? 7   DC  A C2    1 
ATOM   202 O  O2    . DC  A 1 7  ? -1.119  -4.323  -2.598  1.00 7.39  ? 7   DC  A O2    1 
ATOM   203 N  N3    . DC  A 1 7  ? -0.150  -2.975  -4.131  1.00 6.28  ? 7   DC  A N3    1 
ATOM   204 C  C4    . DC  A 1 7  ? 0.962   -2.546  -4.726  1.00 6.78  ? 7   DC  A C4    1 
ATOM   205 N  N4    . DC  A 1 7  ? 0.849   -1.626  -5.672  1.00 7.23  ? 7   DC  A N4    1 
ATOM   206 C  C5    . DC  A 1 7  ? 2.251   -3.009  -4.347  1.00 7.71  ? 7   DC  A C5    1 
ATOM   207 C  C6    . DC  A 1 7  ? 2.293   -3.901  -3.351  1.00 7.93  ? 7   DC  A C6    1 
ATOM   208 P  P     A DT  A 1 8  ? 2.263   -9.431  -0.270  0.70 7.77  ? 8   DT  A P     1 
ATOM   209 P  P     B DT  A 1 8  ? 1.480   -9.096  0.927   0.30 5.20  ? 8   DT  A P     1 
ATOM   210 O  OP1   A DT  A 1 8  ? 2.198   -10.206 0.989   0.70 9.70  ? 8   DT  A OP1   1 
ATOM   211 O  OP1   B DT  A 1 8  ? 0.838   -9.348  2.242   0.30 6.90  ? 8   DT  A OP1   1 
ATOM   212 O  OP2   A DT  A 1 8  ? 3.388   -9.661  -1.208  0.70 9.10  ? 8   DT  A OP2   1 
ATOM   213 O  OP2   B DT  A 1 8  ? 2.784   -9.737  0.634   0.30 6.08  ? 8   DT  A OP2   1 
ATOM   214 O  "O5'" A DT  A 1 8  ? 0.924   -9.643  -1.089  0.70 6.53  ? 8   DT  A "O5'" 1 
ATOM   215 O  "O5'" B DT  A 1 8  ? 0.449   -9.495  -0.230  0.30 4.94  ? 8   DT  A "O5'" 1 
ATOM   216 C  "C5'" A DT  A 1 8  ? -0.317  -9.485  -0.433  0.70 6.36  ? 8   DT  A "C5'" 1 
ATOM   217 C  "C5'" B DT  A 1 8  ? -0.947  -9.273  -0.099  0.30 5.08  ? 8   DT  A "C5'" 1 
ATOM   218 C  "C4'" A DT  A 1 8  ? -1.440  -9.577  -1.435  0.70 6.15  ? 8   DT  A "C4'" 1 
ATOM   219 C  "C4'" B DT  A 1 8  ? -1.662  -9.516  -1.429  0.30 5.27  ? 8   DT  A "C4'" 1 
ATOM   220 O  "O4'" . DT  A 1 8  ? -1.374  -8.442  -2.339  1.00 5.43  ? 8   DT  A "O4'" 1 
ATOM   221 C  "C3'" A DT  A 1 8  ? -1.314  -10.845 -2.277  0.70 6.38  ? 8   DT  A "C3'" 1 
ATOM   222 C  "C3'" B DT  A 1 8  ? -1.344  -10.783 -2.241  0.30 5.94  ? 8   DT  A "C3'" 1 
ATOM   223 O  "O3'" . DT  A 1 8  ? -2.581  -11.397 -2.542  1.00 6.08  ? 8   DT  A "O3'" 1 
ATOM   224 C  "C2'" . DT  A 1 8  ? -0.706  -10.308 -3.554  1.00 6.24  ? 8   DT  A "C2'" 1 
ATOM   225 C  "C1'" . DT  A 1 8  ? -1.423  -8.982  -3.664  1.00 4.93  ? 8   DT  A "C1'" 1 
ATOM   226 N  N1    . DT  A 1 8  ? -0.864  -7.972  -4.559  1.00 4.89  ? 8   DT  A N1    1 
ATOM   227 C  C2    . DT  A 1 8  ? -1.746  -7.053  -5.082  1.00 4.82  ? 8   DT  A C2    1 
ATOM   228 O  O2    . DT  A 1 8  ? -2.952  -7.071  -4.867  1.00 5.30  ? 8   DT  A O2    1 
ATOM   229 N  N3    . DT  A 1 8  ? -1.183  -6.097  -5.886  1.00 4.86  ? 8   DT  A N3    1 
ATOM   230 C  C4    . DT  A 1 8  ? 0.158   -5.969  -6.187  1.00 4.79  ? 8   DT  A C4    1 
ATOM   231 O  O4    . DT  A 1 8  ? 0.524   -5.045  -6.914  1.00 5.48  ? 8   DT  A O4    1 
ATOM   232 C  C5    . DT  A 1 8  ? 1.039   -6.958  -5.609  1.00 4.82  ? 8   DT  A C5    1 
ATOM   233 C  C7    . DT  A 1 8  ? 2.517   -6.907  -5.893  1.00 6.27  ? 8   DT  A C7    1 
ATOM   234 C  C6    . DT  A 1 8  ? 0.498   -7.911  -4.827  1.00 5.01  ? 8   DT  A C6    1 
ATOM   235 P  P     . DG  A 1 9  ? -3.101  -12.614 -1.663  1.00 6.35  ? 9   DG  A P     1 
ATOM   236 O  OP1   . DG  A 1 9  ? -2.892  -12.328 -0.220  1.00 7.93  ? 9   DG  A OP1   1 
ATOM   237 O  OP2   . DG  A 1 9  ? -2.561  -13.876 -2.220  1.00 7.74  ? 9   DG  A OP2   1 
ATOM   238 O  "O5'" . DG  A 1 9  ? -4.644  -12.553 -2.041  1.00 6.66  ? 9   DG  A "O5'" 1 
ATOM   239 C  "C5'" . DG  A 1 9  ? -5.464  -11.520 -1.507  1.00 6.66  ? 9   DG  A "C5'" 1 
ATOM   240 C  "C4'" . DG  A 1 9  ? -6.628  -11.260 -2.449  1.00 6.45  ? 9   DG  A "C4'" 1 
ATOM   241 O  "O4'" . DG  A 1 9  ? -6.167  -10.554 -3.624  1.00 6.89  ? 9   DG  A "O4'" 1 
ATOM   242 C  "C3'" A DG  A 1 9  ? -7.523  -12.361 -2.999  0.40 7.11  ? 9   DG  A "C3'" 1 
ATOM   243 C  "C3'" B DG  A 1 9  ? -7.210  -12.578 -2.969  0.60 5.53  ? 9   DG  A "C3'" 1 
ATOM   244 O  "O3'" A DG  A 1 9  ? -8.857  -11.783 -3.103  0.40 7.20  ? 9   DG  A "O3'" 1 
ATOM   245 O  "O3'" B DG  A 1 9  ? -8.628  -12.435 -2.995  0.60 5.55  ? 9   DG  A "O3'" 1 
ATOM   246 C  "C2'" A DG  A 1 9  ? -6.852  -12.710 -4.340  0.40 7.30  ? 9   DG  A "C2'" 1 
ATOM   247 C  "C2'" B DG  A 1 9  ? -6.586  -12.784 -4.352  0.60 5.87  ? 9   DG  A "C2'" 1 
ATOM   248 C  "C1'" . DG  A 1 9  ? -6.287  -11.371 -4.818  1.00 6.14  ? 9   DG  A "C1'" 1 
ATOM   249 N  N9    . DG  A 1 9  ? -4.966  -11.279 -5.461  1.00 5.78  ? 9   DG  A N9    1 
ATOM   250 C  C8    . DG  A 1 9  ? -3.847  -12.068 -5.279  1.00 6.29  ? 9   DG  A C8    1 
ATOM   251 N  N7    . DG  A 1 9  ? -2.793  -11.635 -5.924  1.00 6.03  ? 9   DG  A N7    1 
ATOM   252 C  C5    . DG  A 1 9  ? -3.231  -10.461 -6.528  1.00 5.13  ? 9   DG  A C5    1 
ATOM   253 C  C6    . DG  A 1 9  ? -2.537  -9.526  -7.325  1.00 5.23  ? 9   DG  A C6    1 
ATOM   254 O  O6    . DG  A 1 9  ? -1.336  -9.551  -7.634  1.00 5.61  ? 9   DG  A O6    1 
ATOM   255 N  N1    . DG  A 1 9  ? -3.348  -8.489  -7.776  1.00 4.92  ? 9   DG  A N1    1 
ATOM   256 C  C2    . DG  A 1 9  ? -4.678  -8.348  -7.446  1.00 5.04  ? 9   DG  A C2    1 
ATOM   257 N  N2    . DG  A 1 9  ? -5.314  -7.294  -7.972  1.00 5.87  ? 9   DG  A N2    1 
ATOM   258 N  N3    . DG  A 1 9  ? -5.334  -9.195  -6.662  1.00 5.21  ? 9   DG  A N3    1 
ATOM   259 C  C4    . DG  A 1 9  ? -4.560  -10.226 -6.245  1.00 5.18  ? 9   DG  A C4    1 
ATOM   260 P  P     A DG  A 1 10 ? -10.147 -12.663 -3.455  0.40 8.02  ? 10  DG  A P     1 
ATOM   261 P  P     B DG  A 1 10 ? -9.640  -13.484 -3.628  0.60 5.49  ? 10  DG  A P     1 
ATOM   262 O  OP1   A DG  A 1 10 ? -11.348 -12.037 -2.855  0.40 8.56  ? 10  DG  A OP1   1 
ATOM   263 O  OP1   B DG  A 1 10 ? -10.924 -13.261 -2.909  0.60 6.64  ? 10  DG  A OP1   1 
ATOM   264 O  OP2   A DG  A 1 10 ? -9.815  -14.063 -3.118  0.40 9.08  ? 10  DG  A OP2   1 
ATOM   265 O  OP2   B DG  A 1 10 ? -9.052  -14.838 -3.637  0.60 6.17  ? 10  DG  A OP2   1 
ATOM   266 O  "O5'" A DG  A 1 10 ? -10.261 -12.512 -5.034  0.40 7.65  ? 10  DG  A "O5'" 1 
ATOM   267 O  "O5'" B DG  A 1 10 ? -9.814  -13.028 -5.135  0.60 5.88  ? 10  DG  A "O5'" 1 
ATOM   268 C  "C5'" A DG  A 1 10 ? -10.570 -11.244 -5.585  0.40 7.66  ? 10  DG  A "C5'" 1 
ATOM   269 C  "C5'" B DG  A 1 10 ? -10.310 -11.723 -5.423  0.60 6.80  ? 10  DG  A "C5'" 1 
ATOM   270 C  "C4'" A DG  A 1 10 ? -10.283 -11.269 -7.065  0.40 7.17  ? 10  DG  A "C4'" 1 
ATOM   271 C  "C4'" B DG  A 1 10 ? -10.248 -11.404 -6.901  0.60 6.64  ? 10  DG  A "C4'" 1 
ATOM   272 O  "O4'" . DG  A 1 10 ? -8.852  -11.271 -7.260  1.00 6.51  ? 10  DG  A "O4'" 1 
ATOM   273 C  "C3'" . DG  A 1 10 ? -10.809 -12.495 -7.806  1.00 6.70  ? 10  DG  A "C3'" 1 
ATOM   274 O  "O3'" . DG  A 1 10 ? -11.641 -11.997 -8.829  1.00 8.71  ? 10  DG  A "O3'" 1 
ATOM   275 C  "C2'" . DG  A 1 10 ? -9.575  -13.140 -8.436  1.00 6.50  ? 10  DG  A "C2'" 1 
ATOM   276 C  "C1'" . DG  A 1 10 ? -8.606  -11.972 -8.462  1.00 5.24  ? 10  DG  A "C1'" 1 
ATOM   277 N  N9    . DG  A 1 10 ? -7.201  -12.334 -8.492  1.00 5.22  ? 10  DG  A N9    1 
ATOM   278 C  C8    . DG  A 1 10 ? -6.564  -13.406 -7.912  1.00 5.46  ? 10  DG  A C8    1 
ATOM   279 N  N7    . DG  A 1 10 ? -5.277  -13.420 -8.132  1.00 5.19  ? 10  DG  A N7    1 
ATOM   280 C  C5    . DG  A 1 10 ? -5.054  -12.297 -8.905  1.00 4.74  ? 10  DG  A C5    1 
ATOM   281 C  C6    . DG  A 1 10 ? -3.858  -11.790 -9.484  1.00 4.74  ? 10  DG  A C6    1 
ATOM   282 O  O6    . DG  A 1 10 ? -2.712  -12.240 -9.384  1.00 5.54  ? 10  DG  A O6    1 
ATOM   283 N  N1    . DG  A 1 10 ? -4.087  -10.633 -10.237 1.00 4.92  ? 10  DG  A N1    1 
ATOM   284 C  C2    . DG  A 1 10 ? -5.308  -10.024 -10.388 1.00 4.64  ? 10  DG  A C2    1 
ATOM   285 N  N2    . DG  A 1 10 ? -5.343  -8.911  -11.130 1.00 5.80  ? 10  DG  A N2    1 
ATOM   286 N  N3    . DG  A 1 10 ? -6.429  -10.487 -9.842  1.00 4.84  ? 10  DG  A N3    1 
ATOM   287 C  C4    . DG  A 1 10 ? -6.226  -11.622 -9.142  1.00 4.62  ? 10  DG  A C4    1 
HETATM 288 MG MG    . MG  B 2 .  ? -6.329  8.102   1.455   0.90 7.77  ? 21  MG  A MG    1 
HETATM 289 MG MG    A MG  C 2 .  ? 1.438   -13.006 -6.627  0.50 5.65  ? 22  MG  A MG    1 
HETATM 290 MG MG    B MG  C 2 .  ? 2.184   -15.957 -9.465  0.30 8.61  ? 22  MG  A MG    1 
HETATM 291 MG MG    B MG  D 2 .  ? 3.339   -13.979 0.702   0.50 6.19  ? 23  MG  A MG    1 
HETATM 292 MG MG    A MG  E 2 .  ? 4.677   1.563   3.914   0.30 8.45  ? 24  MG  A MG    1 
HETATM 293 MG MG    B MG  E 2 .  ? 5.644   3.913   4.818   0.25 6.45  ? 24  MG  A MG    1 
HETATM 294 MG MG    C MG  E 2 .  ? 5.791   5.069   4.267   0.30 7.90  ? 24  MG  A MG    1 
HETATM 295 MG MG    A MG  F 2 .  ? -0.697  15.633  9.415   0.40 6.01  ? 25  MG  A MG    1 
HETATM 296 RB RB    A RB  G 3 .  ? -1.721  -14.989 -9.390  0.15 8.73  ? 101 RB  A RB    1 
HETATM 297 RB RB    B RB  H 3 .  ? -0.863  -13.471 -7.260  0.18 11.19 ? 102 RB  A RB    1 
HETATM 298 O  O     . HOH I 4 .  ? 2.789   -10.192 -3.969  1.00 9.17  ? 201 HOH A O     1 
HETATM 299 O  O     . HOH I 4 .  ? -5.421  7.427   5.297   1.00 9.12  ? 202 HOH A O     1 
HETATM 300 O  O     . HOH I 4 .  ? -12.387 -15.134 -1.592  1.00 9.88  ? 203 HOH A O     1 
HETATM 301 O  O     . HOH I 4 .  ? -10.686 -11.817 -0.426  1.00 10.75 ? 204 HOH A O     1 
HETATM 302 O  O     . HOH I 4 .  ? 2.529   -11.574 -10.151 1.00 6.83  ? 205 HOH A O     1 
HETATM 303 O  O     . HOH I 4 .  ? -8.347  -8.479  -8.899  1.00 12.17 ? 206 HOH A O     1 
HETATM 304 O  O     . HOH I 4 .  ? -13.683 -10.715 -7.695  1.00 9.77  ? 207 HOH A O     1 
HETATM 305 O  O     . HOH I 4 .  ? -7.219  9.633   5.073   1.00 11.05 ? 208 HOH A O     1 
HETATM 306 O  O     . HOH I 4 .  ? -6.663  8.655   12.213  1.00 18.57 ? 209 HOH A O     1 
HETATM 307 O  O     . HOH I 4 .  ? -3.488  17.624  7.111   1.00 14.55 ? 210 HOH A O     1 
HETATM 308 O  O     . HOH I 4 .  ? 3.037   -9.784  -8.158  1.00 7.39  ? 211 HOH A O     1 
HETATM 309 O  O     . HOH I 4 .  ? 2.903   -7.487  -9.626  1.00 7.89  ? 212 HOH A O     1 
HETATM 310 O  O     . HOH I 4 .  ? -3.514  11.002  -0.320  1.00 15.35 ? 213 HOH A O     1 
HETATM 311 O  O     . HOH I 4 .  ? -4.718  -15.721 -2.838  1.00 17.58 ? 214 HOH A O     1 
HETATM 312 O  O     . HOH I 4 .  ? -1.389  5.913   -3.715  1.00 16.46 ? 215 HOH A O     1 
HETATM 313 O  O     . HOH I 4 .  ? -14.259 -13.063 -6.438  0.75 9.47  ? 216 HOH A O     1 
HETATM 314 O  O     . HOH I 4 .  ? -0.005  -15.877 2.682   0.75 8.55  ? 217 HOH A O     1 
HETATM 315 O  O     . HOH I 4 .  ? -6.163  6.754   7.908   0.75 12.06 ? 218 HOH A O     1 
HETATM 316 O  O     . HOH I 4 .  ? 0.425   -13.863 -2.474  0.50 8.99  ? 219 HOH A O     1 
HETATM 317 O  O     . HOH I 4 .  ? 0.525   -2.380  2.237   0.50 18.66 ? 220 HOH A O     1 
HETATM 318 O  O     . HOH I 4 .  ? 6.585   9.993   0.209   0.50 13.10 ? 221 HOH A O     1 
HETATM 319 O  O     . HOH I 4 .  ? 9.303   11.697  4.512   0.50 14.03 ? 222 HOH A O     1 
HETATM 320 O  O     . HOH I 4 .  ? 5.060   11.147  2.719   0.50 10.97 ? 223 HOH A O     1 
HETATM 321 O  O     . HOH I 4 .  ? 6.182   -17.114 -1.726  0.50 10.54 ? 224 HOH A O     1 
HETATM 322 O  O     A HOH I 4 .  ? -3.618  -10.250 1.488   0.70 10.67 ? 225 HOH A O     1 
HETATM 323 O  O     B HOH I 4 .  ? -3.581  -11.207 2.078   0.30 9.81  ? 225 HOH A O     1 
HETATM 324 O  O     A HOH I 4 .  ? -2.231  15.141  13.260  0.70 9.13  ? 226 HOH A O     1 
HETATM 325 O  O     B HOH I 4 .  ? -2.389  16.231  13.188  0.25 7.69  ? 226 HOH A O     1 
HETATM 326 O  O     A HOH I 4 .  ? 0.774   12.109  5.840   0.55 6.38  ? 227 HOH A O     1 
HETATM 327 O  O     C HOH I 4 .  ? 0.313   12.580  6.962   0.20 7.66  ? 227 HOH A O     1 
HETATM 328 O  O     A HOH I 4 .  ? 3.599   9.239   3.784   0.70 10.00 ? 228 HOH A O     1 
HETATM 329 O  O     B HOH I 4 .  ? 3.259   10.046  4.518   0.30 10.13 ? 228 HOH A O     1 
HETATM 330 O  O     A HOH I 4 .  ? 3.720   6.300   1.236   0.70 9.01  ? 229 HOH A O     1 
HETATM 331 O  O     B HOH I 4 .  ? 3.746   6.959   2.039   0.30 10.44 ? 229 HOH A O     1 
HETATM 332 O  O     A HOH I 4 .  ? -6.532  9.763   8.845   0.65 16.77 ? 230 HOH A O     1 
HETATM 333 O  O     B HOH I 4 .  ? -6.322  8.932   9.607   0.35 8.68  ? 230 HOH A O     1 
HETATM 334 O  O     A HOH I 4 .  ? 3.249   0.083   -6.597  0.40 9.32  ? 231 HOH A O     1 
HETATM 335 O  O     B HOH I 4 .  ? 3.358   -0.847  -6.828  0.60 10.60 ? 231 HOH A O     1 
HETATM 336 O  O     A HOH I 4 .  ? -4.745  7.312   13.617  0.60 5.68  ? 232 HOH A O     1 
HETATM 337 O  O     B HOH I 4 .  ? -5.308  6.682   13.432  0.40 12.61 ? 232 HOH A O     1 
HETATM 338 O  O     A HOH I 4 .  ? -7.398  -7.530  -5.351  0.60 11.02 ? 233 HOH A O     1 
HETATM 339 O  O     B HOH I 4 .  ? -7.934  -8.345  -6.033  0.40 15.05 ? 233 HOH A O     1 
HETATM 340 O  O     A HOH I 4 .  ? -0.012  11.679  -3.788  0.60 17.48 ? 234 HOH A O     1 
HETATM 341 O  O     B HOH I 4 .  ? -0.857  11.622  -2.790  0.40 14.69 ? 234 HOH A O     1 
HETATM 342 O  O     A HOH I 4 .  ? 8.523   -6.875  -0.537  0.60 17.77 ? 235 HOH A O     1 
HETATM 343 O  O     B HOH I 4 .  ? 7.784   -7.166  -1.408  0.40 14.86 ? 235 HOH A O     1 
HETATM 344 O  O     A HOH I 4 .  ? 2.745   -4.670  -8.499  0.50 7.28  ? 236 HOH A O     1 
HETATM 345 O  O     B HOH I 4 .  ? 2.870   -3.815  -7.920  0.50 9.87  ? 236 HOH A O     1 
HETATM 346 O  O     A HOH I 4 .  ? 4.847   -7.619  -3.078  0.40 14.94 ? 237 HOH A O     1 
HETATM 347 O  O     B HOH I 4 .  ? 5.520   -8.085  -2.588  0.40 13.54 ? 237 HOH A O     1 
HETATM 348 O  O     A HOH I 4 .  ? -1.607  -14.903 -4.580  0.50 12.52 ? 238 HOH A O     1 
HETATM 349 O  O     C HOH I 4 .  ? -1.194  -13.868 -4.657  0.20 7.15  ? 238 HOH A O     1 
HETATM 350 O  O     A HOH I 4 .  ? 7.324   7.132   4.072   0.40 12.65 ? 239 HOH A O     1 
HETATM 351 O  O     B HOH I 4 .  ? 7.797   7.635   4.820   0.30 14.82 ? 239 HOH A O     1 
HETATM 352 O  O     A HOH I 4 .  ? -7.951  -15.962 -3.428  0.25 9.87  ? 240 HOH A O     1 
HETATM 353 O  O     C HOH I 4 .  ? -7.321  -15.892 -1.714  0.40 9.89  ? 240 HOH A O     1 
HETATM 354 O  O     A HOH I 4 .  ? 8.428   2.883   1.861   0.20 10.63 ? 241 HOH A O     1 
HETATM 355 O  O     D HOH I 4 .  ? 6.790   3.883   1.483   0.20 11.14 ? 241 HOH A O     1 
HETATM 356 O  O     . HOH I 4 .  ? 6.682   11.005  5.050   0.25 8.73  ? 242 HOH A O     1 
HETATM 357 O  O     . HOH I 4 .  ? -2.851  8.147   -3.733  0.25 12.76 ? 243 HOH A O     1 
HETATM 358 O  O     . HOH I 4 .  ? 4.562   -2.490  5.211   0.25 8.83  ? 244 HOH A O     1 
HETATM 359 O  O     . HOH I 4 .  ? 8.174   -0.823  3.451   0.25 8.76  ? 245 HOH A O     1 
HETATM 360 O  O     . HOH I 4 .  ? 6.250   -7.856  1.777   0.25 10.48 ? 246 HOH A O     1 
HETATM 361 O  O     . HOH I 4 .  ? -6.590  16.331  6.423   0.25 10.93 ? 247 HOH A O     1 
HETATM 362 O  O     . HOH I 4 .  ? 1.914   -15.921 -3.425  0.25 10.94 ? 248 HOH A O     1 
HETATM 363 O  O     A HOH I 4 .  ? -0.917  -13.454 1.455   0.75 9.80  ? 249 HOH A O     1 
HETATM 364 O  O     B HOH I 4 .  ? 4.585   13.778  1.656   0.75 8.48  ? 250 HOH A O     1 
HETATM 365 O  O     B HOH I 4 .  ? -7.332  12.257  4.027   0.75 16.96 ? 251 HOH A O     1 
HETATM 366 O  O     A HOH I 4 .  ? 5.389   -5.057  -2.877  0.70 13.01 ? 252 HOH A O     1 
HETATM 367 O  O     A HOH I 4 .  ? 1.130   3.047   -5.831  0.70 13.37 ? 253 HOH A O     1 
HETATM 368 O  O     A HOH I 4 .  ? -3.044  3.802   -4.428  0.70 13.04 ? 254 HOH A O     1 
HETATM 369 O  O     A HOH I 4 .  ? -13.419 -12.483 -3.808  0.60 9.08  ? 255 HOH A O     1 
HETATM 370 O  O     A HOH I 4 .  ? 6.167   -8.984  -0.936  0.60 13.90 ? 256 HOH A O     1 
HETATM 371 O  O     A HOH I 4 .  ? 7.377   -7.490  -2.929  0.60 14.34 ? 257 HOH A O     1 
HETATM 372 O  O     A HOH I 4 .  ? -1.981  10.219  -2.626  0.60 14.02 ? 258 HOH A O     1 
HETATM 373 O  O     A HOH I 4 .  ? -3.477  16.491  4.666   0.60 10.84 ? 259 HOH A O     1 
HETATM 374 O  O     A HOH I 4 .  ? 1.037   -15.421 -10.634 0.55 10.52 ? 260 HOH A O     1 
HETATM 375 O  O     C HOH I 4 .  ? 4.400   2.343   1.545   0.50 12.42 ? 261 HOH A O     1 
HETATM 376 O  O     B HOH I 4 .  ? 4.753   -15.162 -2.972  0.50 14.38 ? 262 HOH A O     1 
HETATM 377 O  O     A HOH I 4 .  ? 10.197  -10.112 1.952   0.50 11.56 ? 263 HOH A O     1 
HETATM 378 O  O     B HOH I 4 .  ? 6.501   -6.410  -6.820  0.50 15.61 ? 264 HOH A O     1 
HETATM 379 O  O     A HOH I 4 .  ? 5.146   -4.407  -7.244  0.50 14.17 ? 265 HOH A O     1 
HETATM 380 O  O     A HOH I 4 .  ? 4.463   -12.150 -0.854  0.50 17.37 ? 266 HOH A O     1 
HETATM 381 O  O     A HOH I 4 .  ? 4.777   -14.399 -2.068  0.50 14.20 ? 267 HOH A O     1 
HETATM 382 O  O     D HOH I 4 .  ? 5.013   4.877   6.236   0.40 6.37  ? 268 HOH A O     1 
HETATM 383 O  O     B HOH I 4 .  ? 0.729   -11.225 -6.955  0.35 6.69  ? 269 HOH A O     1 
HETATM 384 O  O     B HOH I 4 .  ? 1.693   -12.709 -4.767  0.35 8.25  ? 270 HOH A O     1 
HETATM 385 O  O     B HOH I 4 .  ? 5.551   -4.088  -5.108  0.30 12.41 ? 271 HOH A O     1 
HETATM 386 O  O     B HOH I 4 .  ? 4.139   -10.605 -1.593  0.30 6.33  ? 272 HOH A O     1 
HETATM 387 O  O     D HOH I 4 .  ? 7.636   4.323   4.085   0.30 9.42  ? 273 HOH A O     1 
HETATM 388 O  O     C HOH I 4 .  ? 3.689   -0.817  2.105   0.30 14.74 ? 274 HOH A O     1 
HETATM 389 O  O     D HOH I 4 .  ? 3.119   2.141   5.312   0.30 6.39  ? 275 HOH A O     1 
HETATM 390 O  O     C HOH I 4 .  ? 5.968   -0.057  4.599   0.30 13.72 ? 276 HOH A O     1 
HETATM 391 O  O     A HOH I 4 .  ? 3.440   -16.057 -10.973 0.30 11.91 ? 277 HOH A O     1 
HETATM 392 O  O     B HOH I 4 .  ? 9.951   -5.272  0.611   0.25 7.91  ? 278 HOH A O     1 
HETATM 393 O  O     B HOH I 4 .  ? 4.636   -5.624  -8.807  0.25 10.10 ? 279 HOH A O     1 
HETATM 394 O  O     B HOH I 4 .  ? 2.662   -1.441  3.921   0.25 11.35 ? 280 HOH A O     1 
HETATM 395 O  O     A HOH I 4 .  ? -9.772  8.049   12.160  0.25 11.33 ? 281 HOH A O     1 
HETATM 396 O  O     A HOH I 4 .  ? 0.150   -16.726 -7.629  0.25 11.09 ? 282 HOH A O     1 
HETATM 397 O  O     A HOH I 4 .  ? 1.687   -18.671 -8.602  0.25 11.59 ? 283 HOH A O     1 
HETATM 398 O  O     A HOH I 4 .  ? 6.190   -11.011 2.166   0.25 8.38  ? 284 HOH A O     1 
HETATM 399 O  O     A HOH I 4 .  ? 6.532   6.665   1.319   0.25 15.03 ? 285 HOH A O     1 
HETATM 400 O  O     B HOH I 4 .  ? -8.776  7.841   13.513  0.25 7.44  ? 286 HOH A O     1 
HETATM 401 O  O     B HOH I 4 .  ? -6.684  10.152  -2.208  0.25 10.90 ? 287 HOH A O     1 
HETATM 402 O  O     A HOH I 4 .  ? 8.345   -6.925  -5.239  0.25 12.00 ? 288 HOH A O     1 
HETATM 403 O  O     A HOH I 4 .  ? -0.938  7.970   -5.409  0.25 12.00 ? 289 HOH A O     1 
HETATM 404 O  O     B HOH I 4 .  ? -0.949  14.029  9.712   0.20 10.92 ? 290 HOH A O     1 
HETATM 405 O  O     D HOH I 4 .  ? 4.413   4.970   3.463   0.15 5.28  ? 291 HOH A O     1 
HETATM 406 O  O     . HOH I 4 .  ? -7.576  6.781   0.283   0.90 11.75 ? 292 HOH A O     1 
HETATM 407 O  O     . HOH I 4 .  ? -5.172  9.388   2.710   0.90 7.84  ? 293 HOH A O     1 
HETATM 408 O  O     . HOH I 4 .  ? -4.753  7.969   0.010   0.90 10.05 ? 294 HOH A O     1 
HETATM 409 O  O     . HOH I 4 .  ? -7.874  8.230   2.921   0.90 7.88  ? 295 HOH A O     1 
HETATM 410 O  O     . HOH I 4 .  ? -7.075  9.836   0.419   0.90 9.77  ? 296 HOH A O     1 
HETATM 411 O  O     . HOH I 4 .  ? -5.503  6.430   2.541   0.90 9.25  ? 297 HOH A O     1 
HETATM 412 O  O     A HOH I 4 .  ? 1.597   -12.483 -4.522  0.50 7.76  ? 298 HOH A O     1 
HETATM 413 O  O     B HOH I 4 .  ? 3.136   -16.030 -11.425 0.30 9.02  ? 298 HOH A O     1 
HETATM 414 O  O     A HOH I 4 .  ? 1.395   -13.511 -8.728  0.50 7.00  ? 299 HOH A O     1 
HETATM 415 O  O     B HOH I 4 .  ? 1.214   -15.880 -7.516  0.30 10.24 ? 299 HOH A O     1 
HETATM 416 O  O     A HOH I 4 .  ? 1.831   -15.069 -6.125  0.50 7.76  ? 300 HOH A O     1 
HETATM 417 O  O     B HOH I 4 .  ? 3.969   -16.806 -8.551  0.30 10.67 ? 300 HOH A O     1 
HETATM 418 O  O     A HOH I 4 .  ? 0.950   -10.932 -7.061  0.50 6.36  ? 301 HOH A O     1 
HETATM 419 O  O     B HOH I 4 .  ? 0.403   -15.103 -10.380 0.30 9.11  ? 301 HOH A O     1 
HETATM 420 O  O     A HOH I 4 .  ? -0.668  -13.417 -6.431  0.50 6.96  ? 302 HOH A O     1 
HETATM 421 O  O     B HOH I 4 .  ? 2.989   -13.959 -9.152  0.30 9.36  ? 302 HOH A O     1 
HETATM 422 O  O     A HOH I 4 .  ? 3.540   -12.578 -6.811  0.50 6.69  ? 303 HOH A O     1 
HETATM 423 O  O     B HOH I 4 .  ? 1.378   -17.954 -9.776  0.30 10.16 ? 303 HOH A O     1 
HETATM 424 O  O     B HOH I 4 .  ? 3.029   -15.884 -0.262  0.50 6.28  ? 304 HOH A O     1 
HETATM 425 O  O     B HOH I 4 .  ? 3.697   -12.067 1.644   0.50 8.35  ? 305 HOH A O     1 
HETATM 426 O  O     B HOH I 4 .  ? 1.383   -13.374 0.019   0.50 6.98  ? 306 HOH A O     1 
HETATM 427 O  O     B HOH I 4 .  ? 5.286   -14.594 1.376   0.50 7.49  ? 307 HOH A O     1 
HETATM 428 O  O     B HOH I 4 .  ? 2.521   -14.727 2.553   0.50 7.64  ? 308 HOH A O     1 
HETATM 429 O  O     B HOH I 4 .  ? 4.218   -13.249 -1.140  0.50 8.09  ? 309 HOH A O     1 
HETATM 430 O  O     A HOH I 4 .  ? 3.588   0.024   2.828   0.30 9.01  ? 310 HOH A O     1 
HETATM 431 O  O     B HOH I 4 .  ? 3.775   2.800   4.968   0.25 6.30  ? 310 HOH A O     1 
HETATM 432 O  O     C HOH I 4 .  ? 6.600   4.781   2.266   0.30 9.05  ? 310 HOH A O     1 
HETATM 433 O  O     A HOH I 4 .  ? 5.764   3.096   5.010   0.30 10.00 ? 311 HOH A O     1 
HETATM 434 O  O     B HOH I 4 .  ? 7.520   5.011   4.722   0.25 6.47  ? 311 HOH A O     1 
HETATM 435 O  O     C HOH I 4 .  ? 4.955   5.371   6.248   0.30 7.28  ? 311 HOH A O     1 
HETATM 436 O  O     A HOH I 4 .  ? 5.329   0.068   5.358   0.30 9.66  ? 312 HOH A O     1 
HETATM 437 O  O     B HOH I 4 .  ? 6.722   2.201   5.618   0.25 6.41  ? 312 HOH A O     1 
HETATM 438 O  O     C HOH I 4 .  ? 7.015   3.430   5.014   0.30 9.34  ? 312 HOH A O     1 
HETATM 439 O  O     A HOH I 4 .  ? 4.035   3.013   2.420   0.30 9.15  ? 313 HOH A O     1 
HETATM 440 O  O     B HOH I 4 .  ? 4.609   5.644   4.000   0.25 6.74  ? 313 HOH A O     1 
HETATM 441 O  O     C HOH I 4 .  ? 4.560   6.706   3.529   0.30 9.75  ? 313 HOH A O     1 
HETATM 442 O  O     A HOH I 4 .  ? 6.461   1.187   2.732   0.30 9.27  ? 314 HOH A O     1 
HETATM 443 O  O     B HOH I 4 .  ? 5.921   3.141   2.812   0.25 6.69  ? 314 HOH A O     1 
HETATM 444 O  O     C HOH I 4 .  ? 7.374   6.481   4.759   0.30 9.34  ? 314 HOH A O     1 
HETATM 445 O  O     A HOH I 4 .  ? 2.926   1.938   5.152   0.30 8.94  ? 315 HOH A O     1 
HETATM 446 O  O     B HOH I 4 .  ? 5.297   4.669   6.828   0.25 6.97  ? 315 HOH A O     1 
HETATM 447 O  O     C HOH I 4 .  ? 4.214   3.656   3.764   0.30 8.49  ? 315 HOH A O     1 
HETATM 448 O  O     A HOH I 4 .  ? -2.641  15.434  10.338  0.40 7.52  ? 316 HOH A O     1 
HETATM 449 O  O     A HOH I 4 .  ? 1.256   15.807  8.533   0.40 5.32  ? 317 HOH A O     1 
HETATM 450 O  O     A HOH I 4 .  ? -1.654  15.911  7.486   0.40 8.50  ? 318 HOH A O     1 
HETATM 451 O  O     A HOH I 4 .  ? 0.256   15.422  11.351  0.40 7.55  ? 319 HOH A O     1 
HETATM 452 O  O     A HOH I 4 .  ? -0.614  13.493  9.051   0.40 5.90  ? 320 HOH A O     1 
HETATM 453 O  O     A HOH I 4 .  ? -0.733  17.775  9.725   0.40 6.72  ? 321 HOH A O     1 
# 
loop_
_atom_site_anisotrop.id 
_atom_site_anisotrop.type_symbol 
_atom_site_anisotrop.pdbx_label_atom_id 
_atom_site_anisotrop.pdbx_label_alt_id 
_atom_site_anisotrop.pdbx_label_comp_id 
_atom_site_anisotrop.pdbx_label_asym_id 
_atom_site_anisotrop.pdbx_label_seq_id 
_atom_site_anisotrop.pdbx_PDB_ins_code 
_atom_site_anisotrop.U[1][1] 
_atom_site_anisotrop.U[2][2] 
_atom_site_anisotrop.U[3][3] 
_atom_site_anisotrop.U[1][2] 
_atom_site_anisotrop.U[1][3] 
_atom_site_anisotrop.U[2][3] 
_atom_site_anisotrop.pdbx_auth_seq_id 
_atom_site_anisotrop.pdbx_auth_comp_id 
_atom_site_anisotrop.pdbx_auth_asym_id 
_atom_site_anisotrop.pdbx_auth_atom_id 
1   O  "O5'" A DC  A 1  ? 0.0843 0.1373 0.0898 0.0047  0.0343  0.0051  1   DC  A "O5'" 
2   O  "O5'" B DC  A 1  ? 0.0820 0.1166 0.0854 0.0178  0.0171  -0.0138 1   DC  A "O5'" 
3   C  "C5'" A DC  A 1  ? 0.0680 0.1319 0.0768 0.0198  0.0421  -0.0059 1   DC  A "C5'" 
4   C  "C5'" B DC  A 1  ? 0.0782 0.1062 0.0768 0.0127  0.0198  -0.0078 1   DC  A "C5'" 
5   C  "C4'" . DC  A 1  ? 0.0649 0.1131 0.0618 0.0218  0.0270  -0.0125 1   DC  A "C4'" 
6   O  "O4'" . DC  A 1  ? 0.0572 0.1183 0.0910 0.0211  0.0249  -0.0323 1   DC  A "O4'" 
7   C  "C3'" A DC  A 1  ? 0.0750 0.1054 0.0593 0.0023  0.0293  -0.0006 1   DC  A "C3'" 
8   C  "C3'" B DC  A 1  ? 0.0886 0.1079 0.0733 0.0154  0.0145  -0.0028 1   DC  A "C3'" 
9   O  "O3'" A DC  A 1  ? 0.0517 0.1022 0.0552 0.0067  0.0206  -0.0038 1   DC  A "O3'" 
10  O  "O3'" B DC  A 1  ? 0.0630 0.1068 0.0575 0.0142  0.0299  0.0006  1   DC  A "O3'" 
11  C  "C2'" A DC  A 1  ? 0.0951 0.1115 0.0640 0.0180  0.0246  -0.0085 1   DC  A "C2'" 
12  C  "C2'" B DC  A 1  ? 0.0892 0.1101 0.0744 0.0151  0.0217  -0.0054 1   DC  A "C2'" 
13  C  "C1'" . DC  A 1  ? 0.0669 0.1025 0.0884 0.0192  0.0365  -0.0085 1   DC  A "C1'" 
14  N  N1    . DC  A 1  ? 0.0527 0.0980 0.0759 0.0116  0.0347  -0.0067 1   DC  A N1    
15  C  C2    . DC  A 1  ? 0.0557 0.0898 0.0589 0.0080  0.0284  -0.0134 1   DC  A C2    
16  O  O2    . DC  A 1  ? 0.0580 0.0901 0.0878 0.0078  0.0358  0.0088  1   DC  A O2    
17  N  N3    . DC  A 1  ? 0.0519 0.0738 0.0541 -0.0022 0.0263  -0.0139 1   DC  A N3    
18  C  C4    . DC  A 1  ? 0.0568 0.0787 0.0504 -0.0019 0.0259  -0.0155 1   DC  A C4    
19  N  N4    . DC  A 1  ? 0.0634 0.0785 0.0551 -0.0032 0.0306  -0.0107 1   DC  A N4    
20  C  C5    . DC  A 1  ? 0.0591 0.0884 0.0580 -0.0082 0.0333  -0.0098 1   DC  A C5    
21  C  C6    . DC  A 1  ? 0.0571 0.0992 0.0720 0.0042  0.0362  -0.0058 1   DC  A C6    
22  P  P     A DC  A 2  ? 0.0507 0.1203 0.0598 0.0120  0.0252  -0.0085 2   DC  A P     
23  P  P     B DC  A 2  ? 0.0677 0.1222 0.0569 0.0295  0.0263  -0.0002 2   DC  A P     
24  O  OP1   A DC  A 2  ? 0.0748 0.1242 0.0750 0.0349  0.0219  -0.0004 2   DC  A OP1   
25  O  OP1   B DC  A 2  ? 0.0865 0.1324 0.0899 0.0263  0.0193  -0.0019 2   DC  A OP1   
26  O  OP2   A DC  A 2  ? 0.0631 0.1414 0.0805 -0.0062 0.0220  -0.0171 2   DC  A OP2   
27  O  OP2   B DC  A 2  ? 0.0698 0.1292 0.0776 0.0102  0.0164  -0.0021 2   DC  A OP2   
28  O  "O5'" A DC  A 2  ? 0.0641 0.1087 0.0656 0.0188  0.0254  -0.0034 2   DC  A "O5'" 
29  O  "O5'" B DC  A 2  ? 0.0700 0.0957 0.0435 0.0172  0.0282  0.0055  2   DC  A "O5'" 
30  C  "C5'" A DC  A 2  ? 0.0876 0.1047 0.0659 0.0087  0.0367  -0.0018 2   DC  A "C5'" 
31  C  "C5'" B DC  A 2  ? 0.0856 0.0887 0.0601 0.0152  0.0304  0.0078  2   DC  A "C5'" 
32  C  "C4'" . DC  A 2  ? 0.0688 0.0871 0.0615 0.0111  0.0268  0.0004  2   DC  A "C4'" 
33  O  "O4'" . DC  A 2  ? 0.0648 0.0845 0.0676 0.0095  0.0125  -0.0162 2   DC  A "O4'" 
34  C  "C3'" . DC  A 2  ? 0.0535 0.0994 0.0580 0.0113  0.0255  0.0037  2   DC  A "C3'" 
35  O  "O3'" A DC  A 2  ? 0.0486 0.0932 0.0483 0.0119  0.0230  0.0067  2   DC  A "O3'" 
36  O  "O3'" B DC  A 2  ? 0.0662 0.1184 0.0539 0.0125  0.0340  0.0049  2   DC  A "O3'" 
37  C  "C2'" . DC  A 2  ? 0.0537 0.0943 0.0592 0.0019  0.0193  -0.0047 2   DC  A "C2'" 
38  C  "C1'" . DC  A 2  ? 0.0493 0.0814 0.0491 0.0075  0.0169  -0.0073 2   DC  A "C1'" 
39  N  N1    . DC  A 2  ? 0.0443 0.0874 0.0534 0.0088  0.0222  -0.0012 2   DC  A N1    
40  C  C2    . DC  A 2  ? 0.0486 0.0800 0.0512 0.0054  0.0225  -0.0099 2   DC  A C2    
41  O  O2    . DC  A 2  ? 0.0520 0.0873 0.0618 -0.0012 0.0188  0.0007  2   DC  A O2    
42  N  N3    . DC  A 2  ? 0.0499 0.0822 0.0473 0.0065  0.0204  -0.0055 2   DC  A N3    
43  C  C4    . DC  A 2  ? 0.0550 0.0820 0.0496 0.0048  0.0250  -0.0098 2   DC  A C4    
44  N  N4    . DC  A 2  ? 0.0576 0.0833 0.0551 0.0074  0.0247  -0.0074 2   DC  A N4    
45  C  C5    . DC  A 2  ? 0.0525 0.0985 0.0625 0.0120  0.0267  0.0052  2   DC  A C5    
46  C  C6    . DC  A 2  ? 0.0552 0.1009 0.0619 0.0099  0.0266  0.0005  2   DC  A C6    
47  P  P     A DA  A 3  ? 0.0454 0.0658 0.0513 0.0012  0.0219  -0.0022 3   DA  A P     
48  P  P     B DA  A 3  ? 0.1035 0.1449 0.0653 0.0304  0.0434  0.0176  3   DA  A P     
49  O  OP1   A DA  A 3  ? 0.0594 0.0736 0.0589 0.0129  0.0169  -0.0137 3   DA  A OP1   
50  O  OP1   B DA  A 3  ? 0.1309 0.1395 0.1205 0.0151  0.0217  0.0014  3   DA  A OP1   
51  O  OP2   A DA  A 3  ? 0.0428 0.0780 0.0611 -0.0005 0.0097  0.0018  3   DA  A OP2   
52  O  OP2   B DA  A 3  ? 0.1095 0.1410 0.1110 0.0153  0.0239  0.0058  3   DA  A OP2   
53  O  "O5'" A DA  A 3  ? 0.0564 0.0619 0.0523 -0.0006 0.0290  0.0005  3   DA  A "O5'" 
54  O  "O5'" B DA  A 3  ? 0.0934 0.1246 0.0882 0.0135  0.0306  0.0067  3   DA  A "O5'" 
55  C  "C5'" A DA  A 3  ? 0.0754 0.0793 0.0655 -0.0034 0.0284  -0.0142 3   DA  A "C5'" 
56  C  "C5'" B DA  A 3  ? 0.0958 0.1050 0.0881 0.0075  0.0307  -0.0055 3   DA  A "C5'" 
57  C  "C4'" . DA  A 3  ? 0.0759 0.0831 0.0708 -0.0084 0.0398  -0.0067 3   DA  A "C4'" 
58  O  "O4'" . DA  A 3  ? 0.0785 0.0850 0.0666 -0.0159 0.0237  -0.0085 3   DA  A "O4'" 
59  C  "C3'" . DA  A 3  ? 0.0639 0.0873 0.0706 -0.0030 0.0366  -0.0003 3   DA  A "C3'" 
60  O  "O3'" . DA  A 3  ? 0.0614 0.0803 0.0655 -0.0051 0.0352  0.0004  3   DA  A "O3'" 
61  C  "C2'" . DA  A 3  ? 0.0605 0.0873 0.0589 -0.0107 0.0338  -0.0023 3   DA  A "C2'" 
62  C  "C1'" . DA  A 3  ? 0.0535 0.0825 0.0654 -0.0084 0.0325  -0.0018 3   DA  A "C1'" 
63  N  N9    . DA  A 3  ? 0.0493 0.0756 0.0615 -0.0056 0.0275  -0.0085 3   DA  A N9    
64  C  C8    . DA  A 3  ? 0.0500 0.0819 0.0654 -0.0045 0.0278  -0.0039 3   DA  A C8    
65  N  N7    . DA  A 3  ? 0.0485 0.0786 0.0611 -0.0050 0.0288  -0.0043 3   DA  A N7    
66  C  C5    . DA  A 3  ? 0.0498 0.0671 0.0559 -0.0067 0.0253  -0.0200 3   DA  A C5    
67  C  C6    . DA  A 3  ? 0.0523 0.0665 0.0578 -0.0034 0.0284  -0.0134 3   DA  A C6    
68  N  N6    . DA  A 3  ? 0.0545 0.0752 0.0705 -0.0023 0.0258  -0.0034 3   DA  A N6    
69  N  N1    . DA  A 3  ? 0.0530 0.0773 0.0577 -0.0036 0.0221  -0.0095 3   DA  A N1    
70  C  C2    . DA  A 3  ? 0.0561 0.0849 0.0638 -0.0031 0.0197  -0.0076 3   DA  A C2    
71  N  N3    . DA  A 3  ? 0.0491 0.0845 0.0617 -0.0042 0.0229  -0.0115 3   DA  A N3    
72  C  C4    . DA  A 3  ? 0.0490 0.0743 0.0528 -0.0079 0.0251  -0.0145 3   DA  A C4    
73  P  P     . DG  A 4  ? 0.0629 0.0785 0.0726 -0.0031 0.0415  0.0053  4   DG  A P     
74  O  OP1   . DG  A 4  ? 0.0664 0.0821 0.0924 -0.0139 0.0424  0.0052  4   DG  A OP1   
75  O  OP2   . DG  A 4  ? 0.0735 0.0955 0.0804 0.0046  0.0330  0.0160  4   DG  A OP2   
76  O  "O5'" . DG  A 4  ? 0.0629 0.0817 0.0763 0.0031  0.0338  -0.0013 4   DG  A "O5'" 
77  C  "C5'" . DG  A 4  ? 0.0650 0.0825 0.0879 -0.0046 0.0407  0.0022  4   DG  A "C5'" 
78  C  "C4'" . DG  A 4  ? 0.0777 0.0889 0.0766 -0.0034 0.0435  0.0034  4   DG  A "C4'" 
79  O  "O4'" . DG  A 4  ? 0.0734 0.0865 0.0716 -0.0099 0.0393  -0.0040 4   DG  A "O4'" 
80  C  "C3'" A DG  A 4  ? 0.0860 0.0864 0.0778 0.0069  0.0518  0.0063  4   DG  A "C3'" 
81  C  "C3'" B DG  A 4  ? 0.0822 0.0793 0.0785 0.0048  0.0330  0.0018  4   DG  A "C3'" 
82  O  "O3'" A DG  A 4  ? 0.1009 0.0965 0.0935 0.0073  0.0623  0.0102  4   DG  A "O3'" 
83  O  "O3'" B DG  A 4  ? 0.0735 0.0747 0.0645 -0.0012 0.0402  0.0033  4   DG  A "O3'" 
84  C  "C2'" A DG  A 4  ? 0.0806 0.0957 0.0652 0.0078  0.0414  0.0042  4   DG  A "C2'" 
85  C  "C2'" B DG  A 4  ? 0.0765 0.0896 0.0664 0.0015  0.0285  0.0005  4   DG  A "C2'" 
86  C  "C1'" . DG  A 4  ? 0.0684 0.0868 0.0561 -0.0040 0.0365  -0.0041 4   DG  A "C1'" 
87  N  N9    . DG  A 4  ? 0.0669 0.0844 0.0563 -0.0036 0.0354  -0.0079 4   DG  A N9    
88  C  C8    . DG  A 4  ? 0.0697 0.0907 0.0616 -0.0012 0.0310  -0.0079 4   DG  A C8    
89  N  N7    . DG  A 4  ? 0.0716 0.0932 0.0609 -0.0008 0.0288  -0.0088 4   DG  A N7    
90  C  C5    . DG  A 4  ? 0.0650 0.0799 0.0573 -0.0063 0.0308  -0.0147 4   DG  A C5    
91  C  C6    . DG  A 4  ? 0.0659 0.0672 0.0566 -0.0116 0.0305  -0.0173 4   DG  A C6    
92  O  O6    . DG  A 4  ? 0.0671 0.0753 0.0713 -0.0108 0.0337  -0.0144 4   DG  A O6    
93  N  N1    . DG  A 4  ? 0.0647 0.0686 0.0628 -0.0091 0.0306  -0.0162 4   DG  A N1    
94  C  C2    . DG  A 4  ? 0.0684 0.0672 0.0666 -0.0056 0.0318  -0.0131 4   DG  A C2    
95  N  N2    . DG  A 4  ? 0.0711 0.0863 0.0869 -0.0054 0.0263  0.0067  4   DG  A N2    
96  N  N3    . DG  A 4  ? 0.0676 0.0757 0.0644 -0.0067 0.0333  -0.0095 4   DG  A N3    
97  C  C4    . DG  A 4  ? 0.0680 0.0752 0.0549 -0.0075 0.0346  -0.0150 4   DG  A C4    
98  P  P     A DG  A 5  ? 0.0593 0.0859 0.0755 -0.0001 0.0409  0.0008  5   DG  A P     
99  P  P     B DG  A 5  ? 0.0741 0.0790 0.0543 -0.0005 0.0375  0.0014  5   DG  A P     
100 O  OP1   A DG  A 5  ? 0.0769 0.0834 0.0982 -0.0039 0.0377  0.0083  5   DG  A OP1   
101 O  OP1   B DG  A 5  ? 0.0806 0.0859 0.0619 -0.0034 0.0382  -0.0023 5   DG  A OP1   
102 O  OP2   A DG  A 5  ? 0.1067 0.1228 0.1205 0.0146  0.0018  -0.0024 5   DG  A OP2   
103 O  OP2   B DG  A 5  ? 0.0935 0.0932 0.0622 0.0050  0.0279  -0.0029 5   DG  A OP2   
104 O  "O5'" A DG  A 5  ? 0.0576 0.0874 0.0872 -0.0071 0.0304  0.0016  5   DG  A "O5'" 
105 O  "O5'" B DG  A 5  ? 0.0804 0.0929 0.0674 -0.0028 0.0240  -0.0093 5   DG  A "O5'" 
106 C  "C5'" A DG  A 5  ? 0.0736 0.0836 0.0918 -0.0014 0.0204  0.0062  5   DG  A "C5'" 
107 C  "C5'" B DG  A 5  ? 0.0777 0.0889 0.0801 -0.0023 0.0144  -0.0004 5   DG  A "C5'" 
108 C  "C4'" A DG  A 5  ? 0.0736 0.0863 0.0936 -0.0075 0.0124  0.0086  5   DG  A "C4'" 
109 C  "C4'" B DG  A 5  ? 0.0833 0.0847 0.0936 -0.0006 0.0117  0.0013  5   DG  A "C4'" 
110 O  "O4'" A DG  A 5  ? 0.0764 0.0865 0.1064 -0.0213 0.0229  0.0006  5   DG  A "O4'" 
111 O  "O4'" B DG  A 5  ? 0.0909 0.0935 0.0999 -0.0022 0.0209  -0.0011 5   DG  A "O4'" 
112 C  "C3'" A DG  A 5  ? 0.0722 0.0917 0.0957 0.0049  0.0176  0.0093  5   DG  A "C3'" 
113 C  "C3'" B DG  A 5  ? 0.0809 0.0903 0.0910 0.0029  0.0124  0.0070  5   DG  A "C3'" 
114 O  "O3'" A DG  A 5  ? 0.0850 0.0957 0.1257 0.0073  0.0082  0.0045  5   DG  A "O3'" 
115 O  "O3'" B DG  A 5  ? 0.0776 0.0874 0.1044 0.0027  0.0113  0.0072  5   DG  A "O3'" 
116 C  "C2'" A DG  A 5  ? 0.0724 0.0913 0.1009 0.0009  0.0200  0.0052  5   DG  A "C2'" 
117 C  "C2'" B DG  A 5  ? 0.0842 0.0909 0.0962 0.0008  0.0121  0.0029  5   DG  A "C2'" 
118 C  "C1'" A DG  A 5  ? 0.0665 0.0783 0.0879 -0.0066 0.0218  0.0036  5   DG  A "C1'" 
119 C  "C1'" B DG  A 5  ? 0.0914 0.0885 0.0914 -0.0008 0.0117  -0.0003 5   DG  A "C1'" 
120 N  N9    A DG  A 5  ? 0.0635 0.0714 0.0911 -0.0095 0.0228  0.0063  5   DG  A N9    
121 N  N9    B DG  A 5  ? 0.0888 0.0864 0.0832 -0.0025 0.0105  -0.0051 5   DG  A N9    
122 C  C8    A DG  A 5  ? 0.0796 0.0724 0.0796 -0.0065 0.0190  0.0029  5   DG  A C8    
123 C  C8    B DG  A 5  ? 0.0918 0.0826 0.0791 -0.0022 0.0065  -0.0067 5   DG  A C8    
124 N  N7    A DG  A 5  ? 0.0804 0.0739 0.0722 -0.0055 0.0201  0.0044  5   DG  A N7    
125 N  N7    B DG  A 5  ? 0.0936 0.0836 0.0845 -0.0031 0.0022  -0.0069 5   DG  A N7    
126 C  C5    A DG  A 5  ? 0.0599 0.0613 0.0566 -0.0040 0.0159  -0.0020 5   DG  A C5    
127 C  C5    B DG  A 5  ? 0.0867 0.0862 0.0836 -0.0003 0.0046  -0.0045 5   DG  A C5    
128 C  C6    A DG  A 5  ? 0.0561 0.0568 0.0535 0.0057  0.0146  -0.0042 5   DG  A C6    
129 C  C6    B DG  A 5  ? 0.0919 0.0852 0.0879 0.0001  0.0058  -0.0063 5   DG  A C6    
130 O  O6    A DG  A 5  ? 0.0613 0.0745 0.0718 0.0013  0.0124  0.0025  5   DG  A O6    
131 O  O6    B DG  A 5  ? 0.0970 0.0960 0.0958 0.0031  0.0035  -0.0029 5   DG  A O6    
132 N  N1    A DG  A 5  ? 0.0555 0.0652 0.0589 -0.0029 0.0128  0.0007  5   DG  A N1    
133 N  N1    B DG  A 5  ? 0.0818 0.0823 0.0772 -0.0004 0.0059  -0.0085 5   DG  A N1    
134 C  C2    A DG  A 5  ? 0.0662 0.0708 0.0647 -0.0074 0.0107  0.0053  5   DG  A C2    
135 C  C2    B DG  A 5  ? 0.0809 0.0809 0.0808 0.0005  0.0091  -0.0069 5   DG  A C2    
136 N  N2    A DG  A 5  ? 0.0682 0.0836 0.0885 -0.0026 0.0100  0.0156  5   DG  A N2    
137 N  N2    B DG  A 5  ? 0.0943 0.0892 0.0918 -0.0007 0.0081  -0.0008 5   DG  A N2    
138 N  N3    A DG  A 5  ? 0.0658 0.0693 0.0852 -0.0061 0.0141  0.0074  5   DG  A N3    
139 N  N3    B DG  A 5  ? 0.0790 0.0768 0.0810 0.0010  0.0131  -0.0069 5   DG  A N3    
140 C  C4    A DG  A 5  ? 0.0555 0.0610 0.0651 -0.0012 0.0211  -0.0036 5   DG  A C4    
141 C  C4    B DG  A 5  ? 0.0855 0.0792 0.0799 -0.0032 0.0083  -0.0028 5   DG  A C4    
142 P  P     A DC  A 6  ? 0.0756 0.1013 0.1263 0.0196  0.0169  -0.0017 6   DC  A P     
143 P  P     B DC  A 6  ? 0.0848 0.0909 0.0989 0.0019  0.0173  0.0166  6   DC  A P     
144 O  OP1   A DC  A 6  ? 0.0716 0.1083 0.1257 0.0099  0.0220  0.0079  6   DC  A OP1   
145 O  OP1   B DC  A 6  ? 0.0975 0.1043 0.1052 0.0074  0.0078  0.0168  6   DC  A OP1   
146 O  OP2   A DC  A 6  ? 0.1019 0.1310 0.1284 0.0187  0.0283  -0.0083 6   DC  A OP2   
147 O  OP2   B DC  A 6  ? 0.0849 0.0972 0.0934 0.0066  0.0198  0.0101  6   DC  A OP2   
148 O  "O5'" A DC  A 6  ? 0.0820 0.1009 0.1236 0.0005  0.0040  -0.0074 6   DC  A "O5'" 
149 O  "O5'" B DC  A 6  ? 0.0767 0.0814 0.0944 0.0014  0.0133  -0.0002 6   DC  A "O5'" 
150 C  "C5'" A DC  A 6  ? 0.0831 0.0829 0.1193 -0.0105 -0.0081 -0.0054 6   DC  A "C5'" 
151 C  "C5'" B DC  A 6  ? 0.0774 0.0780 0.0946 0.0007  0.0159  0.0049  6   DC  A "C5'" 
152 C  "C4'" A DC  A 6  ? 0.0748 0.0839 0.1145 -0.0073 -0.0071 -0.0052 6   DC  A "C4'" 
153 C  "C4'" B DC  A 6  ? 0.0849 0.0853 0.0925 -0.0053 0.0172  -0.0032 6   DC  A "C4'" 
154 O  "O4'" A DC  A 6  ? 0.0625 0.0916 0.1035 -0.0042 0.0053  -0.0159 6   DC  A "O4'" 
155 O  "O4'" B DC  A 6  ? 0.0865 0.0986 0.0952 -0.0045 0.0221  -0.0085 6   DC  A "O4'" 
156 C  "C3'" A DC  A 6  ? 0.0614 0.0761 0.1018 -0.0069 -0.0021 -0.0052 6   DC  A "C3'" 
157 C  "C3'" B DC  A 6  ? 0.0868 0.0869 0.0969 -0.0062 0.0147  -0.0058 6   DC  A "C3'" 
158 O  "O3'" A DC  A 6  ? 0.0640 0.0867 0.1128 -0.0077 -0.0071 0.0016  6   DC  A "O3'" 
159 O  "O3'" B DC  A 6  ? 0.0813 0.0879 0.1120 -0.0099 0.0218  -0.0069 6   DC  A "O3'" 
160 C  "C2'" A DC  A 6  ? 0.0560 0.0730 0.0919 0.0013  0.0056  -0.0063 6   DC  A "C2'" 
161 C  "C2'" B DC  A 6  ? 0.0972 0.1043 0.0915 -0.0060 0.0082  -0.0086 6   DC  A "C2'" 
162 C  "C1'" A DC  A 6  ? 0.0522 0.0815 0.0910 -0.0026 0.0114  -0.0090 6   DC  A "C1'" 
163 C  "C1'" B DC  A 6  ? 0.0980 0.1104 0.0954 -0.0099 0.0065  -0.0043 6   DC  A "C1'" 
164 N  N1    A DC  A 6  ? 0.0467 0.0803 0.0839 -0.0012 0.0176  -0.0090 6   DC  A N1    
165 N  N1    B DC  A 6  ? 0.1005 0.1115 0.0901 -0.0049 0.0122  -0.0077 6   DC  A N1    
166 C  C2    A DC  A 6  ? 0.0479 0.0759 0.0773 0.0014  0.0179  -0.0100 6   DC  A C2    
167 C  C2    B DC  A 6  ? 0.0985 0.1053 0.0891 -0.0103 0.0100  -0.0124 6   DC  A C2    
168 O  O2    A DC  A 6  ? 0.0512 0.0922 0.1137 0.0046  0.0126  0.0122  6   DC  A O2    
169 O  O2    B DC  A 6  ? 0.0996 0.1106 0.0977 -0.0041 0.0115  -0.0094 6   DC  A O2    
170 N  N3    A DC  A 6  ? 0.0501 0.0738 0.0899 0.0063  0.0160  -0.0118 6   DC  A N3    
171 N  N3    B DC  A 6  ? 0.1070 0.1060 0.0922 -0.0104 0.0023  -0.0136 6   DC  A N3    
172 C  C4    A DC  A 6  ? 0.0579 0.0762 0.0782 0.0060  0.0132  -0.0146 6   DC  A C4    
173 C  C4    B DC  A 6  ? 0.0951 0.0949 0.1011 -0.0154 0.0016  -0.0130 6   DC  A C4    
174 N  N4    A DC  A 6  ? 0.0611 0.0858 0.0781 -0.0026 0.0148  -0.0039 6   DC  A N4    
175 N  N4    B DC  A 6  ? 0.1045 0.1088 0.1064 -0.0063 0.0051  -0.0055 6   DC  A N4    
176 C  C5    A DC  A 6  ? 0.0597 0.0853 0.0862 -0.0010 0.0173  -0.0050 6   DC  A C5    
177 C  C5    B DC  A 6  ? 0.1034 0.1088 0.1010 -0.0036 0.0082  -0.0069 6   DC  A C5    
178 C  C6    A DC  A 6  ? 0.0531 0.0910 0.0768 -0.0001 0.0150  -0.0128 6   DC  A C6    
179 C  C6    B DC  A 6  ? 0.1005 0.1094 0.0933 -0.0073 0.0070  -0.0076 6   DC  A C6    
180 P  P     A DC  A 7  ? 0.0606 0.0875 0.1205 -0.0050 -0.0051 0.0086  7   DC  A P     
181 P  P     B DC  A 7  ? 0.0697 0.0889 0.1306 -0.0122 0.0300  -0.0235 7   DC  A P     
182 O  OP1   A DC  A 7  ? 0.1050 0.1175 0.1306 0.0027  -0.0341 0.0192  7   DC  A OP1   
183 O  OP1   B DC  A 7  ? 0.1092 0.1308 0.1296 -0.0060 0.0124  -0.0129 7   DC  A OP1   
184 O  OP2   A DC  A 7  ? 0.0902 0.0933 0.1372 -0.0013 0.0135  0.0014  7   DC  A OP2   
185 O  OP2   B DC  A 7  ? 0.0875 0.0968 0.1162 -0.0033 0.0149  -0.0151 7   DC  A OP2   
186 O  "O5'" A DC  A 7  ? 0.0660 0.0908 0.1046 -0.0060 0.0012  0.0094  7   DC  A "O5'" 
187 O  "O5'" B DC  A 7  ? 0.0817 0.0846 0.0982 -0.0036 0.0137  -0.0114 7   DC  A "O5'" 
188 C  "C5'" A DC  A 7  ? 0.0691 0.0871 0.0944 -0.0067 -0.0007 0.0137  7   DC  A "C5'" 
189 C  "C5'" B DC  A 7  ? 0.0785 0.0866 0.0938 -0.0021 0.0076  -0.0041 7   DC  A "C5'" 
190 C  "C4'" A DC  A 7  ? 0.0691 0.0899 0.0892 -0.0085 -0.0027 0.0107  7   DC  A "C4'" 
191 C  "C4'" B DC  A 7  ? 0.0715 0.0814 0.0782 -0.0035 0.0054  0.0039  7   DC  A "C4'" 
192 O  "O4'" . DC  A 7  ? 0.0734 0.0923 0.0869 0.0036  -0.0096 0.0010  7   DC  A "O4'" 
193 C  "C3'" A DC  A 7  ? 0.0658 0.0913 0.1068 -0.0128 0.0060  0.0036  7   DC  A "C3'" 
194 C  "C3'" B DC  A 7  ? 0.0603 0.0782 0.0845 -0.0008 0.0065  -0.0047 7   DC  A "C3'" 
195 O  "O3'" A DC  A 7  ? 0.0797 0.0889 0.0996 -0.0127 0.0045  0.0056  7   DC  A "O3'" 
196 O  "O3'" B DC  A 7  ? 0.0609 0.0746 0.0722 0.0036  0.0103  0.0007  7   DC  A "O3'" 
197 C  "C2'" A DC  A 7  ? 0.0836 0.1027 0.0947 -0.0178 0.0092  -0.0033 7   DC  A "C2'" 
198 C  "C2'" B DC  A 7  ? 0.0685 0.0988 0.0834 -0.0082 0.0132  -0.0086 7   DC  A "C2'" 
199 C  "C1'" . DC  A 7  ? 0.0588 0.1191 0.0802 -0.0031 0.0057  -0.0079 7   DC  A "C1'" 
200 N  N1    . DC  A 7  ? 0.0529 0.1459 0.0785 0.0055  0.0047  -0.0037 7   DC  A N1    
201 C  C2    . DC  A 7  ? 0.0537 0.1233 0.0801 0.0075  0.0055  -0.0165 7   DC  A C2    
202 O  O2    . DC  A 7  ? 0.0564 0.1206 0.1035 0.0077  0.0048  -0.0007 7   DC  A O2    
203 N  N3    . DC  A 7  ? 0.0488 0.1194 0.0704 0.0101  0.0010  -0.0208 7   DC  A N3    
204 C  C4    . DC  A 7  ? 0.0478 0.1346 0.0750 0.0105  0.0110  -0.0126 7   DC  A C4    
205 N  N4    . DC  A 7  ? 0.0557 0.1397 0.0791 0.0045  0.0128  -0.0054 7   DC  A N4    
206 C  C5    . DC  A 7  ? 0.0537 0.1463 0.0928 0.0117  0.0113  0.0030  7   DC  A C5    
207 C  C6    . DC  A 7  ? 0.0602 0.1487 0.0922 0.0111  0.0045  0.0120  7   DC  A C6    
208 P  P     A DT  A 8  ? 0.0842 0.0842 0.1266 -0.0032 -0.0141 0.0080  8   DT  A P     
209 P  P     B DT  A 8  ? 0.0602 0.0709 0.0665 0.0013  0.0066  0.0059  8   DT  A P     
210 O  OP1   A DT  A 8  ? 0.1238 0.1087 0.1359 -0.0054 -0.0244 0.0166  8   DT  A OP1   
211 O  OP1   B DT  A 8  ? 0.0794 0.0953 0.0872 0.0025  0.0129  -0.0022 8   DT  A OP1   
212 O  OP2   A DT  A 8  ? 0.0775 0.1302 0.1380 0.0184  -0.0035 -0.0095 8   DT  A OP2   
213 O  OP2   B DT  A 8  ? 0.0664 0.0850 0.0795 0.0061  0.0063  0.0017  8   DT  A OP2   
214 O  "O5'" A DT  A 8  ? 0.0689 0.0917 0.0874 -0.0049 0.0078  0.0019  8   DT  A "O5'" 
215 O  "O5'" B DT  A 8  ? 0.0472 0.0678 0.0725 -0.0002 0.0101  0.0035  8   DT  A "O5'" 
216 C  "C5'" A DT  A 8  ? 0.0712 0.0969 0.0735 -0.0133 0.0106  0.0047  8   DT  A "C5'" 
217 C  "C5'" B DT  A 8  ? 0.0470 0.0788 0.0674 0.0051  0.0060  0.0000  8   DT  A "C5'" 
218 C  "C4'" A DT  A 8  ? 0.0676 0.0931 0.0728 -0.0151 0.0168  0.0072  8   DT  A "C4'" 
219 C  "C4'" B DT  A 8  ? 0.0549 0.0767 0.0684 -0.0018 0.0110  -0.0001 8   DT  A "C4'" 
220 O  "O4'" . DT  A 8  ? 0.0647 0.0813 0.0599 0.0017  0.0233  0.0000  8   DT  A "O4'" 
221 C  "C3'" A DT  A 8  ? 0.0626 0.0894 0.0904 -0.0103 0.0219  0.0041  8   DT  A "C3'" 
222 C  "C3'" B DT  A 8  ? 0.0630 0.0825 0.0800 -0.0048 0.0190  0.0009  8   DT  A "C3'" 
223 O  "O3'" . DT  A 8  ? 0.0689 0.0935 0.0684 -0.0192 0.0283  0.0046  8   DT  A "O3'" 
224 C  "C2'" . DT  A 8  ? 0.0628 0.0829 0.0913 -0.0046 0.0422  -0.0001 8   DT  A "C2'" 
225 C  "C1'" . DT  A 8  ? 0.0550 0.0747 0.0577 -0.0011 0.0299  -0.0043 8   DT  A "C1'" 
226 N  N1    . DT  A 8  ? 0.0487 0.0790 0.0581 -0.0032 0.0276  -0.0077 8   DT  A N1    
227 C  C2    . DT  A 8  ? 0.0535 0.0754 0.0542 -0.0055 0.0271  -0.0103 8   DT  A C2    
228 O  O2    . DT  A 8  ? 0.0456 0.0842 0.0714 -0.0009 0.0234  -0.0108 8   DT  A O2    
229 N  N3    . DT  A 8  ? 0.0495 0.0763 0.0586 -0.0008 0.0233  -0.0077 8   DT  A N3    
230 C  C4    . DT  A 8  ? 0.0504 0.0769 0.0545 -0.0032 0.0230  -0.0087 8   DT  A C4    
231 O  O4    . DT  A 8  ? 0.0548 0.0853 0.0678 -0.0032 0.0272  0.0038  8   DT  A O4    
232 C  C5    . DT  A 8  ? 0.0474 0.0767 0.0589 -0.0004 0.0235  -0.0029 8   DT  A C5    
233 C  C7    . DT  A 8  ? 0.0564 0.0929 0.0885 0.0001  0.0260  0.0090  8   DT  A C7    
234 C  C6    . DT  A 8  ? 0.0501 0.0778 0.0625 0.0003  0.0271  -0.0055 8   DT  A C6    
235 P  P     . DG  A 9  ? 0.0832 0.0973 0.0605 -0.0270 0.0301  0.0029  9   DG  A P     
236 O  OP1   . DG  A 9  ? 0.0982 0.1334 0.0697 -0.0322 0.0229  0.0050  9   DG  A OP1   
237 O  OP2   . DG  A 9  ? 0.1146 0.1026 0.0768 -0.0122 0.0269  -0.0014 9   DG  A OP2   
238 O  "O5'" . DG  A 9  ? 0.0831 0.1082 0.0616 -0.0386 0.0256  -0.0123 9   DG  A "O5'" 
239 C  "C5'" . DG  A 9  ? 0.0754 0.1203 0.0572 -0.0248 0.0315  -0.0131 9   DG  A "C5'" 
240 C  "C4'" . DG  A 9  ? 0.0737 0.1137 0.0575 -0.0264 0.0350  -0.0018 9   DG  A "C4'" 
241 O  "O4'" . DG  A 9  ? 0.1000 0.1053 0.0564 -0.0254 0.0387  -0.0074 9   DG  A "O4'" 
242 C  "C3'" A DG  A 9  ? 0.0856 0.1161 0.0683 -0.0284 0.0196  0.0061  9   DG  A "C3'" 
243 C  "C3'" B DG  A 9  ? 0.0507 0.1017 0.0576 -0.0245 0.0232  0.0017  9   DG  A "C3'" 
244 O  "O3'" A DG  A 9  ? 0.0830 0.1194 0.0710 -0.0210 0.0140  0.0122  9   DG  A "O3'" 
245 O  "O3'" B DG  A 9  ? 0.0578 0.0905 0.0625 -0.0162 0.0249  -0.0040 9   DG  A "O3'" 
246 C  "C2'" A DG  A 9  ? 0.0947 0.1036 0.0787 -0.0224 0.0186  0.0008  9   DG  A "C2'" 
247 C  "C2'" B DG  A 9  ? 0.0607 0.0977 0.0643 -0.0288 0.0273  -0.0059 9   DG  A "C2'" 
248 C  "C1'" . DG  A 9  ? 0.0751 0.1013 0.0567 -0.0270 0.0330  -0.0017 9   DG  A "C1'" 
249 N  N9    . DG  A 9  ? 0.0789 0.0883 0.0522 -0.0224 0.0341  -0.0046 9   DG  A N9    
250 C  C8    . DG  A 9  ? 0.0847 0.0895 0.0646 -0.0078 0.0283  0.0024  9   DG  A C8    
251 N  N7    . DG  A 9  ? 0.0829 0.0840 0.0619 -0.0057 0.0304  -0.0042 9   DG  A N7    
252 C  C5    . DG  A 9  ? 0.0719 0.0744 0.0486 -0.0086 0.0274  -0.0096 9   DG  A C5    
253 C  C6    . DG  A 9  ? 0.0718 0.0790 0.0476 -0.0096 0.0265  -0.0117 9   DG  A C6    
254 O  O6    . DG  A 9  ? 0.0614 0.0818 0.0698 -0.0042 0.0319  -0.0028 9   DG  A O6    
255 N  N1    . DG  A 9  ? 0.0615 0.0733 0.0519 -0.0088 0.0280  -0.0110 9   DG  A N1    
256 C  C2    . DG  A 9  ? 0.0605 0.0817 0.0491 -0.0093 0.0266  -0.0119 9   DG  A C2    
257 N  N2    . DG  A 9  ? 0.0676 0.0837 0.0716 -0.0102 0.0270  -0.0051 9   DG  A N2    
258 N  N3    . DG  A 9  ? 0.0665 0.0827 0.0486 -0.0192 0.0309  -0.0138 9   DG  A N3    
259 C  C4    . DG  A 9  ? 0.0679 0.0821 0.0465 -0.0183 0.0225  -0.0145 9   DG  A C4    
260 P  P     A DG  A 10 ? 0.0865 0.1401 0.0777 -0.0223 0.0155  0.0107  10  DG  A P     
261 P  P     B DG  A 10 ? 0.0458 0.1049 0.0578 -0.0160 0.0231  -0.0033 10  DG  A P     
262 O  OP1   A DG  A 10 ? 0.0994 0.1418 0.0841 -0.0117 0.0161  -0.0051 10  DG  A OP1   
263 O  OP1   B DG  A 10 ? 0.0523 0.1283 0.0717 -0.0133 0.0333  0.0068  10  DG  A OP1   
264 O  OP2   A DG  A 10 ? 0.1067 0.1314 0.1067 -0.0177 -0.0040 -0.0031 10  DG  A OP2   
265 O  OP2   B DG  A 10 ? 0.0627 0.1026 0.0690 -0.0232 0.0231  -0.0007 10  DG  A OP2   
266 O  "O5'" A DG  A 10 ? 0.0906 0.1166 0.0835 -0.0044 0.0114  -0.0018 10  DG  A "O5'" 
267 O  "O5'" B DG  A 10 ? 0.0570 0.1101 0.0561 -0.0010 0.0218  -0.0097 10  DG  A "O5'" 
268 C  "C5'" A DG  A 10 ? 0.0901 0.1174 0.0834 -0.0013 0.0183  0.0023  10  DG  A "C5'" 
269 C  "C5'" B DG  A 10 ? 0.0753 0.1158 0.0671 0.0105  0.0347  -0.0013 10  DG  A "C5'" 
270 C  "C4'" A DG  A 10 ? 0.0721 0.1175 0.0829 -0.0040 0.0243  0.0017  10  DG  A "C4'" 
271 C  "C4'" B DG  A 10 ? 0.0595 0.1240 0.0686 0.0027  0.0350  0.0012  10  DG  A "C4'" 
272 O  "O4'" . DG  A 10 ? 0.0625 0.1129 0.0719 -0.0050 0.0269  -0.0129 10  DG  A "O4'" 
273 C  "C3'" . DG  A 10 ? 0.0536 0.1178 0.0832 -0.0091 0.0247  0.0109  10  DG  A "C3'" 
274 O  "O3'" . DG  A 10 ? 0.0898 0.1479 0.0931 0.0138  0.0031  0.0026  10  DG  A "O3'" 
275 C  "C2'" . DG  A 10 ? 0.0546 0.0951 0.0970 -0.0101 0.0252  0.0060  10  DG  A "C2'" 
276 C  "C1'" . DG  A 10 ? 0.0503 0.0905 0.0582 -0.0084 0.0248  -0.0007 10  DG  A "C1'" 
277 N  N9    . DG  A 10 ? 0.0539 0.0840 0.0602 -0.0104 0.0226  -0.0020 10  DG  A N9    
278 C  C8    . DG  A 10 ? 0.0648 0.0833 0.0590 -0.0112 0.0204  -0.0032 10  DG  A C8    
279 N  N7    . DG  A 10 ? 0.0626 0.0753 0.0591 -0.0054 0.0244  -0.0077 10  DG  A N7    
280 C  C5    . DG  A 10 ? 0.0570 0.0736 0.0495 -0.0057 0.0233  -0.0132 10  DG  A C5    
281 C  C6    . DG  A 10 ? 0.0549 0.0792 0.0457 -0.0033 0.0230  -0.0142 10  DG  A C6    
282 O  O6    . DG  A 10 ? 0.0551 0.0922 0.0630 0.0017  0.0295  -0.0102 10  DG  A O6    
283 N  N1    . DG  A 10 ? 0.0531 0.0820 0.0519 -0.0086 0.0268  -0.0099 10  DG  A N1    
284 C  C2    . DG  A 10 ? 0.0487 0.0795 0.0479 -0.0059 0.0224  -0.0085 10  DG  A C2    
285 N  N2    . DG  A 10 ? 0.0608 0.0889 0.0703 -0.0063 0.0312  0.0050  10  DG  A N2    
286 N  N3    . DG  A 10 ? 0.0517 0.0791 0.0529 -0.0099 0.0246  -0.0051 10  DG  A N3    
287 C  C4    . DG  A 10 ? 0.0522 0.0797 0.0435 -0.0126 0.0222  -0.0103 10  DG  A C4    
288 MG MG    . MG  B .  ? 0.0640 0.1105 0.1206 0.0054  0.0159  -0.0116 21  MG  A MG    
289 MG MG    A MG  C .  ? 0.0642 0.0771 0.0732 0.0071  0.0300  0.0016  22  MG  A MG    
290 MG MG    B MG  C .  ? 0.1268 0.1017 0.0985 0.0049  0.0029  0.0002  22  MG  A MG    
291 MG MG    B MG  D .  ? 0.0655 0.0796 0.0901 0.0019  0.0107  0.0151  23  MG  A MG    
292 MG MG    A MG  E .  ? 0.0877 0.1452 0.0881 0.0099  0.0202  -0.0192 24  MG  A MG    
293 MG MG    B MG  E .  ? 0.0554 0.1049 0.0846 0.0083  0.0121  0.0047  24  MG  A MG    
294 MG MG    C MG  E .  ? 0.0771 0.1467 0.0763 0.0101  0.0252  -0.0081 24  MG  A MG    
295 MG MG    A MG  F .  ? 0.0615 0.0976 0.0690 0.0000  0.0260  0.0044  25  MG  A MG    
296 RB RB    A RB  G .  ? 0.1113 0.1145 0.1059 0.0048  0.0082  0.0024  101 RB  A RB    
297 RB RB    B RB  H .  ? 0.1136 0.1469 0.1645 0.0015  0.0406  0.0212  102 RB  A RB    
298 O  O     . HOH I .  ? 0.0829 0.1646 0.1010 0.0204  0.0429  0.0274  201 HOH A O     
299 O  O     . HOH I .  ? 0.0611 0.1435 0.1419 -0.0019 0.0247  0.0119  202 HOH A O     
300 O  O     . HOH I .  ? 0.1402 0.1296 0.1056 -0.0078 0.0263  0.0029  203 HOH A O     
301 O  O     . HOH I .  ? 0.1384 0.1602 0.1098 0.0016  0.0341  0.0031  204 HOH A O     
302 O  O     . HOH I .  ? 0.0449 0.1296 0.0847 0.0060  0.0254  -0.0051 205 HOH A O     
303 O  O     . HOH I .  ? 0.1065 0.1627 0.1933 0.0155  0.0537  0.0130  206 HOH A O     
304 O  O     . HOH I .  ? 0.1066 0.1467 0.1177 0.0215  0.0100  0.0083  207 HOH A O     
305 O  O     . HOH I .  ? 0.0898 0.1790 0.1511 0.0241  0.0052  -0.0256 208 HOH A O     
306 O  O     . HOH I .  ? 0.2316 0.2290 0.2449 0.0118  -0.0148 0.0186  209 HOH A O     
307 O  O     . HOH I .  ? 0.1721 0.1992 0.1815 0.0246  0.0153  0.0060  210 HOH A O     
308 O  O     . HOH I .  ? 0.0716 0.1313 0.0780 0.0247  0.0153  -0.0059 211 HOH A O     
309 O  O     . HOH I .  ? 0.0713 0.1312 0.0969 0.0108  0.0331  0.0049  212 HOH A O     
310 O  O     . HOH I .  ? 0.1841 0.2107 0.1881 -0.0019 -0.0126 -0.0107 213 HOH A O     
311 O  O     . HOH I .  ? 0.2257 0.2150 0.2269 -0.0172 -0.0018 -0.0230 214 HOH A O     
312 O  O     . HOH I .  ? 0.2058 0.1973 0.2222 -0.0050 -0.0091 0.0105  215 HOH A O     
313 O  O     . HOH I .  ? 0.0910 0.1488 0.1199 -0.0092 0.0092  0.0111  216 HOH A O     
314 O  O     . HOH I .  ? 0.1025 0.1187 0.1035 -0.0138 0.0112  0.0224  217 HOH A O     
315 O  O     . HOH I .  ? 0.1246 0.1740 0.1597 0.0046  0.0107  0.0149  218 HOH A O     
316 O  O     . HOH I .  ? 0.1028 0.1295 0.1091 0.0006  0.0147  0.0046  219 HOH A O     
317 O  O     . HOH I .  ? 0.2335 0.2326 0.2428 -0.0017 -0.0068 0.0081  220 HOH A O     
318 O  O     . HOH I .  ? 0.1548 0.1920 0.1507 -0.0032 0.0209  0.0074  221 HOH A O     
319 O  O     . HOH I .  ? 0.1896 0.1780 0.1653 -0.0037 0.0105  -0.0009 222 HOH A O     
320 O  O     . HOH I .  ? 0.1307 0.1379 0.1482 -0.0077 0.0068  0.0110  223 HOH A O     
321 O  O     . HOH I .  ? 0.1199 0.1621 0.1183 -0.0001 0.0323  0.0017  224 HOH A O     
322 O  O     A HOH I .  ? 0.1353 0.1516 0.1183 -0.0099 0.0389  -0.0201 225 HOH A O     
323 O  O     B HOH I .  ? 0.1243 0.1397 0.1087 0.0056  0.0130  -0.0119 225 HOH A O     
324 O  O     A HOH I .  ? 0.0839 0.1536 0.1091 0.0194  0.0325  0.0224  226 HOH A O     
325 O  O     B HOH I .  ? 0.0969 0.1043 0.0907 0.0072  0.0128  -0.0101 226 HOH A O     
326 O  O     A HOH I .  ? 0.0903 0.0977 0.0540 -0.0117 0.0176  0.0055  227 HOH A O     
327 O  O     C HOH I .  ? 0.1082 0.0922 0.0905 0.0006  0.0117  -0.0004 227 HOH A O     
328 O  O     A HOH I .  ? 0.0727 0.1557 0.1514 -0.0072 0.0280  0.0070  228 HOH A O     
329 O  O     B HOH I .  ? 0.1155 0.1337 0.1356 -0.0084 -0.0032 -0.0033 228 HOH A O     
330 O  O     A HOH I .  ? 0.0756 0.1375 0.1293 -0.0024 0.0348  -0.0041 229 HOH A O     
331 O  O     B HOH I .  ? 0.1197 0.1450 0.1317 -0.0072 0.0065  -0.0036 229 HOH A O     
332 O  O     A HOH I .  ? 0.1924 0.2142 0.2307 -0.0065 0.0079  -0.0040 230 HOH A O     
333 O  O     B HOH I .  ? 0.0700 0.1403 0.1194 -0.0123 0.0306  -0.0091 230 HOH A O     
334 O  O     A HOH I .  ? 0.1022 0.1344 0.1173 -0.0176 0.0179  0.0096  231 HOH A O     
335 O  O     B HOH I .  ? 0.1038 0.1675 0.1314 -0.0002 0.0200  -0.0057 231 HOH A O     
336 O  O     A HOH I .  ? 0.0563 0.0956 0.0639 -0.0057 0.0262  0.0126  232 HOH A O     
337 O  O     B HOH I .  ? 0.1704 0.1710 0.1376 0.0054  0.0079  0.0027  232 HOH A O     
338 O  O     A HOH I .  ? 0.1595 0.1533 0.1056 0.0286  0.0460  -0.0011 233 HOH A O     
339 O  O     B HOH I .  ? 0.1743 0.1973 0.2003 0.0000  0.0061  -0.0014 233 HOH A O     
340 O  O     A HOH I .  ? 0.2181 0.2236 0.2224 -0.0119 -0.0047 -0.0007 234 HOH A O     
341 O  O     B HOH I .  ? 0.1787 0.1891 0.1902 0.0014  0.0049  -0.0087 234 HOH A O     
342 O  O     A HOH I .  ? 0.2262 0.2215 0.2271 0.0062  -0.0020 0.0065  235 HOH A O     
343 O  O     B HOH I .  ? 0.1897 0.1866 0.1880 0.0076  0.0034  -0.0064 235 HOH A O     
344 O  O     A HOH I .  ? 0.0689 0.1200 0.0878 -0.0101 0.0392  0.0059  236 HOH A O     
345 O  O     B HOH I .  ? 0.1030 0.1341 0.1378 -0.0167 0.0452  0.0054  236 HOH A O     
346 O  O     A HOH I .  ? 0.1893 0.1954 0.1829 0.0058  0.0080  -0.0049 237 HOH A O     
347 O  O     B HOH I .  ? 0.1726 0.1763 0.1654 -0.0024 0.0040  -0.0029 237 HOH A O     
348 O  O     A HOH I .  ? 0.1798 0.1576 0.1383 0.0185  0.0408  0.0164  238 HOH A O     
349 O  O     C HOH I .  ? 0.0847 0.0974 0.0895 -0.0063 0.0196  -0.0069 238 HOH A O     
350 O  O     A HOH I .  ? 0.1548 0.1628 0.1630 0.0027  0.0013  0.0062  239 HOH A O     
351 O  O     B HOH I .  ? 0.1879 0.1875 0.1875 -0.0026 -0.0009 -0.0005 239 HOH A O     
352 O  O     A HOH I .  ? 0.1214 0.1395 0.1140 0.0002  0.0177  0.0032  240 HOH A O     
353 O  O     C HOH I .  ? 0.1551 0.1192 0.1014 -0.0012 0.0016  0.0029  240 HOH A O     
354 O  O     A HOH I .  ? 0.1331 0.1371 0.1336 0.0013  0.0027  -0.0024 241 HOH A O     
355 O  O     D HOH I .  ? 0.1426 0.1422 0.1384 -0.0050 0.0033  0.0015  241 HOH A O     
356 O  O     . HOH I .  ? 0.1004 0.1179 0.1132 0.0110  0.0013  0.0058  242 HOH A O     
357 O  O     . HOH I .  ? 0.1670 0.1570 0.1607 0.0024  -0.0035 0.0008  243 HOH A O     
358 O  O     . HOH I .  ? 0.1022 0.1135 0.1194 -0.0064 0.0010  -0.0074 244 HOH A O     
359 O  O     . HOH I .  ? 0.0999 0.1369 0.0960 0.0178  0.0154  -0.0179 245 HOH A O     
360 O  O     . HOH I .  ? 0.1362 0.1317 0.1301 0.0064  0.0002  0.0053  246 HOH A O     
361 O  O     . HOH I .  ? 0.1455 0.1407 0.1287 0.0035  0.0061  0.0037  247 HOH A O     
362 O  O     . HOH I .  ? 0.1395 0.1405 0.1357 -0.0002 0.0095  0.0043  248 HOH A O     
363 O  O     A HOH I .  ? 0.1136 0.1401 0.1185 -0.0042 0.0208  0.0115  249 HOH A O     
364 O  O     B HOH I .  ? 0.0855 0.1252 0.1114 -0.0149 0.0096  -0.0137 250 HOH A O     
365 O  O     B HOH I .  ? 0.2244 0.2041 0.2156 -0.0124 -0.0047 -0.0074 251 HOH A O     
366 O  O     A HOH I .  ? 0.1513 0.1657 0.1772 0.0199  0.0115  -0.0130 252 HOH A O     
367 O  O     A HOH I .  ? 0.1777 0.1920 0.1380 -0.0200 0.0075  0.0209  253 HOH A O     
368 O  O     A HOH I .  ? 0.1681 0.1406 0.1866 -0.0088 -0.0187 0.0131  254 HOH A O     
369 O  O     A HOH I .  ? 0.0985 0.1245 0.1218 -0.0168 0.0126  0.0042  255 HOH A O     
370 O  O     A HOH I .  ? 0.1719 0.1714 0.1846 -0.0086 0.0029  -0.0217 256 HOH A O     
371 O  O     A HOH I .  ? 0.1799 0.1763 0.1886 0.0119  0.0079  -0.0075 257 HOH A O     
372 O  O     A HOH I .  ? 0.1723 0.1707 0.1896 0.0030  0.0024  0.0046  258 HOH A O     
373 O  O     A HOH I .  ? 0.1202 0.1526 0.1388 -0.0032 0.0425  -0.0408 259 HOH A O     
374 O  O     A HOH I .  ? 0.1554 0.1171 0.1269 0.0079  -0.0136 0.0191  260 HOH A O     
375 O  O     C HOH I .  ? 0.1561 0.1830 0.1325 -0.0015 -0.0010 0.0055  261 HOH A O     
376 O  O     B HOH I .  ? 0.1836 0.1856 0.1771 -0.0050 0.0049  0.0005  262 HOH A O     
377 O  O     A HOH I .  ? 0.1457 0.1484 0.1450 -0.0145 0.0063  -0.0086 263 HOH A O     
378 O  O     B HOH I .  ? 0.1991 0.1931 0.2007 0.0035  0.0021  0.0033  264 HOH A O     
379 O  O     A HOH I .  ? 0.1651 0.1801 0.1932 -0.0080 -0.0032 0.0035  265 HOH A O     
380 O  O     A HOH I .  ? 0.2233 0.2155 0.2211 0.0088  -0.0017 0.0026  266 HOH A O     
381 O  O     A HOH I .  ? 0.1719 0.1836 0.1840 -0.0015 0.0047  -0.0047 267 HOH A O     
382 O  O     D HOH I .  ? 0.0469 0.1183 0.0767 -0.0167 0.0191  -0.0268 268 HOH A O     
383 O  O     B HOH I .  ? 0.0880 0.0806 0.0853 0.0114  0.0092  0.0239  269 HOH A O     
384 O  O     B HOH I .  ? 0.1163 0.1171 0.0801 0.0095  0.0320  -0.0065 270 HOH A O     
385 O  O     B HOH I .  ? 0.1493 0.1678 0.1543 0.0119  0.0108  0.0032  271 HOH A O     
386 O  O     B HOH I .  ? 0.0706 0.0893 0.0806 -0.0046 0.0093  0.0122  272 HOH A O     
387 O  O     D HOH I .  ? 0.1088 0.1273 0.1215 0.0159  -0.0061 -0.0059 273 HOH A O     
388 O  O     C HOH I .  ? 0.1908 0.1883 0.1810 0.0050  0.0009  -0.0017 274 HOH A O     
389 O  O     D HOH I .  ? 0.0605 0.1135 0.0687 0.0102  -0.0009 -0.0229 275 HOH A O     
390 O  O     C HOH I .  ? 0.1711 0.1800 0.1700 -0.0057 0.0057  -0.0011 276 HOH A O     
391 O  O     A HOH I .  ? 0.1450 0.1530 0.1544 0.0028  0.0148  -0.0022 277 HOH A O     
392 O  O     B HOH I .  ? 0.0892 0.1036 0.1075 -0.0058 0.0078  -0.0048 278 HOH A O     
393 O  O     B HOH I .  ? 0.1186 0.1382 0.1267 -0.0040 0.0109  -0.0019 279 HOH A O     
394 O  O     B HOH I .  ? 0.1380 0.1475 0.1455 0.0006  -0.0092 0.0049  280 HOH A O     
395 O  O     A HOH I .  ? 0.1417 0.1377 0.1506 0.0005  0.0025  -0.0077 281 HOH A O     
396 O  O     A HOH I .  ? 0.1458 0.1368 0.1386 -0.0003 0.0033  0.0020  282 HOH A O     
397 O  O     A HOH I .  ? 0.1448 0.1481 0.1472 0.0042  -0.0007 0.0034  283 HOH A O     
398 O  O     A HOH I .  ? 0.0923 0.1120 0.1138 0.0117  0.0037  -0.0077 284 HOH A O     
399 O  O     A HOH I .  ? 0.1910 0.1932 0.1867 0.0016  0.0048  -0.0032 285 HOH A O     
400 O  O     B HOH I .  ? 0.0926 0.0982 0.0920 -0.0042 -0.0041 0.0035  286 HOH A O     
401 O  O     B HOH I .  ? 0.1350 0.1483 0.1306 0.0050  0.0164  0.0057  287 HOH A O     
402 O  O     A HOH I .  ? 0.1502 0.1507 0.1548 -0.0058 -0.0059 -0.0033 288 HOH A O     
403 O  O     A HOH I .  ? 0.1513 0.1519 0.1525 -0.0025 -0.0048 0.0041  289 HOH A O     
404 O  O     B HOH I .  ? 0.1285 0.1407 0.1456 0.0035  -0.0047 0.0003  290 HOH A O     
405 O  O     D HOH I .  ? 0.0587 0.0770 0.0646 0.0016  0.0162  -0.0103 291 HOH A O     
406 O  O     . HOH I .  ? 0.1314 0.1540 0.1609 -0.0067 0.0021  -0.0223 292 HOH A O     
407 O  O     . HOH I .  ? 0.0654 0.1178 0.1144 -0.0067 0.0207  0.0040  293 HOH A O     
408 O  O     . HOH I .  ? 0.0999 0.1638 0.1179 0.0202  0.0224  -0.0115 294 HOH A O     
409 O  O     . HOH I .  ? 0.0584 0.1091 0.1319 -0.0081 0.0130  -0.0082 295 HOH A O     
410 O  O     . HOH I .  ? 0.1053 0.1431 0.1226 0.0147  0.0131  -0.0016 296 HOH A O     
411 O  O     . HOH I .  ? 0.0810 0.1176 0.1528 0.0007  0.0149  0.0033  297 HOH A O     
412 O  O     A HOH I .  ? 0.0951 0.1145 0.0852 0.0229  0.0300  -0.0036 298 HOH A O     
413 O  O     B HOH I .  ? 0.1114 0.1219 0.1093 0.0036  0.0063  0.0030  298 HOH A O     
414 O  O     A HOH I .  ? 0.0810 0.0984 0.0864 0.0019  0.0352  -0.0091 299 HOH A O     
415 O  O     B HOH I .  ? 0.1401 0.1317 0.1173 0.0048  0.0077  0.0063  299 HOH A O     
416 O  O     A HOH I .  ? 0.0939 0.0954 0.1054 0.0056  0.0238  -0.0002 300 HOH A O     
417 O  O     B HOH I .  ? 0.1389 0.1353 0.1311 0.0056  -0.0082 0.0027  300 HOH A O     
418 O  O     A HOH I .  ? 0.0731 0.0835 0.0850 -0.0065 0.0191  0.0094  301 HOH A O     
419 O  O     B HOH I .  ? 0.1198 0.1156 0.1105 0.0032  0.0059  0.0067  301 HOH A O     
420 O  O     A HOH I .  ? 0.0825 0.1004 0.0813 -0.0003 0.0238  0.0055  302 HOH A O     
421 O  O     B HOH I .  ? 0.1319 0.1154 0.1080 0.0043  -0.0052 -0.0026 302 HOH A O     
422 O  O     A HOH I .  ? 0.0597 0.1075 0.0870 0.0078  0.0323  -0.0068 303 HOH A O     
423 O  O     B HOH I .  ? 0.1473 0.1179 0.1207 -0.0002 -0.0009 0.0004  303 HOH A O     
424 O  O     B HOH I .  ? 0.0575 0.0880 0.0929 0.0000  0.0140  0.0118  304 HOH A O     
425 O  O     B HOH I .  ? 0.1022 0.0952 0.1198 0.0063  -0.0079 0.0118  305 HOH A O     
426 O  O     B HOH I .  ? 0.0729 0.0958 0.0964 0.0080  0.0173  0.0154  306 HOH A O     
427 O  O     B HOH I .  ? 0.0779 0.0824 0.1243 0.0006  0.0005  0.0220  307 HOH A O     
428 O  O     B HOH I .  ? 0.0805 0.1166 0.0933 0.0047  0.0118  0.0155  308 HOH A O     
429 O  O     B HOH I .  ? 0.0906 0.1105 0.1063 -0.0014 0.0168  0.0118  309 HOH A O     
430 O  O     A HOH I .  ? 0.0954 0.1366 0.1100 0.0068  0.0115  -0.0073 310 HOH A O     
431 O  O     B HOH I .  ? 0.0706 0.0923 0.0764 0.0025  0.0044  0.0038  310 HOH A O     
432 O  O     C HOH I .  ? 0.1119 0.1389 0.0929 0.0053  0.0204  -0.0089 310 HOH A O     
433 O  O     A HOH I .  ? 0.1148 0.1428 0.1224 0.0040  0.0099  -0.0160 311 HOH A O     
434 O  O     B HOH I .  ? 0.0672 0.0934 0.0852 0.0074  0.0032  -0.0056 311 HOH A O     
435 O  O     C HOH I .  ? 0.0783 0.1123 0.0858 0.0165  0.0270  -0.0232 311 HOH A O     
436 O  O     A HOH I .  ? 0.1127 0.1389 0.1155 0.0093  0.0136  -0.0102 312 HOH A O     
437 O  O     B HOH I .  ? 0.0543 0.1060 0.0833 0.0028  0.0119  -0.0023 312 HOH A O     
438 O  O     C HOH I .  ? 0.1062 0.1382 0.1104 0.0115  0.0111  -0.0073 312 HOH A O     
439 O  O     A HOH I .  ? 0.0973 0.1396 0.1105 0.0036  0.0195  -0.0095 313 HOH A O     
440 O  O     B HOH I .  ? 0.0690 0.1046 0.0822 0.0037  0.0120  0.0002  313 HOH A O     
441 O  O     C HOH I .  ? 0.1179 0.1358 0.1167 0.0071  0.0088  -0.0056 313 HOH A O     
442 O  O     A HOH I .  ? 0.0986 0.1427 0.1107 0.0038  0.0128  -0.0102 314 HOH A O     
443 O  O     B HOH I .  ? 0.0636 0.1021 0.0882 0.0072  0.0104  0.0005  314 HOH A O     
444 O  O     C HOH I .  ? 0.1105 0.1356 0.1087 0.0049  0.0091  -0.0099 314 HOH A O     
445 O  O     A HOH I .  ? 0.0949 0.1377 0.1069 0.0065  0.0091  -0.0116 315 HOH A O     
446 O  O     B HOH I .  ? 0.0700 0.1063 0.0883 0.0079  0.0175  0.0017  315 HOH A O     
447 O  O     C HOH I .  ? 0.0984 0.1370 0.0871 0.0068  0.0146  -0.0119 315 HOH A O     
448 O  O     A HOH I .  ? 0.0853 0.1176 0.0825 0.0039  0.0225  -0.0017 316 HOH A O     
449 O  O     A HOH I .  ? 0.0603 0.0798 0.0617 -0.0151 0.0317  0.0055  317 HOH A O     
450 O  O     A HOH I .  ? 0.1032 0.1186 0.1010 0.0008  0.0116  0.0022  318 HOH A O     
451 O  O     A HOH I .  ? 0.0805 0.1216 0.0847 0.0068  0.0255  0.0011  319 HOH A O     
452 O  O     A HOH I .  ? 0.0565 0.0923 0.0751 0.0114  0.0067  0.0055  320 HOH A O     
453 O  O     A HOH I .  ? 0.0695 0.0969 0.0888 0.0185  0.0136  0.0016  321 HOH A O     
# 
loop_
_pdbx_poly_seq_scheme.asym_id 
_pdbx_poly_seq_scheme.entity_id 
_pdbx_poly_seq_scheme.seq_id 
_pdbx_poly_seq_scheme.mon_id 
_pdbx_poly_seq_scheme.ndb_seq_num 
_pdbx_poly_seq_scheme.pdb_seq_num 
_pdbx_poly_seq_scheme.auth_seq_num 
_pdbx_poly_seq_scheme.pdb_mon_id 
_pdbx_poly_seq_scheme.auth_mon_id 
_pdbx_poly_seq_scheme.pdb_strand_id 
_pdbx_poly_seq_scheme.pdb_ins_code 
_pdbx_poly_seq_scheme.hetero 
A 1 1  DC 1  1  1  DC DC A . n 
A 1 2  DC 2  2  2  DC DC A . n 
A 1 3  DA 3  3  3  DA DA A . n 
A 1 4  DG 4  4  4  DG DG A . n 
A 1 5  DG 5  5  5  DG DG A . n 
A 1 6  DC 6  6  6  DC DC A . n 
A 1 7  DC 7  7  7  DC DC A . n 
A 1 8  DT 8  8  8  DT DT A . n 
A 1 9  DG 9  9  9  DG DG A . n 
A 1 10 DG 10 10 10 DG DG A . n 
# 
loop_
_pdbx_nonpoly_scheme.asym_id 
_pdbx_nonpoly_scheme.entity_id 
_pdbx_nonpoly_scheme.mon_id 
_pdbx_nonpoly_scheme.ndb_seq_num 
_pdbx_nonpoly_scheme.pdb_seq_num 
_pdbx_nonpoly_scheme.auth_seq_num 
_pdbx_nonpoly_scheme.pdb_mon_id 
_pdbx_nonpoly_scheme.auth_mon_id 
_pdbx_nonpoly_scheme.pdb_strand_id 
_pdbx_nonpoly_scheme.pdb_ins_code 
B 2 MG  1   21  21  MG  MO6 A . 
C 2 MG  1   22  22  MG  MO6 A . 
D 2 MG  1   23  23  MG  MO6 A . 
E 2 MG  1   24  24  MG  MO6 A . 
F 2 MG  1   25  25  MG  MO6 A . 
G 3 RB  1   101 101 RB  RB  A . 
H 3 RB  1   102 102 RB  RB  A . 
I 4 HOH 1   201 201 HOH HOH A . 
I 4 HOH 2   202 202 HOH HOH A . 
I 4 HOH 3   203 203 HOH HOH A . 
I 4 HOH 4   204 204 HOH HOH A . 
I 4 HOH 5   205 205 HOH HOH A . 
I 4 HOH 6   206 206 HOH HOH A . 
I 4 HOH 7   207 207 HOH HOH A . 
I 4 HOH 8   208 208 HOH HOH A . 
I 4 HOH 9   209 209 HOH HOH A . 
I 4 HOH 10  210 210 HOH HOH A . 
I 4 HOH 11  211 211 HOH HOH A . 
I 4 HOH 12  212 212 HOH HOH A . 
I 4 HOH 13  213 213 HOH HOH A . 
I 4 HOH 14  214 214 HOH HOH A . 
I 4 HOH 15  215 215 HOH HOH A . 
I 4 HOH 16  216 216 HOH HOH A . 
I 4 HOH 17  217 217 HOH HOH A . 
I 4 HOH 18  218 218 HOH HOH A . 
I 4 HOH 19  219 219 HOH HOH A . 
I 4 HOH 20  220 220 HOH HOH A . 
I 4 HOH 21  221 221 HOH HOH A . 
I 4 HOH 22  222 222 HOH HOH A . 
I 4 HOH 23  223 223 HOH HOH A . 
I 4 HOH 24  224 224 HOH HOH A . 
I 4 HOH 25  225 225 HOH HOH A . 
I 4 HOH 26  226 226 HOH HOH A . 
I 4 HOH 27  227 227 HOH HOH A . 
I 4 HOH 28  228 228 HOH HOH A . 
I 4 HOH 29  229 229 HOH HOH A . 
I 4 HOH 30  230 230 HOH HOH A . 
I 4 HOH 31  231 231 HOH HOH A . 
I 4 HOH 32  232 232 HOH HOH A . 
I 4 HOH 33  233 233 HOH HOH A . 
I 4 HOH 34  234 234 HOH HOH A . 
I 4 HOH 35  235 235 HOH HOH A . 
I 4 HOH 36  236 236 HOH HOH A . 
I 4 HOH 37  237 237 HOH HOH A . 
I 4 HOH 38  238 238 HOH HOH A . 
I 4 HOH 39  239 239 HOH HOH A . 
I 4 HOH 40  240 240 HOH HOH A . 
I 4 HOH 41  241 241 HOH HOH A . 
I 4 HOH 42  242 242 HOH HOH A . 
I 4 HOH 43  243 243 HOH HOH A . 
I 4 HOH 44  244 244 HOH HOH A . 
I 4 HOH 45  245 245 HOH HOH A . 
I 4 HOH 46  246 246 HOH HOH A . 
I 4 HOH 47  247 247 HOH HOH A . 
I 4 HOH 48  248 248 HOH HOH A . 
I 4 HOH 49  249 249 HOH HOH A . 
I 4 HOH 50  250 250 HOH HOH A . 
I 4 HOH 51  251 251 HOH HOH A . 
I 4 HOH 52  252 252 HOH HOH A . 
I 4 HOH 53  253 253 HOH HOH A . 
I 4 HOH 54  254 254 HOH HOH A . 
I 4 HOH 55  255 255 HOH HOH A . 
I 4 HOH 56  256 256 HOH HOH A . 
I 4 HOH 57  257 257 HOH HOH A . 
I 4 HOH 58  258 258 HOH HOH A . 
I 4 HOH 59  259 259 HOH HOH A . 
I 4 HOH 60  260 260 HOH HOH A . 
I 4 HOH 61  261 261 HOH HOH A . 
I 4 HOH 62  262 262 HOH HOH A . 
I 4 HOH 63  263 263 HOH HOH A . 
I 4 HOH 64  264 264 HOH HOH A . 
I 4 HOH 65  265 265 HOH HOH A . 
I 4 HOH 66  266 266 HOH HOH A . 
I 4 HOH 67  267 267 HOH HOH A . 
I 4 HOH 68  268 268 HOH HOH A . 
I 4 HOH 69  269 269 HOH HOH A . 
I 4 HOH 70  270 270 HOH HOH A . 
I 4 HOH 71  271 271 HOH HOH A . 
I 4 HOH 72  272 272 HOH HOH A . 
I 4 HOH 73  273 273 HOH HOH A . 
I 4 HOH 74  274 274 HOH HOH A . 
I 4 HOH 75  275 275 HOH HOH A . 
I 4 HOH 76  276 276 HOH HOH A . 
I 4 HOH 77  277 277 HOH HOH A . 
I 4 HOH 78  278 278 HOH HOH A . 
I 4 HOH 79  279 279 HOH HOH A . 
I 4 HOH 80  280 280 HOH HOH A . 
I 4 HOH 81  281 281 HOH HOH A . 
I 4 HOH 82  282 282 HOH HOH A . 
I 4 HOH 83  283 283 HOH HOH A . 
I 4 HOH 84  284 284 HOH HOH A . 
I 4 HOH 85  285 285 HOH HOH A . 
I 4 HOH 86  286 286 HOH HOH A . 
I 4 HOH 87  287 287 HOH HOH A . 
I 4 HOH 88  288 288 HOH HOH A . 
I 4 HOH 89  289 289 HOH HOH A . 
I 4 HOH 90  290 290 HOH HOH A . 
I 4 HOH 91  291 291 HOH HOH A . 
I 4 HOH 92  292 21  HOH MO6 A . 
I 4 HOH 93  293 21  HOH MO6 A . 
I 4 HOH 94  294 21  HOH MO6 A . 
I 4 HOH 95  295 21  HOH MO6 A . 
I 4 HOH 96  296 21  HOH MO6 A . 
I 4 HOH 97  297 21  HOH MO6 A . 
I 4 HOH 98  298 22  HOH MO6 A . 
I 4 HOH 99  299 22  HOH MO6 A . 
I 4 HOH 100 300 22  HOH MO6 A . 
I 4 HOH 101 301 22  HOH MO6 A . 
I 4 HOH 102 302 22  HOH MO6 A . 
I 4 HOH 103 303 22  HOH MO6 A . 
I 4 HOH 104 304 23  HOH MO6 A . 
I 4 HOH 105 305 23  HOH MO6 A . 
I 4 HOH 106 306 23  HOH MO6 A . 
I 4 HOH 107 307 23  HOH MO6 A . 
I 4 HOH 108 308 23  HOH MO6 A . 
I 4 HOH 109 309 23  HOH MO6 A . 
I 4 HOH 110 310 24  HOH MO6 A . 
I 4 HOH 111 311 24  HOH MO6 A . 
I 4 HOH 112 312 24  HOH MO6 A . 
I 4 HOH 113 313 24  HOH MO6 A . 
I 4 HOH 114 314 24  HOH MO6 A . 
I 4 HOH 115 315 24  HOH MO6 A . 
I 4 HOH 116 316 25  HOH MO6 A . 
I 4 HOH 117 317 25  HOH MO6 A . 
I 4 HOH 118 318 25  HOH MO6 A . 
I 4 HOH 119 319 25  HOH MO6 A . 
I 4 HOH 120 320 25  HOH MO6 A . 
I 4 HOH 121 321 25  HOH MO6 A . 
# 
_pdbx_struct_assembly.id                   1 
_pdbx_struct_assembly.details              author_and_software_defined_assembly 
_pdbx_struct_assembly.method_details       PISA 
_pdbx_struct_assembly.oligomeric_details   dimeric 
_pdbx_struct_assembly.oligomeric_count     2 
# 
_pdbx_struct_assembly_gen.assembly_id       1 
_pdbx_struct_assembly_gen.oper_expression   1,2 
_pdbx_struct_assembly_gen.asym_id_list      A,B,C,D,E,F,G,H,I 
# 
loop_
_pdbx_struct_assembly_prop.biol_id 
_pdbx_struct_assembly_prop.type 
_pdbx_struct_assembly_prop.value 
_pdbx_struct_assembly_prop.details 
1 'ABSA (A^2)' 1340 ? 
1 MORE         -34  ? 
1 'SSA (A^2)'  3980 ? 
# 
loop_
_pdbx_struct_oper_list.id 
_pdbx_struct_oper_list.type 
_pdbx_struct_oper_list.name 
_pdbx_struct_oper_list.symmetry_operation 
_pdbx_struct_oper_list.matrix[1][1] 
_pdbx_struct_oper_list.matrix[1][2] 
_pdbx_struct_oper_list.matrix[1][3] 
_pdbx_struct_oper_list.vector[1] 
_pdbx_struct_oper_list.matrix[2][1] 
_pdbx_struct_oper_list.matrix[2][2] 
_pdbx_struct_oper_list.matrix[2][3] 
_pdbx_struct_oper_list.vector[2] 
_pdbx_struct_oper_list.matrix[3][1] 
_pdbx_struct_oper_list.matrix[3][2] 
_pdbx_struct_oper_list.matrix[3][3] 
_pdbx_struct_oper_list.vector[3] 
1 'identity operation'         1_555 x,y,z   1.0000000000  0.0000000000  0.0000000000 0.0000000000  0.0000000000  1.0000000000 0.0000000000  0.0000000000  0.0000000000 0.0000000000  1.0000000000  0.0000000000 
2 'crystal symmetry operation' 2_555 -x,y,-z -0.6641981388 -0.5920496257 0.4564187476 -1.5524497403 -0.5920496257 0.0438380477 -0.8047083113 -0.1549124421 0.4564187476 -0.8047083113 -0.3796399090 0.9412401684 
# 
loop_
_pdbx_struct_special_symmetry.id 
_pdbx_struct_special_symmetry.PDB_model_num 
_pdbx_struct_special_symmetry.auth_asym_id 
_pdbx_struct_special_symmetry.auth_comp_id 
_pdbx_struct_special_symmetry.auth_seq_id 
_pdbx_struct_special_symmetry.PDB_ins_code 
_pdbx_struct_special_symmetry.label_asym_id 
_pdbx_struct_special_symmetry.label_comp_id 
_pdbx_struct_special_symmetry.label_seq_id 
1 1 A MG  25  ? F MG  . 
2 1 A RB  101 ? G RB  . 
3 1 A HOH 220 ? I HOH . 
# 
loop_
_pdbx_struct_conn_angle.id 
_pdbx_struct_conn_angle.ptnr1_label_atom_id 
_pdbx_struct_conn_angle.ptnr1_label_alt_id 
_pdbx_struct_conn_angle.ptnr1_label_asym_id 
_pdbx_struct_conn_angle.ptnr1_label_comp_id 
_pdbx_struct_conn_angle.ptnr1_label_seq_id 
_pdbx_struct_conn_angle.ptnr1_auth_atom_id 
_pdbx_struct_conn_angle.ptnr1_auth_asym_id 
_pdbx_struct_conn_angle.ptnr1_auth_comp_id 
_pdbx_struct_conn_angle.ptnr1_auth_seq_id 
_pdbx_struct_conn_angle.ptnr1_PDB_ins_code 
_pdbx_struct_conn_angle.ptnr1_symmetry 
_pdbx_struct_conn_angle.ptnr2_label_atom_id 
_pdbx_struct_conn_angle.ptnr2_label_alt_id 
_pdbx_struct_conn_angle.ptnr2_label_asym_id 
_pdbx_struct_conn_angle.ptnr2_label_comp_id 
_pdbx_struct_conn_angle.ptnr2_label_seq_id 
_pdbx_struct_conn_angle.ptnr2_auth_atom_id 
_pdbx_struct_conn_angle.ptnr2_auth_asym_id 
_pdbx_struct_conn_angle.ptnr2_auth_comp_id 
_pdbx_struct_conn_angle.ptnr2_auth_seq_id 
_pdbx_struct_conn_angle.ptnr2_PDB_ins_code 
_pdbx_struct_conn_angle.ptnr2_symmetry 
_pdbx_struct_conn_angle.ptnr3_label_atom_id 
_pdbx_struct_conn_angle.ptnr3_label_alt_id 
_pdbx_struct_conn_angle.ptnr3_label_asym_id 
_pdbx_struct_conn_angle.ptnr3_label_comp_id 
_pdbx_struct_conn_angle.ptnr3_label_seq_id 
_pdbx_struct_conn_angle.ptnr3_auth_atom_id 
_pdbx_struct_conn_angle.ptnr3_auth_asym_id 
_pdbx_struct_conn_angle.ptnr3_auth_comp_id 
_pdbx_struct_conn_angle.ptnr3_auth_seq_id 
_pdbx_struct_conn_angle.ptnr3_PDB_ins_code 
_pdbx_struct_conn_angle.ptnr3_symmetry 
_pdbx_struct_conn_angle.value 
_pdbx_struct_conn_angle.value_esd 
1   N7 ? A DG  9 ? A DG  9   ? 1_555 RB B H RB . ? A RB 102 ? 1_555 O B I HOH . ? A HOH 269 ? 1_555 79.8  ? 
2   O  ? I HOH . ? A HOH 292 ? 1_555 MG ? B MG . ? A MG 21  ? 1_555 O ? I HOH . ? A HOH 293 ? 1_555 176.7 ? 
3   O  ? I HOH . ? A HOH 292 ? 1_555 MG ? B MG . ? A MG 21  ? 1_555 O ? I HOH . ? A HOH 294 ? 1_555 91.2  ? 
4   O  ? I HOH . ? A HOH 293 ? 1_555 MG ? B MG . ? A MG 21  ? 1_555 O ? I HOH . ? A HOH 294 ? 1_555 92.0  ? 
5   O  ? I HOH . ? A HOH 292 ? 1_555 MG ? B MG . ? A MG 21  ? 1_555 O ? I HOH . ? A HOH 295 ? 1_555 89.5  ? 
6   O  ? I HOH . ? A HOH 293 ? 1_555 MG ? B MG . ? A MG 21  ? 1_555 O ? I HOH . ? A HOH 295 ? 1_555 87.3  ? 
7   O  ? I HOH . ? A HOH 294 ? 1_555 MG ? B MG . ? A MG 21  ? 1_555 O ? I HOH . ? A HOH 295 ? 1_555 179.0 ? 
8   O  ? I HOH . ? A HOH 292 ? 1_555 MG ? B MG . ? A MG 21  ? 1_555 O ? I HOH . ? A HOH 296 ? 1_555 91.8  ? 
9   O  ? I HOH . ? A HOH 293 ? 1_555 MG ? B MG . ? A MG 21  ? 1_555 O ? I HOH . ? A HOH 296 ? 1_555 89.2  ? 
10  O  ? I HOH . ? A HOH 294 ? 1_555 MG ? B MG . ? A MG 21  ? 1_555 O ? I HOH . ? A HOH 296 ? 1_555 88.9  ? 
11  O  ? I HOH . ? A HOH 295 ? 1_555 MG ? B MG . ? A MG 21  ? 1_555 O ? I HOH . ? A HOH 296 ? 1_555 91.8  ? 
12  O  ? I HOH . ? A HOH 292 ? 1_555 MG ? B MG . ? A MG 21  ? 1_555 O ? I HOH . ? A HOH 297 ? 1_555 91.2  ? 
13  O  ? I HOH . ? A HOH 293 ? 1_555 MG ? B MG . ? A MG 21  ? 1_555 O ? I HOH . ? A HOH 297 ? 1_555 87.9  ? 
14  O  ? I HOH . ? A HOH 294 ? 1_555 MG ? B MG . ? A MG 21  ? 1_555 O ? I HOH . ? A HOH 297 ? 1_555 90.6  ? 
15  O  ? I HOH . ? A HOH 295 ? 1_555 MG ? B MG . ? A MG 21  ? 1_555 O ? I HOH . ? A HOH 297 ? 1_555 88.7  ? 
16  O  ? I HOH . ? A HOH 296 ? 1_555 MG ? B MG . ? A MG 21  ? 1_555 O ? I HOH . ? A HOH 297 ? 1_555 177.0 ? 
17  O  A I HOH . ? A HOH 298 ? 1_555 MG A C MG . ? A MG 22  ? 1_555 O A I HOH . ? A HOH 299 ? 1_555 176.9 ? 
18  O  A I HOH . ? A HOH 298 ? 1_555 MG A C MG . ? A MG 22  ? 1_555 O A I HOH . ? A HOH 300 ? 1_555 89.5  ? 
19  O  A I HOH . ? A HOH 299 ? 1_555 MG A C MG . ? A MG 22  ? 1_555 O A I HOH . ? A HOH 300 ? 1_555 90.4  ? 
20  O  A I HOH . ? A HOH 298 ? 1_555 MG A C MG . ? A MG 22  ? 1_555 O A I HOH . ? A HOH 301 ? 1_555 88.9  ? 
21  O  A I HOH . ? A HOH 299 ? 1_555 MG A C MG . ? A MG 22  ? 1_555 O A I HOH . ? A HOH 301 ? 1_555 91.4  ? 
22  O  A I HOH . ? A HOH 300 ? 1_555 MG A C MG . ? A MG 22  ? 1_555 O A I HOH . ? A HOH 301 ? 1_555 176.9 ? 
23  O  A I HOH . ? A HOH 298 ? 1_555 MG A C MG . ? A MG 22  ? 1_555 O A I HOH . ? A HOH 302 ? 1_555 91.7  ? 
24  O  A I HOH . ? A HOH 299 ? 1_555 MG A C MG . ? A MG 22  ? 1_555 O A I HOH . ? A HOH 302 ? 1_555 91.4  ? 
25  O  A I HOH . ? A HOH 300 ? 1_555 MG A C MG . ? A MG 22  ? 1_555 O A I HOH . ? A HOH 302 ? 1_555 88.5  ? 
26  O  A I HOH . ? A HOH 301 ? 1_555 MG A C MG . ? A MG 22  ? 1_555 O A I HOH . ? A HOH 302 ? 1_555 88.9  ? 
27  O  A I HOH . ? A HOH 298 ? 1_555 MG A C MG . ? A MG 22  ? 1_555 O A I HOH . ? A HOH 303 ? 1_555 87.9  ? 
28  O  A I HOH . ? A HOH 299 ? 1_555 MG A C MG . ? A MG 22  ? 1_555 O A I HOH . ? A HOH 303 ? 1_555 89.0  ? 
29  O  A I HOH . ? A HOH 300 ? 1_555 MG A C MG . ? A MG 22  ? 1_555 O A I HOH . ? A HOH 303 ? 1_555 91.8  ? 
30  O  A I HOH . ? A HOH 301 ? 1_555 MG A C MG . ? A MG 22  ? 1_555 O A I HOH . ? A HOH 303 ? 1_555 90.7  ? 
31  O  A I HOH . ? A HOH 302 ? 1_555 MG A C MG . ? A MG 22  ? 1_555 O A I HOH . ? A HOH 303 ? 1_555 179.4 ? 
32  O  B I HOH . ? A HOH 298 ? 1_555 MG B C MG . ? A MG 22  ? 1_555 O B I HOH . ? A HOH 299 ? 1_555 179.4 ? 
33  O  B I HOH . ? A HOH 298 ? 1_555 MG B C MG . ? A MG 22  ? 1_555 O B I HOH . ? A HOH 300 ? 1_555 90.4  ? 
34  O  B I HOH . ? A HOH 299 ? 1_555 MG B C MG . ? A MG 22  ? 1_555 O B I HOH . ? A HOH 300 ? 1_555 90.2  ? 
35  O  B I HOH . ? A HOH 298 ? 1_555 MG B C MG . ? A MG 22  ? 1_555 O B I HOH . ? A HOH 301 ? 1_555 89.6  ? 
36  O  B I HOH . ? A HOH 299 ? 1_555 MG B C MG . ? A MG 22  ? 1_555 O B I HOH . ? A HOH 301 ? 1_555 89.9  ? 
37  O  B I HOH . ? A HOH 300 ? 1_555 MG B C MG . ? A MG 22  ? 1_555 O B I HOH . ? A HOH 301 ? 1_555 179.8 ? 
38  O  B I HOH . ? A HOH 298 ? 1_555 MG B C MG . ? A MG 22  ? 1_555 O B I HOH . ? A HOH 302 ? 1_555 90.0  ? 
39  O  B I HOH . ? A HOH 299 ? 1_555 MG B C MG . ? A MG 22  ? 1_555 O B I HOH . ? A HOH 302 ? 1_555 90.2  ? 
40  O  B I HOH . ? A HOH 300 ? 1_555 MG B C MG . ? A MG 22  ? 1_555 O B I HOH . ? A HOH 302 ? 1_555 89.7  ? 
41  O  B I HOH . ? A HOH 301 ? 1_555 MG B C MG . ? A MG 22  ? 1_555 O B I HOH . ? A HOH 302 ? 1_555 90.2  ? 
42  O  B I HOH . ? A HOH 298 ? 1_555 MG B C MG . ? A MG 22  ? 1_555 O B I HOH . ? A HOH 303 ? 1_555 90.1  ? 
43  O  B I HOH . ? A HOH 299 ? 1_555 MG B C MG . ? A MG 22  ? 1_555 O B I HOH . ? A HOH 303 ? 1_555 89.7  ? 
44  O  B I HOH . ? A HOH 300 ? 1_555 MG B C MG . ? A MG 22  ? 1_555 O B I HOH . ? A HOH 303 ? 1_555 90.3  ? 
45  O  B I HOH . ? A HOH 301 ? 1_555 MG B C MG . ? A MG 22  ? 1_555 O B I HOH . ? A HOH 303 ? 1_555 89.8  ? 
46  O  B I HOH . ? A HOH 302 ? 1_555 MG B C MG . ? A MG 22  ? 1_555 O B I HOH . ? A HOH 303 ? 1_555 179.9 ? 
47  O  B I HOH . ? A HOH 304 ? 1_555 MG B D MG . ? A MG 23  ? 1_555 O B I HOH . ? A HOH 305 ? 1_555 178.6 ? 
48  O  B I HOH . ? A HOH 304 ? 1_555 MG B D MG . ? A MG 23  ? 1_555 O B I HOH . ? A HOH 306 ? 1_555 88.6  ? 
49  O  B I HOH . ? A HOH 305 ? 1_555 MG B D MG . ? A MG 23  ? 1_555 O B I HOH . ? A HOH 306 ? 1_555 92.3  ? 
50  O  B I HOH . ? A HOH 304 ? 1_555 MG B D MG . ? A MG 23  ? 1_555 O B I HOH . ? A HOH 307 ? 1_555 91.0  ? 
51  O  B I HOH . ? A HOH 305 ? 1_555 MG B D MG . ? A MG 23  ? 1_555 O B I HOH . ? A HOH 307 ? 1_555 88.1  ? 
52  O  B I HOH . ? A HOH 306 ? 1_555 MG B D MG . ? A MG 23  ? 1_555 O B I HOH . ? A HOH 307 ? 1_555 179.6 ? 
53  O  B I HOH . ? A HOH 304 ? 1_555 MG B D MG . ? A MG 23  ? 1_555 O B I HOH . ? A HOH 308 ? 1_555 91.3  ? 
54  O  B I HOH . ? A HOH 305 ? 1_555 MG B D MG . ? A MG 23  ? 1_555 O B I HOH . ? A HOH 308 ? 1_555 89.7  ? 
55  O  B I HOH . ? A HOH 306 ? 1_555 MG B D MG . ? A MG 23  ? 1_555 O B I HOH . ? A HOH 308 ? 1_555 91.4  ? 
56  O  B I HOH . ? A HOH 307 ? 1_555 MG B D MG . ? A MG 23  ? 1_555 O B I HOH . ? A HOH 308 ? 1_555 88.6  ? 
57  O  B I HOH . ? A HOH 304 ? 1_555 MG B D MG . ? A MG 23  ? 1_555 O B I HOH . ? A HOH 309 ? 1_555 88.6  ? 
58  O  B I HOH . ? A HOH 305 ? 1_555 MG B D MG . ? A MG 23  ? 1_555 O B I HOH . ? A HOH 309 ? 1_555 90.3  ? 
59  O  B I HOH . ? A HOH 306 ? 1_555 MG B D MG . ? A MG 23  ? 1_555 O B I HOH . ? A HOH 309 ? 1_555 90.2  ? 
60  O  B I HOH . ? A HOH 307 ? 1_555 MG B D MG . ? A MG 23  ? 1_555 O B I HOH . ? A HOH 309 ? 1_555 89.8  ? 
61  O  B I HOH . ? A HOH 308 ? 1_555 MG B D MG . ? A MG 23  ? 1_555 O B I HOH . ? A HOH 309 ? 1_555 178.3 ? 
62  O  A I HOH . ? A HOH 310 ? 1_555 MG A E MG . ? A MG 24  ? 1_555 O A I HOH . ? A HOH 311 ? 1_555 179.7 ? 
63  O  A I HOH . ? A HOH 310 ? 1_555 MG A E MG . ? A MG 24  ? 1_555 O A I HOH . ? A HOH 312 ? 1_555 89.7  ? 
64  O  A I HOH . ? A HOH 311 ? 1_555 MG A E MG . ? A MG 24  ? 1_555 O A I HOH . ? A HOH 312 ? 1_555 90.0  ? 
65  O  A I HOH . ? A HOH 310 ? 1_555 MG A E MG . ? A MG 24  ? 1_555 O A I HOH . ? A HOH 313 ? 1_555 88.9  ? 
66  O  A I HOH . ? A HOH 311 ? 1_555 MG A E MG . ? A MG 24  ? 1_555 O A I HOH . ? A HOH 313 ? 1_555 91.3  ? 
67  O  A I HOH . ? A HOH 312 ? 1_555 MG A E MG . ? A MG 24  ? 1_555 O A I HOH . ? A HOH 313 ? 1_555 178.2 ? 
68  O  A I HOH . ? A HOH 310 ? 1_555 MG A E MG . ? A MG 24  ? 1_555 O A I HOH . ? A HOH 314 ? 1_555 91.0  ? 
69  O  A I HOH . ? A HOH 311 ? 1_555 MG A E MG . ? A MG 24  ? 1_555 O A I HOH . ? A HOH 314 ? 1_555 89.2  ? 
70  O  A I HOH . ? A HOH 312 ? 1_555 MG A E MG . ? A MG 24  ? 1_555 O A I HOH . ? A HOH 314 ? 1_555 89.8  ? 
71  O  A I HOH . ? A HOH 313 ? 1_555 MG A E MG . ? A MG 24  ? 1_555 O A I HOH . ? A HOH 314 ? 1_555 89.1  ? 
72  O  A I HOH . ? A HOH 310 ? 1_555 MG A E MG . ? A MG 24  ? 1_555 O A I HOH . ? A HOH 315 ? 1_555 90.1  ? 
73  O  A I HOH . ? A HOH 311 ? 1_555 MG A E MG . ? A MG 24  ? 1_555 O A I HOH . ? A HOH 315 ? 1_555 89.6  ? 
74  O  A I HOH . ? A HOH 312 ? 1_555 MG A E MG . ? A MG 24  ? 1_555 O A I HOH . ? A HOH 315 ? 1_555 89.0  ? 
75  O  A I HOH . ? A HOH 313 ? 1_555 MG A E MG . ? A MG 24  ? 1_555 O A I HOH . ? A HOH 315 ? 1_555 92.2  ? 
76  O  A I HOH . ? A HOH 314 ? 1_555 MG A E MG . ? A MG 24  ? 1_555 O A I HOH . ? A HOH 315 ? 1_555 178.3 ? 
77  O  B I HOH . ? A HOH 310 ? 1_555 MG B E MG . ? A MG 24  ? 1_555 O B I HOH . ? A HOH 311 ? 1_555 178.5 ? 
78  O  B I HOH . ? A HOH 310 ? 1_555 MG B E MG . ? A MG 24  ? 1_555 O B I HOH . ? A HOH 312 ? 1_555 89.8  ? 
79  O  B I HOH . ? A HOH 311 ? 1_555 MG B E MG . ? A MG 24  ? 1_555 O B I HOH . ? A HOH 312 ? 1_555 89.2  ? 
80  O  B I HOH . ? A HOH 310 ? 1_555 MG B E MG . ? A MG 24  ? 1_555 O B I HOH . ? A HOH 313 ? 1_555 91.4  ? 
81  O  B I HOH . ? A HOH 311 ? 1_555 MG B E MG . ? A MG 24  ? 1_555 O B I HOH . ? A HOH 313 ? 1_555 89.5  ? 
82  O  B I HOH . ? A HOH 312 ? 1_555 MG B E MG . ? A MG 24  ? 1_555 O B I HOH . ? A HOH 313 ? 1_555 178.7 ? 
83  O  B I HOH . ? A HOH 310 ? 1_555 MG B E MG . ? A MG 24  ? 1_555 O B I HOH . ? A HOH 314 ? 1_555 89.5  ? 
84  O  B I HOH . ? A HOH 311 ? 1_555 MG B E MG . ? A MG 24  ? 1_555 O B I HOH . ? A HOH 314 ? 1_555 91.7  ? 
85  O  B I HOH . ? A HOH 312 ? 1_555 MG B E MG . ? A MG 24  ? 1_555 O B I HOH . ? A HOH 314 ? 1_555 89.8  ? 
86  O  B I HOH . ? A HOH 313 ? 1_555 MG B E MG . ? A MG 24  ? 1_555 O B I HOH . ? A HOH 314 ? 1_555 89.8  ? 
87  O  B I HOH . ? A HOH 310 ? 1_555 MG B E MG . ? A MG 24  ? 1_555 O B I HOH . ? A HOH 315 ? 1_555 88.7  ? 
88  O  B I HOH . ? A HOH 311 ? 1_555 MG B E MG . ? A MG 24  ? 1_555 O B I HOH . ? A HOH 315 ? 1_555 90.2  ? 
89  O  B I HOH . ? A HOH 312 ? 1_555 MG B E MG . ? A MG 24  ? 1_555 O B I HOH . ? A HOH 315 ? 1_555 90.7  ? 
90  O  B I HOH . ? A HOH 313 ? 1_555 MG B E MG . ? A MG 24  ? 1_555 O B I HOH . ? A HOH 315 ? 1_555 89.7  ? 
91  O  B I HOH . ? A HOH 314 ? 1_555 MG B E MG . ? A MG 24  ? 1_555 O B I HOH . ? A HOH 315 ? 1_555 178.1 ? 
92  O  C I HOH . ? A HOH 310 ? 1_555 MG C E MG . ? A MG 24  ? 1_555 O C I HOH . ? A HOH 311 ? 1_555 179.1 ? 
93  O  C I HOH . ? A HOH 310 ? 1_555 MG C E MG . ? A MG 24  ? 1_555 O C I HOH . ? A HOH 312 ? 1_555 90.4  ? 
94  O  C I HOH . ? A HOH 311 ? 1_555 MG C E MG . ? A MG 24  ? 1_555 O C I HOH . ? A HOH 312 ? 1_555 90.5  ? 
95  O  C I HOH . ? A HOH 310 ? 1_555 MG C E MG . ? A MG 24  ? 1_555 O C I HOH . ? A HOH 313 ? 1_555 89.9  ? 
96  O  C I HOH . ? A HOH 311 ? 1_555 MG C E MG . ? A MG 24  ? 1_555 O C I HOH . ? A HOH 313 ? 1_555 89.3  ? 
97  O  C I HOH . ? A HOH 312 ? 1_555 MG C E MG . ? A MG 24  ? 1_555 O C I HOH . ? A HOH 313 ? 1_555 179.7 ? 
98  O  C I HOH . ? A HOH 310 ? 1_555 MG C E MG . ? A MG 24  ? 1_555 O C I HOH . ? A HOH 314 ? 1_555 91.3  ? 
99  O  C I HOH . ? A HOH 311 ? 1_555 MG C E MG . ? A MG 24  ? 1_555 O C I HOH . ? A HOH 314 ? 1_555 89.0  ? 
100 O  C I HOH . ? A HOH 312 ? 1_555 MG C E MG . ? A MG 24  ? 1_555 O C I HOH . ? A HOH 314 ? 1_555 90.1  ? 
101 O  C I HOH . ? A HOH 313 ? 1_555 MG C E MG . ? A MG 24  ? 1_555 O C I HOH . ? A HOH 314 ? 1_555 90.0  ? 
102 O  C I HOH . ? A HOH 310 ? 1_555 MG C E MG . ? A MG 24  ? 1_555 O C I HOH . ? A HOH 315 ? 1_555 88.4  ? 
103 O  C I HOH . ? A HOH 311 ? 1_555 MG C E MG . ? A MG 24  ? 1_555 O C I HOH . ? A HOH 315 ? 1_555 91.3  ? 
104 O  C I HOH . ? A HOH 312 ? 1_555 MG C E MG . ? A MG 24  ? 1_555 O C I HOH . ? A HOH 315 ? 1_555 89.9  ? 
105 O  C I HOH . ? A HOH 313 ? 1_555 MG C E MG . ? A MG 24  ? 1_555 O C I HOH . ? A HOH 315 ? 1_555 90.0  ? 
106 O  C I HOH . ? A HOH 314 ? 1_555 MG C E MG . ? A MG 24  ? 1_555 O C I HOH . ? A HOH 315 ? 1_555 179.7 ? 
107 O  A I HOH . ? A HOH 316 ? 1_555 MG A F MG . ? A MG 25  ? 1_555 O A I HOH . ? A HOH 317 ? 1_555 178.8 ? 
108 O  A I HOH . ? A HOH 316 ? 1_555 MG A F MG . ? A MG 25  ? 1_555 O A I HOH . ? A HOH 318 ? 1_555 89.7  ? 
109 O  A I HOH . ? A HOH 317 ? 1_555 MG A F MG . ? A MG 25  ? 1_555 O A I HOH . ? A HOH 318 ? 1_555 91.5  ? 
110 O  A I HOH . ? A HOH 316 ? 1_555 MG A F MG . ? A MG 25  ? 1_555 O A I HOH . ? A HOH 319 ? 1_555 90.3  ? 
111 O  A I HOH . ? A HOH 317 ? 1_555 MG A F MG . ? A MG 25  ? 1_555 O A I HOH . ? A HOH 319 ? 1_555 88.6  ? 
112 O  A I HOH . ? A HOH 318 ? 1_555 MG A F MG . ? A MG 25  ? 1_555 O A I HOH . ? A HOH 319 ? 1_555 178.2 ? 
113 O  A I HOH . ? A HOH 316 ? 1_555 MG A F MG . ? A MG 25  ? 1_555 O A I HOH . ? A HOH 320 ? 1_555 90.9  ? 
114 O  A I HOH . ? A HOH 317 ? 1_555 MG A F MG . ? A MG 25  ? 1_555 O A I HOH . ? A HOH 320 ? 1_555 88.6  ? 
115 O  A I HOH . ? A HOH 318 ? 1_555 MG A F MG . ? A MG 25  ? 1_555 O A I HOH . ? A HOH 320 ? 1_555 89.6  ? 
116 O  A I HOH . ? A HOH 319 ? 1_555 MG A F MG . ? A MG 25  ? 1_555 O A I HOH . ? A HOH 320 ? 1_555 92.1  ? 
117 O  A I HOH . ? A HOH 316 ? 1_555 MG A F MG . ? A MG 25  ? 1_555 O A I HOH . ? A HOH 321 ? 1_555 90.9  ? 
118 O  A I HOH . ? A HOH 317 ? 1_555 MG A F MG . ? A MG 25  ? 1_555 O A I HOH . ? A HOH 321 ? 1_555 89.7  ? 
119 O  A I HOH . ? A HOH 318 ? 1_555 MG A F MG . ? A MG 25  ? 1_555 O A I HOH . ? A HOH 321 ? 1_555 89.6  ? 
120 O  A I HOH . ? A HOH 319 ? 1_555 MG A F MG . ? A MG 25  ? 1_555 O A I HOH . ? A HOH 321 ? 1_555 88.6  ? 
121 O  A I HOH . ? A HOH 320 ? 1_555 MG A F MG . ? A MG 25  ? 1_555 O A I HOH . ? A HOH 321 ? 1_555 178.1 ? 
# 
loop_
_pdbx_audit_revision_history.ordinal 
_pdbx_audit_revision_history.data_content_type 
_pdbx_audit_revision_history.major_revision 
_pdbx_audit_revision_history.minor_revision 
_pdbx_audit_revision_history.revision_date 
1 'Structure model' 1 0 2010-03-09 
2 'Structure model' 1 1 2011-07-13 
3 'Structure model' 1 2 2017-11-01 
4 'Structure model' 1 3 2019-07-24 
5 'Structure model' 1 4 2023-09-06 
# 
_pdbx_audit_revision_details.ordinal             1 
_pdbx_audit_revision_details.revision_ordinal    1 
_pdbx_audit_revision_details.data_content_type   'Structure model' 
_pdbx_audit_revision_details.provider            repository 
_pdbx_audit_revision_details.type                'Initial release' 
_pdbx_audit_revision_details.description         ? 
_pdbx_audit_revision_details.details             ? 
# 
loop_
_pdbx_audit_revision_group.ordinal 
_pdbx_audit_revision_group.revision_ordinal 
_pdbx_audit_revision_group.data_content_type 
_pdbx_audit_revision_group.group 
1 2 'Structure model' 'Version format compliance' 
2 3 'Structure model' 'Refinement description'    
3 4 'Structure model' 'Data collection'           
4 4 'Structure model' 'Derived calculations'      
5 4 'Structure model' 'Refinement description'    
6 5 'Structure model' 'Data collection'           
7 5 'Structure model' 'Database references'       
8 5 'Structure model' 'Derived calculations'      
9 5 'Structure model' 'Refinement description'    
# 
loop_
_pdbx_audit_revision_category.ordinal 
_pdbx_audit_revision_category.revision_ordinal 
_pdbx_audit_revision_category.data_content_type 
_pdbx_audit_revision_category.category 
1  3 'Structure model' software                      
2  4 'Structure model' pdbx_struct_special_symmetry  
3  4 'Structure model' software                      
4  5 'Structure model' chem_comp_atom                
5  5 'Structure model' chem_comp_bond                
6  5 'Structure model' database_2                    
7  5 'Structure model' pdbx_initial_refinement_model 
8  5 'Structure model' pdbx_struct_conn_angle        
9  5 'Structure model' struct_conn                   
10 5 'Structure model' struct_site                   
# 
loop_
_pdbx_audit_revision_item.ordinal 
_pdbx_audit_revision_item.revision_ordinal 
_pdbx_audit_revision_item.data_content_type 
_pdbx_audit_revision_item.item 
1  3 'Structure model' '_software.name'                              
2  4 'Structure model' '_software.classification'                    
3  4 'Structure model' '_software.name'                              
4  4 'Structure model' '_software.version'                           
5  5 'Structure model' '_database_2.pdbx_DOI'                        
6  5 'Structure model' '_database_2.pdbx_database_accession'         
7  5 'Structure model' '_pdbx_struct_conn_angle.ptnr1_auth_comp_id'  
8  5 'Structure model' '_pdbx_struct_conn_angle.ptnr1_auth_seq_id'   
9  5 'Structure model' '_pdbx_struct_conn_angle.ptnr1_label_alt_id'  
10 5 'Structure model' '_pdbx_struct_conn_angle.ptnr1_label_asym_id' 
11 5 'Structure model' '_pdbx_struct_conn_angle.ptnr1_label_atom_id' 
12 5 'Structure model' '_pdbx_struct_conn_angle.ptnr1_label_comp_id' 
13 5 'Structure model' '_pdbx_struct_conn_angle.ptnr1_label_seq_id'  
14 5 'Structure model' '_pdbx_struct_conn_angle.ptnr2_auth_comp_id'  
15 5 'Structure model' '_pdbx_struct_conn_angle.ptnr2_auth_seq_id'   
16 5 'Structure model' '_pdbx_struct_conn_angle.ptnr2_label_alt_id'  
17 5 'Structure model' '_pdbx_struct_conn_angle.ptnr2_label_asym_id' 
18 5 'Structure model' '_pdbx_struct_conn_angle.ptnr2_label_atom_id' 
19 5 'Structure model' '_pdbx_struct_conn_angle.ptnr2_label_comp_id' 
20 5 'Structure model' '_pdbx_struct_conn_angle.ptnr3_auth_comp_id'  
21 5 'Structure model' '_pdbx_struct_conn_angle.ptnr3_auth_seq_id'   
22 5 'Structure model' '_pdbx_struct_conn_angle.ptnr3_label_alt_id'  
23 5 'Structure model' '_pdbx_struct_conn_angle.ptnr3_label_asym_id' 
24 5 'Structure model' '_pdbx_struct_conn_angle.ptnr3_label_atom_id' 
25 5 'Structure model' '_pdbx_struct_conn_angle.ptnr3_label_comp_id' 
26 5 'Structure model' '_pdbx_struct_conn_angle.ptnr3_label_seq_id'  
27 5 'Structure model' '_pdbx_struct_conn_angle.value'               
28 5 'Structure model' '_struct_conn.pdbx_dist_value'                
29 5 'Structure model' '_struct_conn.pdbx_ptnr1_label_alt_id'        
30 5 'Structure model' '_struct_conn.pdbx_ptnr2_label_alt_id'        
31 5 'Structure model' '_struct_conn.ptnr1_auth_comp_id'             
32 5 'Structure model' '_struct_conn.ptnr1_auth_seq_id'              
33 5 'Structure model' '_struct_conn.ptnr1_label_asym_id'            
34 5 'Structure model' '_struct_conn.ptnr1_label_atom_id'            
35 5 'Structure model' '_struct_conn.ptnr1_label_comp_id'            
36 5 'Structure model' '_struct_conn.ptnr1_label_seq_id'             
37 5 'Structure model' '_struct_conn.ptnr2_auth_comp_id'             
38 5 'Structure model' '_struct_conn.ptnr2_auth_seq_id'              
39 5 'Structure model' '_struct_conn.ptnr2_label_asym_id'            
40 5 'Structure model' '_struct_conn.ptnr2_label_atom_id'            
41 5 'Structure model' '_struct_conn.ptnr2_label_comp_id'            
42 5 'Structure model' '_struct_site.pdbx_auth_asym_id'              
43 5 'Structure model' '_struct_site.pdbx_auth_comp_id'              
44 5 'Structure model' '_struct_site.pdbx_auth_seq_id'               
# 
loop_
_software.name 
_software.classification 
_software.version 
_software.citation_id 
_software.pdbx_ordinal 
REFMAC   refinement        5.2.0019 ? 1 
CNS      refinement        .        ? 2 
MAR345   'data collection' .        ? 3 
HKL-2000 'data reduction'  .        ? 4 
HKL-2000 'data scaling'    .        ? 5 
CNS      phasing           .        ? 6 
# 
loop_
_pdbx_validate_rmsd_angle.id 
_pdbx_validate_rmsd_angle.PDB_model_num 
_pdbx_validate_rmsd_angle.auth_atom_id_1 
_pdbx_validate_rmsd_angle.auth_asym_id_1 
_pdbx_validate_rmsd_angle.auth_comp_id_1 
_pdbx_validate_rmsd_angle.auth_seq_id_1 
_pdbx_validate_rmsd_angle.PDB_ins_code_1 
_pdbx_validate_rmsd_angle.label_alt_id_1 
_pdbx_validate_rmsd_angle.auth_atom_id_2 
_pdbx_validate_rmsd_angle.auth_asym_id_2 
_pdbx_validate_rmsd_angle.auth_comp_id_2 
_pdbx_validate_rmsd_angle.auth_seq_id_2 
_pdbx_validate_rmsd_angle.PDB_ins_code_2 
_pdbx_validate_rmsd_angle.label_alt_id_2 
_pdbx_validate_rmsd_angle.auth_atom_id_3 
_pdbx_validate_rmsd_angle.auth_asym_id_3 
_pdbx_validate_rmsd_angle.auth_comp_id_3 
_pdbx_validate_rmsd_angle.auth_seq_id_3 
_pdbx_validate_rmsd_angle.PDB_ins_code_3 
_pdbx_validate_rmsd_angle.label_alt_id_3 
_pdbx_validate_rmsd_angle.angle_value 
_pdbx_validate_rmsd_angle.angle_target_value 
_pdbx_validate_rmsd_angle.angle_deviation 
_pdbx_validate_rmsd_angle.angle_standard_deviation 
_pdbx_validate_rmsd_angle.linker_flag 
1 1 "O4'" A DG 4 ? ? "C1'" A DG 4 ? ? N9    A DG 4 ? ? 111.16 108.30 2.86  0.30 N 
2 1 "O4'" A DC 6 ? B "C1'" A DC 6 ? B N1    A DC 6 ? B 110.11 108.30 1.81  0.30 N 
3 1 "C1'" A DC 7 ? ? "O4'" A DC 7 ? ? "C4'" A DC 7 ? A 102.93 110.10 -7.17 1.00 N 
4 1 N1    A DC 7 ? ? "C1'" A DC 7 ? ? "C2'" A DC 7 ? B 124.01 114.30 9.71  1.40 N 
5 1 "O4'" A DC 7 ? ? "C1'" A DC 7 ? ? N1    A DC 7 ? ? 103.54 108.00 -4.46 0.70 N 
6 1 "C5'" A DG 9 ? ? "C4'" A DG 9 ? ? "C3'" A DG 9 ? A 123.46 115.70 7.76  1.20 N 
# 
loop_
_chem_comp_atom.comp_id 
_chem_comp_atom.atom_id 
_chem_comp_atom.type_symbol 
_chem_comp_atom.pdbx_aromatic_flag 
_chem_comp_atom.pdbx_stereo_config 
_chem_comp_atom.pdbx_ordinal 
DA  OP3    O  N N 1   
DA  P      P  N N 2   
DA  OP1    O  N N 3   
DA  OP2    O  N N 4   
DA  "O5'"  O  N N 5   
DA  "C5'"  C  N N 6   
DA  "C4'"  C  N R 7   
DA  "O4'"  O  N N 8   
DA  "C3'"  C  N S 9   
DA  "O3'"  O  N N 10  
DA  "C2'"  C  N N 11  
DA  "C1'"  C  N R 12  
DA  N9     N  Y N 13  
DA  C8     C  Y N 14  
DA  N7     N  Y N 15  
DA  C5     C  Y N 16  
DA  C6     C  Y N 17  
DA  N6     N  N N 18  
DA  N1     N  Y N 19  
DA  C2     C  Y N 20  
DA  N3     N  Y N 21  
DA  C4     C  Y N 22  
DA  HOP3   H  N N 23  
DA  HOP2   H  N N 24  
DA  "H5'"  H  N N 25  
DA  "H5''" H  N N 26  
DA  "H4'"  H  N N 27  
DA  "H3'"  H  N N 28  
DA  "HO3'" H  N N 29  
DA  "H2'"  H  N N 30  
DA  "H2''" H  N N 31  
DA  "H1'"  H  N N 32  
DA  H8     H  N N 33  
DA  H61    H  N N 34  
DA  H62    H  N N 35  
DA  H2     H  N N 36  
DC  OP3    O  N N 37  
DC  P      P  N N 38  
DC  OP1    O  N N 39  
DC  OP2    O  N N 40  
DC  "O5'"  O  N N 41  
DC  "C5'"  C  N N 42  
DC  "C4'"  C  N R 43  
DC  "O4'"  O  N N 44  
DC  "C3'"  C  N S 45  
DC  "O3'"  O  N N 46  
DC  "C2'"  C  N N 47  
DC  "C1'"  C  N R 48  
DC  N1     N  N N 49  
DC  C2     C  N N 50  
DC  O2     O  N N 51  
DC  N3     N  N N 52  
DC  C4     C  N N 53  
DC  N4     N  N N 54  
DC  C5     C  N N 55  
DC  C6     C  N N 56  
DC  HOP3   H  N N 57  
DC  HOP2   H  N N 58  
DC  "H5'"  H  N N 59  
DC  "H5''" H  N N 60  
DC  "H4'"  H  N N 61  
DC  "H3'"  H  N N 62  
DC  "HO3'" H  N N 63  
DC  "H2'"  H  N N 64  
DC  "H2''" H  N N 65  
DC  "H1'"  H  N N 66  
DC  H41    H  N N 67  
DC  H42    H  N N 68  
DC  H5     H  N N 69  
DC  H6     H  N N 70  
DG  OP3    O  N N 71  
DG  P      P  N N 72  
DG  OP1    O  N N 73  
DG  OP2    O  N N 74  
DG  "O5'"  O  N N 75  
DG  "C5'"  C  N N 76  
DG  "C4'"  C  N R 77  
DG  "O4'"  O  N N 78  
DG  "C3'"  C  N S 79  
DG  "O3'"  O  N N 80  
DG  "C2'"  C  N N 81  
DG  "C1'"  C  N R 82  
DG  N9     N  Y N 83  
DG  C8     C  Y N 84  
DG  N7     N  Y N 85  
DG  C5     C  Y N 86  
DG  C6     C  N N 87  
DG  O6     O  N N 88  
DG  N1     N  N N 89  
DG  C2     C  N N 90  
DG  N2     N  N N 91  
DG  N3     N  N N 92  
DG  C4     C  Y N 93  
DG  HOP3   H  N N 94  
DG  HOP2   H  N N 95  
DG  "H5'"  H  N N 96  
DG  "H5''" H  N N 97  
DG  "H4'"  H  N N 98  
DG  "H3'"  H  N N 99  
DG  "HO3'" H  N N 100 
DG  "H2'"  H  N N 101 
DG  "H2''" H  N N 102 
DG  "H1'"  H  N N 103 
DG  H8     H  N N 104 
DG  H1     H  N N 105 
DG  H21    H  N N 106 
DG  H22    H  N N 107 
DT  OP3    O  N N 108 
DT  P      P  N N 109 
DT  OP1    O  N N 110 
DT  OP2    O  N N 111 
DT  "O5'"  O  N N 112 
DT  "C5'"  C  N N 113 
DT  "C4'"  C  N R 114 
DT  "O4'"  O  N N 115 
DT  "C3'"  C  N S 116 
DT  "O3'"  O  N N 117 
DT  "C2'"  C  N N 118 
DT  "C1'"  C  N R 119 
DT  N1     N  N N 120 
DT  C2     C  N N 121 
DT  O2     O  N N 122 
DT  N3     N  N N 123 
DT  C4     C  N N 124 
DT  O4     O  N N 125 
DT  C5     C  N N 126 
DT  C7     C  N N 127 
DT  C6     C  N N 128 
DT  HOP3   H  N N 129 
DT  HOP2   H  N N 130 
DT  "H5'"  H  N N 131 
DT  "H5''" H  N N 132 
DT  "H4'"  H  N N 133 
DT  "H3'"  H  N N 134 
DT  "HO3'" H  N N 135 
DT  "H2'"  H  N N 136 
DT  "H2''" H  N N 137 
DT  "H1'"  H  N N 138 
DT  H3     H  N N 139 
DT  H71    H  N N 140 
DT  H72    H  N N 141 
DT  H73    H  N N 142 
DT  H6     H  N N 143 
HOH O      O  N N 144 
HOH H1     H  N N 145 
HOH H2     H  N N 146 
MG  MG     MG N N 147 
RB  RB     RB N N 148 
# 
loop_
_chem_comp_bond.comp_id 
_chem_comp_bond.atom_id_1 
_chem_comp_bond.atom_id_2 
_chem_comp_bond.value_order 
_chem_comp_bond.pdbx_aromatic_flag 
_chem_comp_bond.pdbx_stereo_config 
_chem_comp_bond.pdbx_ordinal 
DA  OP3   P      sing N N 1   
DA  OP3   HOP3   sing N N 2   
DA  P     OP1    doub N N 3   
DA  P     OP2    sing N N 4   
DA  P     "O5'"  sing N N 5   
DA  OP2   HOP2   sing N N 6   
DA  "O5'" "C5'"  sing N N 7   
DA  "C5'" "C4'"  sing N N 8   
DA  "C5'" "H5'"  sing N N 9   
DA  "C5'" "H5''" sing N N 10  
DA  "C4'" "O4'"  sing N N 11  
DA  "C4'" "C3'"  sing N N 12  
DA  "C4'" "H4'"  sing N N 13  
DA  "O4'" "C1'"  sing N N 14  
DA  "C3'" "O3'"  sing N N 15  
DA  "C3'" "C2'"  sing N N 16  
DA  "C3'" "H3'"  sing N N 17  
DA  "O3'" "HO3'" sing N N 18  
DA  "C2'" "C1'"  sing N N 19  
DA  "C2'" "H2'"  sing N N 20  
DA  "C2'" "H2''" sing N N 21  
DA  "C1'" N9     sing N N 22  
DA  "C1'" "H1'"  sing N N 23  
DA  N9    C8     sing Y N 24  
DA  N9    C4     sing Y N 25  
DA  C8    N7     doub Y N 26  
DA  C8    H8     sing N N 27  
DA  N7    C5     sing Y N 28  
DA  C5    C6     sing Y N 29  
DA  C5    C4     doub Y N 30  
DA  C6    N6     sing N N 31  
DA  C6    N1     doub Y N 32  
DA  N6    H61    sing N N 33  
DA  N6    H62    sing N N 34  
DA  N1    C2     sing Y N 35  
DA  C2    N3     doub Y N 36  
DA  C2    H2     sing N N 37  
DA  N3    C4     sing Y N 38  
DC  OP3   P      sing N N 39  
DC  OP3   HOP3   sing N N 40  
DC  P     OP1    doub N N 41  
DC  P     OP2    sing N N 42  
DC  P     "O5'"  sing N N 43  
DC  OP2   HOP2   sing N N 44  
DC  "O5'" "C5'"  sing N N 45  
DC  "C5'" "C4'"  sing N N 46  
DC  "C5'" "H5'"  sing N N 47  
DC  "C5'" "H5''" sing N N 48  
DC  "C4'" "O4'"  sing N N 49  
DC  "C4'" "C3'"  sing N N 50  
DC  "C4'" "H4'"  sing N N 51  
DC  "O4'" "C1'"  sing N N 52  
DC  "C3'" "O3'"  sing N N 53  
DC  "C3'" "C2'"  sing N N 54  
DC  "C3'" "H3'"  sing N N 55  
DC  "O3'" "HO3'" sing N N 56  
DC  "C2'" "C1'"  sing N N 57  
DC  "C2'" "H2'"  sing N N 58  
DC  "C2'" "H2''" sing N N 59  
DC  "C1'" N1     sing N N 60  
DC  "C1'" "H1'"  sing N N 61  
DC  N1    C2     sing N N 62  
DC  N1    C6     sing N N 63  
DC  C2    O2     doub N N 64  
DC  C2    N3     sing N N 65  
DC  N3    C4     doub N N 66  
DC  C4    N4     sing N N 67  
DC  C4    C5     sing N N 68  
DC  N4    H41    sing N N 69  
DC  N4    H42    sing N N 70  
DC  C5    C6     doub N N 71  
DC  C5    H5     sing N N 72  
DC  C6    H6     sing N N 73  
DG  OP3   P      sing N N 74  
DG  OP3   HOP3   sing N N 75  
DG  P     OP1    doub N N 76  
DG  P     OP2    sing N N 77  
DG  P     "O5'"  sing N N 78  
DG  OP2   HOP2   sing N N 79  
DG  "O5'" "C5'"  sing N N 80  
DG  "C5'" "C4'"  sing N N 81  
DG  "C5'" "H5'"  sing N N 82  
DG  "C5'" "H5''" sing N N 83  
DG  "C4'" "O4'"  sing N N 84  
DG  "C4'" "C3'"  sing N N 85  
DG  "C4'" "H4'"  sing N N 86  
DG  "O4'" "C1'"  sing N N 87  
DG  "C3'" "O3'"  sing N N 88  
DG  "C3'" "C2'"  sing N N 89  
DG  "C3'" "H3'"  sing N N 90  
DG  "O3'" "HO3'" sing N N 91  
DG  "C2'" "C1'"  sing N N 92  
DG  "C2'" "H2'"  sing N N 93  
DG  "C2'" "H2''" sing N N 94  
DG  "C1'" N9     sing N N 95  
DG  "C1'" "H1'"  sing N N 96  
DG  N9    C8     sing Y N 97  
DG  N9    C4     sing Y N 98  
DG  C8    N7     doub Y N 99  
DG  C8    H8     sing N N 100 
DG  N7    C5     sing Y N 101 
DG  C5    C6     sing N N 102 
DG  C5    C4     doub Y N 103 
DG  C6    O6     doub N N 104 
DG  C6    N1     sing N N 105 
DG  N1    C2     sing N N 106 
DG  N1    H1     sing N N 107 
DG  C2    N2     sing N N 108 
DG  C2    N3     doub N N 109 
DG  N2    H21    sing N N 110 
DG  N2    H22    sing N N 111 
DG  N3    C4     sing N N 112 
DT  OP3   P      sing N N 113 
DT  OP3   HOP3   sing N N 114 
DT  P     OP1    doub N N 115 
DT  P     OP2    sing N N 116 
DT  P     "O5'"  sing N N 117 
DT  OP2   HOP2   sing N N 118 
DT  "O5'" "C5'"  sing N N 119 
DT  "C5'" "C4'"  sing N N 120 
DT  "C5'" "H5'"  sing N N 121 
DT  "C5'" "H5''" sing N N 122 
DT  "C4'" "O4'"  sing N N 123 
DT  "C4'" "C3'"  sing N N 124 
DT  "C4'" "H4'"  sing N N 125 
DT  "O4'" "C1'"  sing N N 126 
DT  "C3'" "O3'"  sing N N 127 
DT  "C3'" "C2'"  sing N N 128 
DT  "C3'" "H3'"  sing N N 129 
DT  "O3'" "HO3'" sing N N 130 
DT  "C2'" "C1'"  sing N N 131 
DT  "C2'" "H2'"  sing N N 132 
DT  "C2'" "H2''" sing N N 133 
DT  "C1'" N1     sing N N 134 
DT  "C1'" "H1'"  sing N N 135 
DT  N1    C2     sing N N 136 
DT  N1    C6     sing N N 137 
DT  C2    O2     doub N N 138 
DT  C2    N3     sing N N 139 
DT  N3    C4     sing N N 140 
DT  N3    H3     sing N N 141 
DT  C4    O4     doub N N 142 
DT  C4    C5     sing N N 143 
DT  C5    C7     sing N N 144 
DT  C5    C6     doub N N 145 
DT  C7    H71    sing N N 146 
DT  C7    H72    sing N N 147 
DT  C7    H73    sing N N 148 
DT  C6    H6     sing N N 149 
HOH O     H1     sing N N 150 
HOH O     H2     sing N N 151 
# 
_ndb_struct_conf_na.entry_id   3GGK 
_ndb_struct_conf_na.feature    'b-form double helix' 
# 
loop_
_ndb_struct_na_base_pair.model_number 
_ndb_struct_na_base_pair.i_label_asym_id 
_ndb_struct_na_base_pair.i_label_comp_id 
_ndb_struct_na_base_pair.i_label_seq_id 
_ndb_struct_na_base_pair.i_symmetry 
_ndb_struct_na_base_pair.j_label_asym_id 
_ndb_struct_na_base_pair.j_label_comp_id 
_ndb_struct_na_base_pair.j_label_seq_id 
_ndb_struct_na_base_pair.j_symmetry 
_ndb_struct_na_base_pair.shear 
_ndb_struct_na_base_pair.stretch 
_ndb_struct_na_base_pair.stagger 
_ndb_struct_na_base_pair.buckle 
_ndb_struct_na_base_pair.propeller 
_ndb_struct_na_base_pair.opening 
_ndb_struct_na_base_pair.pair_number 
_ndb_struct_na_base_pair.pair_name 
_ndb_struct_na_base_pair.i_auth_asym_id 
_ndb_struct_na_base_pair.i_auth_seq_id 
_ndb_struct_na_base_pair.i_PDB_ins_code 
_ndb_struct_na_base_pair.j_auth_asym_id 
_ndb_struct_na_base_pair.j_auth_seq_id 
_ndb_struct_na_base_pair.j_PDB_ins_code 
_ndb_struct_na_base_pair.hbond_type_28 
_ndb_struct_na_base_pair.hbond_type_12 
1 A DC 1  1_555 A DG 10 2_555 0.190  -0.123 0.206 -8.809  -12.053 0.242  1  A_DC1:DG10_A A 1  ? A 10 ? 19 1 
1 A DC 2  1_555 A DG 9  2_555 0.242  -0.163 0.010 -0.924  -7.531  -1.818 2  A_DC2:DG9_A  A 2  ? A 9  ? 19 1 
1 A DA 3  1_555 A DT 8  2_555 0.039  -0.145 0.069 2.972   -6.749  1.155  3  A_DA3:DT8_A  A 3  ? A 8  ? 20 1 
1 A DG 4  1_555 A DC 7  2_555 -0.133 -0.103 0.400 14.172  -6.295  -1.324 4  A_DG4:DC7_A  A 4  ? A 7  ? 19 1 
1 A DG 5  1_555 A DC 6  2_555 -0.184 -0.126 0.222 10.177  -12.174 -1.063 5  A_DG5:DC6_A  A 5  ? A 6  ? 19 1 
1 A DC 6  1_555 A DG 5  2_555 0.184  -0.126 0.222 -10.177 -12.174 -1.063 6  A_DC6:DG5_A  A 6  ? A 5  ? 19 1 
1 A DC 7  1_555 A DG 4  2_555 0.133  -0.103 0.400 -14.172 -6.295  -1.325 7  A_DC7:DG4_A  A 7  ? A 4  ? 19 1 
1 A DT 8  1_555 A DA 3  2_555 -0.039 -0.145 0.069 -2.972  -6.749  1.155  8  A_DT8:DA3_A  A 8  ? A 3  ? 20 1 
1 A DG 9  1_555 A DC 2  2_555 -0.242 -0.163 0.010 0.924   -7.531  -1.818 9  A_DG9:DC2_A  A 9  ? A 2  ? 19 1 
1 A DG 10 1_555 A DC 1  2_555 -0.190 -0.123 0.206 8.809   -12.053 0.242  10 A_DG10:DC1_A A 10 ? A 1  ? 19 1 
# 
loop_
_ndb_struct_na_base_pair_step.model_number 
_ndb_struct_na_base_pair_step.i_label_asym_id_1 
_ndb_struct_na_base_pair_step.i_label_comp_id_1 
_ndb_struct_na_base_pair_step.i_label_seq_id_1 
_ndb_struct_na_base_pair_step.i_symmetry_1 
_ndb_struct_na_base_pair_step.j_label_asym_id_1 
_ndb_struct_na_base_pair_step.j_label_comp_id_1 
_ndb_struct_na_base_pair_step.j_label_seq_id_1 
_ndb_struct_na_base_pair_step.j_symmetry_1 
_ndb_struct_na_base_pair_step.i_label_asym_id_2 
_ndb_struct_na_base_pair_step.i_label_comp_id_2 
_ndb_struct_na_base_pair_step.i_label_seq_id_2 
_ndb_struct_na_base_pair_step.i_symmetry_2 
_ndb_struct_na_base_pair_step.j_label_asym_id_2 
_ndb_struct_na_base_pair_step.j_label_comp_id_2 
_ndb_struct_na_base_pair_step.j_label_seq_id_2 
_ndb_struct_na_base_pair_step.j_symmetry_2 
_ndb_struct_na_base_pair_step.shift 
_ndb_struct_na_base_pair_step.slide 
_ndb_struct_na_base_pair_step.rise 
_ndb_struct_na_base_pair_step.tilt 
_ndb_struct_na_base_pair_step.roll 
_ndb_struct_na_base_pair_step.twist 
_ndb_struct_na_base_pair_step.x_displacement 
_ndb_struct_na_base_pair_step.y_displacement 
_ndb_struct_na_base_pair_step.helical_rise 
_ndb_struct_na_base_pair_step.inclination 
_ndb_struct_na_base_pair_step.tip 
_ndb_struct_na_base_pair_step.helical_twist 
_ndb_struct_na_base_pair_step.step_number 
_ndb_struct_na_base_pair_step.step_name 
_ndb_struct_na_base_pair_step.i_auth_asym_id_1 
_ndb_struct_na_base_pair_step.i_auth_seq_id_1 
_ndb_struct_na_base_pair_step.i_PDB_ins_code_1 
_ndb_struct_na_base_pair_step.j_auth_asym_id_1 
_ndb_struct_na_base_pair_step.j_auth_seq_id_1 
_ndb_struct_na_base_pair_step.j_PDB_ins_code_1 
_ndb_struct_na_base_pair_step.i_auth_asym_id_2 
_ndb_struct_na_base_pair_step.i_auth_seq_id_2 
_ndb_struct_na_base_pair_step.i_PDB_ins_code_2 
_ndb_struct_na_base_pair_step.j_auth_asym_id_2 
_ndb_struct_na_base_pair_step.j_auth_seq_id_2 
_ndb_struct_na_base_pair_step.j_PDB_ins_code_2 
1 A DC 1 1_555 A DG 10 2_555 A DC 2  1_555 A DG 9 2_555 -0.196 0.623  3.167 3.781  6.321  27.440 -0.166 1.259  3.173 13.030 -7.794 
28.393 1 AA_DC1DC2:DG9DG10_AA A 1 ? A 10 ? A 2  ? A 9 ? 
1 A DC 2 1_555 A DG 9  2_555 A DA 3  1_555 A DT 8 2_555 0.188  2.767  3.196 0.476  -6.085 50.367 3.629  -0.188 2.867 -7.120 -0.557 
50.712 2 AA_DC2DA3:DT8DG9_AA  A 2 ? A 9  ? A 3  ? A 8 ? 
1 A DA 3 1_555 A DT 8  2_555 A DG 4  1_555 A DC 7 2_555 0.579  0.659  3.103 -4.034 7.049  20.562 -0.880 -3.000 2.994 18.828 10.773 
22.091 3 AA_DA3DG4:DC7DT8_AA  A 3 ? A 8  ? A 4  ? A 7 ? 
1 A DG 4 1_555 A DC 7  2_555 A DG 5  1_555 A DC 6 2_555 -0.745 0.417  3.480 -2.086 1.533  36.382 0.438  0.881  3.530 2.452  3.336 
36.471 4 AA_DG4DG5:DC6DC7_AA  A 4 ? A 7  ? A 5  ? A 6 ? 
1 A DG 5 1_555 A DC 6  2_555 A DC 6  1_555 A DG 5 2_555 0.000  -0.362 3.740 0.000  -4.721 46.498 -0.004 0.000  3.757 -5.961 0.000 
46.724 5 AA_DG5DC6:DG5DC6_AA  A 5 ? A 6  ? A 6  ? A 5 ? 
1 A DC 6 1_555 A DG 5  2_555 A DC 7  1_555 A DG 4 2_555 0.745  0.417  3.480 2.086  1.533  36.382 0.438  -0.881 3.530 2.452  -3.336 
36.471 6 AA_DC6DC7:DG4DG5_AA  A 6 ? A 5  ? A 7  ? A 4 ? 
1 A DC 7 1_555 A DG 4  2_555 A DT 8  1_555 A DA 3 2_555 -0.579 0.659  3.103 4.034  7.049  20.562 -0.880 3.000  2.994 18.828 
-10.773 22.091 7 AA_DC7DT8:DA3DG4_AA  A 7 ? A 4  ? A 8  ? A 3 ? 
1 A DT 8 1_555 A DA 3  2_555 A DG 9  1_555 A DC 2 2_555 -0.188 2.767  3.196 -0.476 -6.085 50.367 3.629  0.188  2.867 -7.120 0.557 
50.712 8 AA_DT8DG9:DC2DA3_AA  A 8 ? A 3  ? A 9  ? A 2 ? 
1 A DG 9 1_555 A DC 2  2_555 A DG 10 1_555 A DC 1 2_555 0.196  0.623  3.167 -3.781 6.321  27.440 -0.166 -1.259 3.173 13.030 7.794 
28.393 9 AA_DG9DG10:DC1DC2_AA A 9 ? A 2  ? A 10 ? A 1 ? 
# 
loop_
_pdbx_entity_nonpoly.entity_id 
_pdbx_entity_nonpoly.name 
_pdbx_entity_nonpoly.comp_id 
2 'MAGNESIUM ION' MG  
3 'RUBIDIUM ION'  RB  
4 water           HOH 
# 
_pdbx_initial_refinement_model.id               1 
_pdbx_initial_refinement_model.entity_id_list   ? 
_pdbx_initial_refinement_model.type             'experimental model' 
_pdbx_initial_refinement_model.source_name      PDB 
_pdbx_initial_refinement_model.accession_code   1BD1 
_pdbx_initial_refinement_model.details          'DNA coordinates from PDB Entry 1bd1 (Heinemann and Alings)' 
# 
